data_2PS2
#
_entry.id   2PS2
#
_cell.length_a   94.865
_cell.length_b   94.865
_cell.length_c   330.673
_cell.angle_alpha   90.00
_cell.angle_beta   90.00
_cell.angle_gamma   90.00
#
_symmetry.space_group_name_H-M   'P 43 21 2'
#
loop_
_entity.id
_entity.type
_entity.pdbx_description
1 polymer 'Putative mandelate racemase/muconate lactonizing enzyme'
2 non-polymer 'MAGNESIUM ION'
3 water water
#
_entity_poly.entity_id   1
_entity_poly.type   'polypeptide(L)'
_entity_poly.pdbx_seq_one_letter_code
;MSDLKIARIDVFQVDLPYSGGVYYLSAGREYRSFDATIVRITTDTGIEGWGESTPFGSNYIASHPRGVRAGIATMAPSLI
GLDPRRVDRINDAMDDALLGHEDAKTAIDVACWDIFGKSVGLPVCELLGGRTNTRLPLISSIYVGEPEDMRARVAKYRAK
GYKGQSVKISGEPVTDAKRITAALANQQPDEFFIVDANGKLSVETALRLLRLLPHGLDFALEAPCATWRECISLRRKTDI
PIIYDELATNEMSIVKILADDAAEGIDLKISKAGGLTRGRRQRDICLAAGYSVSVQETCGSDIAFAAIVHLAQTIPERSL
RCILECRDMVTVKTADGAFDIQDGFATAPTTPGLGIMPRLDVLGEAVASYF
;
_entity_poly.pdbx_strand_id   A,B,C,D
#
loop_
_chem_comp.id
_chem_comp.type
_chem_comp.name
_chem_comp.formula
MG non-polymer 'MAGNESIUM ION' 'Mg 2'
#
# COMPACT_ATOMS: atom_id res chain seq x y z
N ASP A 3 -17.83 9.80 55.33
CA ASP A 3 -16.88 10.34 56.34
C ASP A 3 -16.38 11.73 55.92
N LEU A 4 -16.35 11.97 54.61
CA LEU A 4 -15.93 13.26 54.07
C LEU A 4 -16.71 13.45 52.77
N LYS A 5 -17.41 14.56 52.64
CA LYS A 5 -18.21 14.81 51.45
C LYS A 5 -18.10 16.22 50.91
N ILE A 6 -18.31 16.38 49.61
CA ILE A 6 -18.27 17.69 48.98
C ILE A 6 -19.61 18.35 49.32
N ALA A 7 -19.56 19.49 49.98
CA ALA A 7 -20.78 20.18 50.36
C ALA A 7 -21.07 21.36 49.45
N ARG A 8 -20.03 21.96 48.89
CA ARG A 8 -20.23 23.13 48.05
C ARG A 8 -19.11 23.31 47.04
N ILE A 9 -19.47 23.82 45.87
CA ILE A 9 -18.50 24.08 44.82
C ILE A 9 -18.75 25.51 44.34
N ASP A 10 -17.81 26.41 44.64
CA ASP A 10 -17.93 27.81 44.24
C ASP A 10 -16.96 28.16 43.12
N VAL A 11 -17.45 28.93 42.16
CA VAL A 11 -16.63 29.33 41.01
C VAL A 11 -16.34 30.82 41.01
N PHE A 12 -15.07 31.16 40.84
CA PHE A 12 -14.64 32.56 40.79
C PHE A 12 -14.02 32.85 39.43
N GLN A 13 -14.08 34.11 39.01
CA GLN A 13 -13.51 34.54 37.74
C GLN A 13 -12.53 35.67 38.00
N VAL A 14 -11.34 35.56 37.42
CA VAL A 14 -10.33 36.59 37.62
C VAL A 14 -9.64 36.97 36.32
N ASP A 15 -9.58 38.26 36.04
CA ASP A 15 -8.90 38.72 34.83
C ASP A 15 -7.41 38.75 35.15
N LEU A 16 -6.62 38.10 34.32
CA LEU A 16 -5.18 38.05 34.53
C LEU A 16 -4.45 38.75 33.38
N PRO A 17 -3.98 39.99 33.62
CA PRO A 17 -3.28 40.73 32.57
C PRO A 17 -2.02 40.01 32.10
N TYR A 18 -1.78 40.07 30.80
CA TYR A 18 -0.61 39.43 30.19
C TYR A 18 0.63 40.25 30.54
N SER A 19 1.64 39.59 31.10
CA SER A 19 2.87 40.27 31.49
C SER A 19 3.62 40.77 30.26
N GLY A 20 3.29 40.21 29.10
CA GLY A 20 3.96 40.61 27.87
C GLY A 20 3.22 41.74 27.16
N GLY A 21 2.28 42.35 27.86
CA GLY A 21 1.51 43.44 27.29
C GLY A 21 0.42 42.92 26.37
N VAL A 22 0.79 42.62 25.13
CA VAL A 22 -0.17 42.11 24.16
C VAL A 22 0.45 40.94 23.39
N TYR A 23 -0.30 39.84 23.34
CA TYR A 23 0.16 38.65 22.62
C TYR A 23 -0.45 38.68 21.22
N TYR A 24 0.42 38.64 20.21
CA TYR A 24 -0.05 38.68 18.82
C TYR A 24 -0.07 37.29 18.19
N LEU A 25 -1.22 36.93 17.63
CA LEU A 25 -1.41 35.64 16.98
C LEU A 25 -0.82 34.50 17.81
N SER A 33 -5.40 40.21 28.20
CA SER A 33 -5.39 39.49 29.48
C SER A 33 -6.09 38.13 29.35
N PHE A 34 -5.86 37.27 30.33
CA PHE A 34 -6.46 35.94 30.32
C PHE A 34 -7.62 35.87 31.31
N ASP A 35 -8.63 35.08 30.95
CA ASP A 35 -9.82 34.90 31.76
C ASP A 35 -9.65 33.63 32.58
N ALA A 36 -9.31 33.79 33.86
CA ALA A 36 -9.09 32.65 34.74
C ALA A 36 -10.33 32.19 35.49
N THR A 37 -10.49 30.87 35.60
CA THR A 37 -11.60 30.28 36.34
C THR A 37 -10.97 29.56 37.52
N ILE A 38 -11.36 29.98 38.72
CA ILE A 38 -10.84 29.40 39.95
C ILE A 38 -11.99 28.78 40.75
N VAL A 39 -11.78 27.55 41.21
CA VAL A 39 -12.80 26.83 41.96
C VAL A 39 -12.41 26.51 43.38
N ARG A 40 -13.35 26.72 44.31
CA ARG A 40 -13.12 26.39 45.70
C ARG A 40 -14.14 25.34 46.08
N ILE A 41 -13.66 24.22 46.60
CA ILE A 41 -14.55 23.16 47.03
C ILE A 41 -14.47 23.12 48.56
N THR A 42 -15.63 23.11 49.21
CA THR A 42 -15.68 23.04 50.67
C THR A 42 -16.34 21.73 51.07
N THR A 43 -15.72 21.00 52.00
CA THR A 43 -16.29 19.73 52.42
C THR A 43 -17.34 20.01 53.48
N ASP A 44 -18.06 18.96 53.89
CA ASP A 44 -19.08 19.12 54.91
C ASP A 44 -18.40 19.41 56.24
N THR A 45 -17.13 19.04 56.36
CA THR A 45 -16.39 19.28 57.60
C THR A 45 -15.66 20.62 57.61
N GLY A 46 -15.81 21.40 56.54
CA GLY A 46 -15.17 22.71 56.49
C GLY A 46 -13.83 22.85 55.77
N ILE A 47 -13.26 21.74 55.29
CA ILE A 47 -11.98 21.82 54.59
C ILE A 47 -12.21 22.47 53.22
N GLU A 48 -11.32 23.39 52.85
CA GLU A 48 -11.45 24.06 51.56
C GLU A 48 -10.29 23.72 50.64
N GLY A 49 -10.59 23.45 49.38
CA GLY A 49 -9.57 23.12 48.41
C GLY A 49 -9.70 24.04 47.21
N TRP A 50 -8.60 24.33 46.54
CA TRP A 50 -8.64 25.22 45.39
C TRP A 50 -8.00 24.67 44.12
N GLY A 51 -8.54 25.08 42.98
CA GLY A 51 -8.02 24.64 41.69
C GLY A 51 -8.27 25.71 40.64
N GLU A 52 -7.52 25.66 39.53
CA GLU A 52 -7.67 26.67 38.48
C GLU A 52 -7.62 26.09 37.08
N SER A 53 -8.26 26.77 36.14
CA SER A 53 -8.25 26.40 34.74
C SER A 53 -8.32 27.70 33.95
N THR A 54 -7.22 28.03 33.28
CA THR A 54 -7.12 29.25 32.52
C THR A 54 -6.61 29.00 31.11
N PRO A 55 -7.52 28.94 30.14
CA PRO A 55 -7.19 28.71 28.73
C PRO A 55 -6.31 29.80 28.14
N PHE A 56 -5.48 29.42 27.18
CA PHE A 56 -4.62 30.37 26.50
C PHE A 56 -5.47 30.81 25.32
N GLY A 57 -6.44 31.69 25.58
CA GLY A 57 -7.32 32.14 24.52
C GLY A 57 -8.22 30.99 24.12
N SER A 58 -8.74 31.03 22.90
CA SER A 58 -9.61 29.96 22.42
C SER A 58 -9.10 29.41 21.08
N ASN A 59 -7.86 29.76 20.76
CA ASN A 59 -7.22 29.35 19.51
C ASN A 59 -6.13 28.29 19.69
N TYR A 60 -5.68 28.09 20.93
CA TYR A 60 -4.63 27.11 21.22
C TYR A 60 -5.14 25.68 20.99
N ILE A 61 -6.18 25.32 21.73
CA ILE A 61 -6.80 24.01 21.63
C ILE A 61 -8.30 24.27 21.74
N ALA A 62 -9.10 23.22 21.64
CA ALA A 62 -10.55 23.35 21.72
C ALA A 62 -10.96 23.69 23.16
N SER A 63 -10.66 24.90 23.59
CA SER A 63 -10.95 25.34 24.94
C SER A 63 -11.08 26.86 25.01
N HIS A 64 -12.03 27.33 25.81
CA HIS A 64 -12.22 28.77 25.99
C HIS A 64 -12.81 29.01 27.38
N PRO A 65 -12.53 30.19 27.97
CA PRO A 65 -13.02 30.56 29.30
C PRO A 65 -14.49 30.25 29.56
N ARG A 66 -15.36 30.73 28.67
CA ARG A 66 -16.80 30.49 28.82
C ARG A 66 -17.10 29.01 28.83
N GLY A 67 -16.32 28.25 28.05
CA GLY A 67 -16.50 26.81 27.97
C GLY A 67 -16.12 26.11 29.26
N VAL A 68 -15.08 26.59 29.91
CA VAL A 68 -14.63 26.00 31.17
C VAL A 68 -15.74 26.13 32.21
N ARG A 69 -16.28 27.33 32.36
CA ARG A 69 -17.33 27.55 33.35
C ARG A 69 -18.64 26.84 33.00
N ALA A 70 -18.96 26.76 31.71
CA ALA A 70 -20.18 26.09 31.28
C ALA A 70 -20.06 24.60 31.61
N GLY A 71 -18.87 24.05 31.41
CA GLY A 71 -18.63 22.64 31.69
C GLY A 71 -18.77 22.35 33.18
N ILE A 72 -18.29 23.28 34.00
CA ILE A 72 -18.39 23.12 35.44
C ILE A 72 -19.87 23.15 35.85
N ALA A 73 -20.65 24.05 35.24
CA ALA A 73 -22.07 24.15 35.56
C ALA A 73 -22.80 22.83 35.29
N THR A 74 -22.43 22.15 34.22
CA THR A 74 -23.07 20.89 33.87
C THR A 74 -22.67 19.75 34.79
N MET A 75 -21.42 19.74 35.25
CA MET A 75 -20.90 18.66 36.10
C MET A 75 -21.10 18.82 37.61
N ALA A 76 -20.83 20.02 38.13
CA ALA A 76 -20.91 20.30 39.56
C ALA A 76 -22.04 19.66 40.37
N PRO A 77 -23.29 19.84 39.93
CA PRO A 77 -24.40 19.24 40.69
C PRO A 77 -24.21 17.76 41.02
N SER A 78 -23.72 16.99 40.04
CA SER A 78 -23.50 15.55 40.22
C SER A 78 -22.39 15.18 41.20
N LEU A 79 -21.56 16.16 41.57
CA LEU A 79 -20.45 15.89 42.49
C LEU A 79 -20.75 16.11 43.96
N ILE A 80 -21.79 16.90 44.25
CA ILE A 80 -22.17 17.16 45.64
C ILE A 80 -22.42 15.86 46.37
N GLY A 81 -21.82 15.70 47.55
CA GLY A 81 -22.01 14.49 48.33
C GLY A 81 -20.95 13.42 48.15
N LEU A 82 -20.07 13.58 47.16
CA LEU A 82 -19.02 12.60 46.92
C LEU A 82 -17.79 12.90 47.80
N ASP A 83 -16.98 11.87 48.04
CA ASP A 83 -15.77 11.99 48.84
C ASP A 83 -14.66 12.54 47.94
N PRO A 84 -14.22 13.78 48.20
CA PRO A 84 -13.16 14.40 47.39
C PRO A 84 -11.82 13.68 47.43
N ARG A 85 -11.60 12.86 48.45
CA ARG A 85 -10.34 12.12 48.59
C ARG A 85 -10.22 11.00 47.57
N ARG A 86 -11.36 10.50 47.10
CA ARG A 86 -11.39 9.41 46.12
C ARG A 86 -11.23 10.04 44.74
N VAL A 87 -10.06 10.64 44.50
CA VAL A 87 -9.80 11.34 43.25
C VAL A 87 -10.14 10.62 41.95
N ASP A 88 -9.83 9.33 41.87
CA ASP A 88 -10.14 8.61 40.63
C ASP A 88 -11.63 8.42 40.45
N ARG A 89 -12.34 8.18 41.57
CA ARG A 89 -13.78 8.02 41.52
C ARG A 89 -14.43 9.37 41.18
N ILE A 90 -13.84 10.46 41.66
CA ILE A 90 -14.36 11.80 41.35
C ILE A 90 -14.26 12.02 39.85
N ASN A 91 -13.14 11.63 39.27
CA ASN A 91 -12.95 11.79 37.84
C ASN A 91 -13.92 10.89 37.07
N ASP A 92 -14.17 9.69 37.58
CA ASP A 92 -15.11 8.79 36.91
C ASP A 92 -16.48 9.48 36.90
N ALA A 93 -16.83 10.12 38.00
CA ALA A 93 -18.11 10.81 38.13
C ALA A 93 -18.18 11.99 37.15
N MET A 94 -17.09 12.74 37.02
CA MET A 94 -17.10 13.86 36.08
C MET A 94 -17.28 13.31 34.66
N ASP A 95 -16.61 12.20 34.35
CA ASP A 95 -16.73 11.60 33.03
C ASP A 95 -18.17 11.13 32.77
N ASP A 96 -18.85 10.65 33.81
CA ASP A 96 -20.22 10.17 33.62
C ASP A 96 -21.18 11.32 33.34
N ALA A 97 -20.83 12.51 33.80
CA ALA A 97 -21.66 13.69 33.60
C ALA A 97 -21.36 14.46 32.32
N LEU A 98 -20.13 14.36 31.83
CA LEU A 98 -19.72 15.08 30.61
C LEU A 98 -18.45 14.50 29.99
N LEU A 99 -18.52 14.15 28.71
CA LEU A 99 -17.37 13.58 28.01
C LEU A 99 -16.38 14.68 27.62
N GLY A 100 -15.09 14.36 27.64
CA GLY A 100 -14.08 15.34 27.28
C GLY A 100 -14.02 16.50 28.27
N HIS A 101 -13.89 17.72 27.74
CA HIS A 101 -13.83 18.91 28.59
C HIS A 101 -12.84 18.80 29.74
N GLU A 102 -11.63 18.35 29.42
CA GLU A 102 -10.59 18.22 30.45
C GLU A 102 -10.39 19.59 31.12
N ASP A 103 -10.49 20.65 30.33
CA ASP A 103 -10.31 21.99 30.85
C ASP A 103 -11.31 22.36 31.94
N ALA A 104 -12.55 21.90 31.80
CA ALA A 104 -13.57 22.18 32.81
C ALA A 104 -13.41 21.28 34.04
N LYS A 105 -12.90 20.07 33.83
CA LYS A 105 -12.72 19.13 34.93
C LYS A 105 -11.51 19.46 35.81
N THR A 106 -10.50 20.08 35.21
CA THR A 106 -9.27 20.40 35.91
C THR A 106 -9.37 21.10 37.27
N ALA A 107 -9.99 22.27 37.30
CA ALA A 107 -10.10 23.03 38.55
C ALA A 107 -10.75 22.24 39.69
N ILE A 108 -11.74 21.42 39.34
CA ILE A 108 -12.42 20.62 40.35
C ILE A 108 -11.48 19.53 40.86
N ASP A 109 -10.81 18.83 39.95
CA ASP A 109 -9.89 17.78 40.37
C ASP A 109 -8.78 18.33 41.27
N VAL A 110 -8.15 19.43 40.83
CA VAL A 110 -7.07 20.01 41.61
C VAL A 110 -7.51 20.40 43.03
N ALA A 111 -8.71 20.96 43.13
CA ALA A 111 -9.25 21.35 44.43
C ALA A 111 -9.44 20.13 45.34
N CYS A 112 -9.84 19.00 44.76
CA CYS A 112 -10.02 17.78 45.55
C CYS A 112 -8.66 17.34 46.09
N TRP A 113 -7.62 17.46 45.28
CA TRP A 113 -6.29 17.07 45.74
C TRP A 113 -5.85 17.98 46.90
N ASP A 114 -6.20 19.26 46.80
CA ASP A 114 -5.85 20.23 47.84
C ASP A 114 -6.50 19.76 49.14
N ILE A 115 -7.80 19.46 49.07
CA ILE A 115 -8.54 18.96 50.22
C ILE A 115 -7.93 17.66 50.73
N PHE A 116 -7.65 16.75 49.81
CA PHE A 116 -7.06 15.45 50.13
C PHE A 116 -5.78 15.63 50.97
N GLY A 117 -4.86 16.45 50.47
CA GLY A 117 -3.62 16.68 51.20
C GLY A 117 -3.84 17.31 52.57
N LYS A 118 -4.77 18.25 52.65
CA LYS A 118 -5.06 18.91 53.91
C LYS A 118 -5.67 17.92 54.91
N SER A 119 -6.52 17.03 54.42
CA SER A 119 -7.18 16.06 55.28
C SER A 119 -6.24 15.07 55.96
N VAL A 120 -5.10 14.78 55.33
CA VAL A 120 -4.14 13.85 55.93
C VAL A 120 -2.86 14.58 56.34
N GLY A 121 -2.87 15.90 56.17
CA GLY A 121 -1.71 16.70 56.54
C GLY A 121 -0.45 16.45 55.74
N LEU A 122 -0.61 16.22 54.44
CA LEU A 122 0.54 15.97 53.57
C LEU A 122 0.51 16.81 52.30
N PRO A 123 1.69 17.17 51.77
CA PRO A 123 1.73 17.97 50.53
C PRO A 123 1.22 17.06 49.43
N VAL A 124 0.61 17.64 48.40
CA VAL A 124 0.07 16.86 47.29
C VAL A 124 1.12 15.95 46.64
N CYS A 125 2.33 16.45 46.43
CA CYS A 125 3.35 15.62 45.81
C CYS A 125 3.63 14.34 46.59
N GLU A 126 3.44 14.36 47.90
CA GLU A 126 3.68 13.16 48.70
C GLU A 126 2.55 12.16 48.50
N LEU A 127 1.35 12.65 48.20
CA LEU A 127 0.21 11.77 47.97
C LEU A 127 0.20 11.29 46.51
N LEU A 128 1.06 11.88 45.70
CA LEU A 128 1.16 11.49 44.29
C LEU A 128 2.29 10.49 44.05
N GLY A 129 2.79 9.88 45.13
CA GLY A 129 3.85 8.90 44.98
C GLY A 129 5.11 9.22 45.77
N GLY A 130 5.23 10.46 46.21
CA GLY A 130 6.40 10.85 46.97
C GLY A 130 7.29 11.82 46.20
N ARG A 131 7.80 12.84 46.89
CA ARG A 131 8.65 13.82 46.24
C ARG A 131 10.05 13.32 45.92
N THR A 132 10.58 13.77 44.80
CA THR A 132 11.94 13.41 44.39
C THR A 132 12.85 14.34 45.17
N ASN A 133 14.14 14.05 45.18
CA ASN A 133 15.11 14.87 45.91
C ASN A 133 15.83 15.86 45.01
N THR A 134 15.29 16.09 43.81
CA THR A 134 15.92 17.02 42.89
C THR A 134 15.07 18.25 42.60
N ARG A 135 15.73 19.33 42.20
CA ARG A 135 15.03 20.57 41.90
C ARG A 135 14.33 20.53 40.54
N LEU A 136 13.39 21.44 40.34
CA LEU A 136 12.62 21.51 39.11
C LEU A 136 13.09 22.67 38.24
N PRO A 137 13.65 22.38 37.06
CA PRO A 137 14.13 23.44 36.17
C PRO A 137 12.99 24.19 35.48
N LEU A 138 13.05 25.51 35.50
CA LEU A 138 12.03 26.33 34.84
C LEU A 138 12.41 26.47 33.37
N ILE A 139 11.40 26.65 32.52
CA ILE A 139 11.66 26.78 31.10
C ILE A 139 11.30 28.19 30.63
N SER A 140 12.10 28.71 29.70
CA SER A 140 11.86 30.04 29.17
C SER A 140 10.88 29.97 28.00
N SER A 141 10.32 31.12 27.64
CA SER A 141 9.40 31.21 26.51
C SER A 141 9.97 32.26 25.58
N ILE A 142 10.46 31.82 24.43
CA ILE A 142 11.05 32.75 23.47
C ILE A 142 10.07 32.99 22.33
N TYR A 143 9.28 34.06 22.45
CA TYR A 143 8.30 34.39 21.43
C TYR A 143 8.97 34.69 20.09
N VAL A 144 8.22 34.50 19.01
CA VAL A 144 8.74 34.74 17.67
C VAL A 144 9.16 36.18 17.45
N GLY A 145 10.31 36.35 16.81
CA GLY A 145 10.83 37.67 16.51
C GLY A 145 11.99 37.52 15.54
N GLU A 146 12.71 38.60 15.26
CA GLU A 146 13.85 38.52 14.35
C GLU A 146 14.87 37.57 14.99
N PRO A 147 15.64 36.85 14.17
CA PRO A 147 16.66 35.91 14.65
C PRO A 147 17.54 36.43 15.79
N GLU A 148 18.14 37.61 15.59
CA GLU A 148 19.01 38.19 16.61
C GLU A 148 18.28 38.55 17.89
N ASP A 149 17.04 38.99 17.76
CA ASP A 149 16.24 39.34 18.93
C ASP A 149 16.00 38.07 19.74
N MET A 150 15.63 37.00 19.05
CA MET A 150 15.38 35.72 19.70
C MET A 150 16.65 35.22 20.40
N ARG A 151 17.79 35.32 19.72
CA ARG A 151 19.07 34.88 20.27
C ARG A 151 19.41 35.69 21.53
N ALA A 152 19.14 37.00 21.49
CA ALA A 152 19.42 37.86 22.63
C ALA A 152 18.55 37.48 23.84
N ARG A 153 17.28 37.21 23.59
CA ARG A 153 16.37 36.84 24.67
C ARG A 153 16.75 35.49 25.28
N VAL A 154 17.23 34.58 24.45
CA VAL A 154 17.67 33.27 24.94
C VAL A 154 18.85 33.53 25.86
N ALA A 155 19.73 34.43 25.46
CA ALA A 155 20.90 34.77 26.25
C ALA A 155 20.52 35.36 27.60
N LYS A 156 19.47 36.18 27.59
CA LYS A 156 18.99 36.82 28.82
C LYS A 156 18.57 35.78 29.84
N TYR A 157 17.86 34.76 29.38
CA TYR A 157 17.39 33.69 30.25
C TYR A 157 18.55 32.82 30.73
N ARG A 158 19.51 32.56 29.84
CA ARG A 158 20.67 31.75 30.21
C ARG A 158 21.38 32.47 31.35
N ALA A 159 21.46 33.78 31.24
CA ALA A 159 22.12 34.61 32.24
C ALA A 159 21.34 34.66 33.56
N LYS A 160 20.12 34.10 33.55
CA LYS A 160 19.30 34.07 34.76
C LYS A 160 19.30 32.67 35.37
N GLY A 161 20.05 31.76 34.75
CA GLY A 161 20.14 30.41 35.27
C GLY A 161 19.18 29.39 34.67
N TYR A 162 18.41 29.77 33.66
CA TYR A 162 17.48 28.82 33.05
C TYR A 162 18.23 27.76 32.25
N LYS A 163 17.80 26.51 32.37
CA LYS A 163 18.44 25.40 31.68
C LYS A 163 17.51 24.77 30.64
N GLY A 164 16.34 25.36 30.48
CA GLY A 164 15.37 24.88 29.52
C GLY A 164 14.88 26.07 28.72
N GLN A 165 14.77 25.92 27.41
CA GLN A 165 14.31 27.02 26.57
C GLN A 165 13.34 26.53 25.52
N SER A 166 12.23 27.26 25.36
CA SER A 166 11.23 26.91 24.36
C SER A 166 11.22 28.00 23.30
N VAL A 167 11.69 27.66 22.11
CA VAL A 167 11.76 28.59 20.99
C VAL A 167 10.56 28.47 20.07
N LYS A 168 9.76 29.52 19.98
CA LYS A 168 8.58 29.50 19.14
C LYS A 168 8.92 29.90 17.71
N ILE A 169 8.18 29.33 16.74
CA ILE A 169 8.39 29.66 15.34
C ILE A 169 7.05 30.02 14.71
N SER A 170 7.10 30.73 13.58
CA SER A 170 5.89 31.18 12.90
C SER A 170 5.21 30.21 11.94
N GLY A 171 6.00 29.40 11.25
CA GLY A 171 5.43 28.47 10.28
C GLY A 171 5.95 28.79 8.89
N GLU A 172 6.78 29.82 8.80
CA GLU A 172 7.39 30.22 7.54
C GLU A 172 8.79 29.61 7.65
N PRO A 173 9.01 28.47 6.98
CA PRO A 173 10.26 27.70 6.97
C PRO A 173 11.60 28.38 6.75
N VAL A 174 11.70 29.28 5.78
CA VAL A 174 12.97 29.94 5.53
C VAL A 174 13.42 30.82 6.69
N THR A 175 12.53 31.69 7.15
CA THR A 175 12.87 32.58 8.26
C THR A 175 12.95 31.78 9.56
N ASP A 176 12.07 30.80 9.73
CA ASP A 176 12.10 29.98 10.93
C ASP A 176 13.47 29.29 11.08
N ALA A 177 14.03 28.83 9.97
CA ALA A 177 15.34 28.17 10.00
C ALA A 177 16.40 29.13 10.54
N LYS A 178 16.35 30.38 10.09
CA LYS A 178 17.33 31.36 10.56
C LYS A 178 17.08 31.65 12.04
N ARG A 179 15.81 31.65 12.44
CA ARG A 179 15.45 31.91 13.83
C ARG A 179 15.99 30.83 14.76
N ILE A 180 15.83 29.58 14.37
CA ILE A 180 16.31 28.46 15.17
C ILE A 180 17.83 28.46 15.23
N THR A 181 18.46 28.72 14.09
CA THR A 181 19.92 28.74 14.01
C THR A 181 20.48 29.79 14.97
N ALA A 182 19.88 30.98 14.98
CA ALA A 182 20.34 32.06 15.84
C ALA A 182 20.00 31.82 17.30
N ALA A 183 18.75 31.40 17.56
CA ALA A 183 18.30 31.13 18.91
C ALA A 183 19.17 30.11 19.63
N LEU A 184 19.68 29.13 18.90
CA LEU A 184 20.51 28.08 19.48
C LEU A 184 22.01 28.32 19.29
N ALA A 185 22.35 29.46 18.71
CA ALA A 185 23.74 29.82 18.43
C ALA A 185 24.75 29.43 19.52
N ASN A 186 24.47 29.74 20.77
CA ASN A 186 25.44 29.39 21.82
C ASN A 186 24.89 28.42 22.86
N GLN A 187 24.01 27.52 22.44
CA GLN A 187 23.44 26.57 23.39
C GLN A 187 24.54 25.80 24.09
N GLN A 188 24.34 25.56 25.38
CA GLN A 188 25.33 24.87 26.21
C GLN A 188 25.00 23.40 26.49
N PRO A 189 25.99 22.61 26.94
CA PRO A 189 25.83 21.20 27.25
C PRO A 189 24.77 20.86 28.31
N ASP A 190 24.53 21.81 29.22
CA ASP A 190 23.56 21.60 30.29
C ASP A 190 22.18 22.17 30.00
N GLU A 191 21.90 22.49 28.73
CA GLU A 191 20.61 23.06 28.39
C GLU A 191 19.78 22.17 27.47
N PHE A 192 18.46 22.21 27.65
CA PHE A 192 17.53 21.44 26.84
C PHE A 192 16.73 22.43 26.02
N PHE A 193 16.78 22.29 24.70
CA PHE A 193 16.06 23.19 23.81
C PHE A 193 14.87 22.54 23.12
N ILE A 194 13.77 23.28 23.08
CA ILE A 194 12.55 22.85 22.41
C ILE A 194 12.19 23.89 21.36
N VAL A 195 11.82 23.44 20.17
CA VAL A 195 11.36 24.35 19.12
C VAL A 195 9.88 23.99 19.06
N ASP A 196 9.04 24.96 19.38
CA ASP A 196 7.59 24.73 19.43
C ASP A 196 6.88 25.38 18.25
N ALA A 197 6.30 24.55 17.39
CA ALA A 197 5.60 25.04 16.21
C ALA A 197 4.11 25.30 16.48
N ASN A 198 3.64 24.88 17.65
CA ASN A 198 2.25 25.06 18.02
C ASN A 198 1.28 24.61 16.93
N GLY A 199 1.61 23.49 16.30
CA GLY A 199 0.78 22.94 15.24
C GLY A 199 0.65 23.77 13.97
N LYS A 200 1.55 24.73 13.78
CA LYS A 200 1.48 25.62 12.61
C LYS A 200 2.14 25.14 11.32
N LEU A 201 2.83 24.01 11.37
CA LEU A 201 3.49 23.51 10.18
C LEU A 201 2.67 22.43 9.49
N SER A 202 2.63 22.48 8.16
CA SER A 202 1.95 21.42 7.41
C SER A 202 3.12 20.45 7.26
N VAL A 203 2.87 19.23 6.79
CA VAL A 203 3.98 18.29 6.62
C VAL A 203 4.98 18.89 5.63
N GLU A 204 4.46 19.51 4.59
CA GLU A 204 5.30 20.13 3.56
C GLU A 204 6.24 21.15 4.17
N THR A 205 5.68 22.06 4.97
CA THR A 205 6.47 23.10 5.59
C THR A 205 7.44 22.54 6.64
N ALA A 206 7.03 21.50 7.36
CA ALA A 206 7.90 20.90 8.36
C ALA A 206 9.12 20.28 7.69
N LEU A 207 8.87 19.57 6.58
CA LEU A 207 9.97 18.94 5.84
C LEU A 207 10.90 20.00 5.27
N ARG A 208 10.34 21.08 4.73
CA ARG A 208 11.17 22.14 4.17
C ARG A 208 12.03 22.76 5.27
N LEU A 209 11.45 22.99 6.43
CA LEU A 209 12.20 23.58 7.54
C LEU A 209 13.34 22.66 7.97
N LEU A 210 13.02 21.40 8.23
CA LEU A 210 14.03 20.44 8.67
C LEU A 210 15.17 20.29 7.66
N ARG A 211 14.85 20.34 6.38
CA ARG A 211 15.89 20.20 5.35
C ARG A 211 16.78 21.44 5.24
N LEU A 212 16.27 22.59 5.65
CA LEU A 212 17.00 23.85 5.61
C LEU A 212 17.95 24.07 6.77
N LEU A 213 17.70 23.40 7.89
CA LEU A 213 18.55 23.57 9.06
C LEU A 213 19.97 23.04 8.89
N PRO A 214 20.96 23.80 9.38
CA PRO A 214 22.35 23.37 9.28
C PRO A 214 22.59 22.31 10.35
N HIS A 215 23.64 21.51 10.17
CA HIS A 215 23.97 20.47 11.13
C HIS A 215 24.44 21.07 12.45
N GLY A 216 24.27 20.30 13.53
CA GLY A 216 24.72 20.74 14.84
C GLY A 216 23.73 21.38 15.79
N LEU A 217 22.48 21.53 15.38
CA LEU A 217 21.45 22.14 16.24
C LEU A 217 20.75 21.07 17.06
N ASP A 218 20.89 21.17 18.38
CA ASP A 218 20.31 20.19 19.29
C ASP A 218 19.00 20.65 19.92
N PHE A 219 17.89 20.02 19.52
CA PHE A 219 16.59 20.37 20.08
C PHE A 219 15.55 19.30 19.77
N ALA A 220 14.41 19.40 20.44
CA ALA A 220 13.31 18.48 20.23
C ALA A 220 12.21 19.34 19.59
N LEU A 221 11.50 18.78 18.62
CA LEU A 221 10.44 19.50 17.92
C LEU A 221 9.08 19.22 18.56
N GLU A 222 8.45 20.25 19.07
CA GLU A 222 7.16 20.11 19.73
C GLU A 222 5.98 20.56 18.87
N ALA A 223 4.91 19.76 18.87
CA ALA A 223 3.70 20.07 18.11
C ALA A 223 3.96 20.58 16.69
N PRO A 224 4.65 19.78 15.87
CA PRO A 224 4.93 20.22 14.51
C PRO A 224 3.71 20.53 13.64
N CYS A 225 2.73 19.61 13.64
CA CYS A 225 1.53 19.79 12.82
C CYS A 225 0.24 19.76 13.64
N ALA A 226 -0.83 20.30 13.03
CA ALA A 226 -2.12 20.42 13.68
C ALA A 226 -2.90 19.13 13.96
N THR A 227 -2.79 18.15 13.09
CA THR A 227 -3.52 16.90 13.26
C THR A 227 -2.66 15.67 13.48
N TRP A 228 -3.28 14.64 14.04
CA TRP A 228 -2.59 13.39 14.30
C TRP A 228 -2.03 12.81 13.00
N ARG A 229 -2.84 12.75 11.95
CA ARG A 229 -2.38 12.19 10.68
C ARG A 229 -1.14 12.88 10.15
N GLU A 230 -1.14 14.21 10.19
CA GLU A 230 0.02 14.97 9.70
C GLU A 230 1.27 14.67 10.55
N CYS A 231 1.12 14.63 11.86
CA CYS A 231 2.25 14.36 12.74
C CYS A 231 2.84 12.97 12.51
N ILE A 232 1.98 12.00 12.24
CA ILE A 232 2.44 10.63 11.98
C ILE A 232 3.16 10.66 10.63
N SER A 233 2.56 11.32 9.64
CA SER A 233 3.18 11.40 8.32
C SER A 233 4.57 11.98 8.41
N LEU A 234 4.72 13.04 9.21
CA LEU A 234 6.02 13.70 9.37
C LEU A 234 7.00 12.78 10.10
N ARG A 235 6.50 12.12 11.15
CA ARG A 235 7.31 11.19 11.95
C ARG A 235 8.02 10.16 11.08
N ARG A 236 7.34 9.71 10.03
CA ARG A 236 7.89 8.72 9.11
C ARG A 236 9.01 9.26 8.23
N LYS A 237 9.11 10.58 8.15
CA LYS A 237 10.12 11.20 7.30
C LYS A 237 11.18 12.03 8.01
N THR A 238 11.38 11.81 9.31
CA THR A 238 12.41 12.55 10.03
C THR A 238 12.89 11.76 11.23
N ASP A 239 14.10 12.07 11.70
CA ASP A 239 14.63 11.37 12.85
C ASP A 239 14.73 12.31 14.04
N ILE A 240 14.16 13.51 13.93
CA ILE A 240 14.20 14.49 15.01
C ILE A 240 13.23 14.08 16.13
N PRO A 241 13.61 14.30 17.40
CA PRO A 241 12.71 13.93 18.51
C PRO A 241 11.44 14.76 18.39
N ILE A 242 10.29 14.13 18.60
CA ILE A 242 9.02 14.84 18.50
C ILE A 242 8.30 14.78 19.84
N ILE A 243 7.78 15.93 20.27
CA ILE A 243 7.05 16.05 21.52
C ILE A 243 5.62 16.48 21.22
N TYR A 244 4.65 15.76 21.76
CA TYR A 244 3.24 16.11 21.55
C TYR A 244 2.79 17.08 22.65
N ASP A 245 2.07 18.12 22.26
CA ASP A 245 1.55 19.06 23.24
C ASP A 245 0.04 19.18 22.99
N GLU A 246 -0.34 20.00 22.01
CA GLU A 246 -1.76 20.18 21.72
C GLU A 246 -2.52 18.86 21.51
N LEU A 247 -1.86 17.90 20.87
CA LEU A 247 -2.48 16.60 20.60
C LEU A 247 -2.45 15.64 21.79
N ALA A 248 -1.67 15.98 22.80
CA ALA A 248 -1.59 15.17 24.01
C ALA A 248 -2.67 15.77 24.90
N THR A 249 -3.81 15.08 24.99
CA THR A 249 -4.92 15.57 25.81
C THR A 249 -5.11 14.69 27.04
N ASN A 250 -6.09 13.79 26.99
CA ASN A 250 -6.32 12.91 28.13
C ASN A 250 -5.45 11.65 28.05
N GLU A 251 -5.57 10.76 29.03
CA GLU A 251 -4.76 9.56 29.04
C GLU A 251 -5.01 8.63 27.86
N MET A 252 -6.20 8.68 27.27
CA MET A 252 -6.49 7.83 26.12
C MET A 252 -5.61 8.26 24.93
N SER A 253 -5.34 9.57 24.82
CA SER A 253 -4.50 10.05 23.73
C SER A 253 -3.05 9.63 23.94
N ILE A 254 -2.61 9.58 25.19
CA ILE A 254 -1.23 9.20 25.47
C ILE A 254 -1.00 7.74 25.06
N VAL A 255 -1.97 6.89 25.36
CA VAL A 255 -1.86 5.49 24.98
C VAL A 255 -1.83 5.38 23.46
N LYS A 256 -2.52 6.29 22.77
CA LYS A 256 -2.53 6.27 21.31
C LYS A 256 -1.16 6.65 20.77
N ILE A 257 -0.47 7.54 21.47
CA ILE A 257 0.87 7.94 21.04
C ILE A 257 1.77 6.70 21.04
N LEU A 258 1.66 5.92 22.11
CA LEU A 258 2.46 4.70 22.24
C LEU A 258 2.05 3.65 21.21
N ALA A 259 0.76 3.52 20.96
CA ALA A 259 0.29 2.55 19.99
C ALA A 259 0.82 2.91 18.60
N ASP A 260 0.96 4.20 18.33
CA ASP A 260 1.44 4.65 17.02
C ASP A 260 2.94 4.94 16.98
N ASP A 261 3.64 4.77 18.10
CA ASP A 261 5.08 5.07 18.16
C ASP A 261 5.24 6.46 17.53
N ALA A 262 4.37 7.36 17.93
CA ALA A 262 4.31 8.70 17.36
C ALA A 262 5.25 9.78 17.88
N ALA A 263 5.75 9.62 19.10
CA ALA A 263 6.63 10.65 19.69
C ALA A 263 7.58 10.11 20.75
N GLU A 264 8.44 10.99 21.25
CA GLU A 264 9.44 10.67 22.28
C GLU A 264 9.08 11.20 23.65
N GLY A 265 8.00 11.97 23.74
CA GLY A 265 7.59 12.52 25.01
C GLY A 265 6.42 13.47 24.84
N ILE A 266 5.96 14.06 25.95
CA ILE A 266 4.84 14.99 25.87
C ILE A 266 5.05 16.24 26.72
N ASP A 267 4.27 17.26 26.41
CA ASP A 267 4.26 18.50 27.17
C ASP A 267 2.95 18.31 27.93
N LEU A 268 3.04 17.93 29.19
CA LEU A 268 1.85 17.70 30.01
C LEU A 268 1.36 18.98 30.67
N LYS A 269 0.31 19.56 30.11
CA LYS A 269 -0.27 20.77 30.68
C LYS A 269 -1.44 20.34 31.54
N ILE A 270 -1.38 20.71 32.82
CA ILE A 270 -2.40 20.30 33.77
C ILE A 270 -3.84 20.44 33.28
N SER A 271 -4.21 21.62 32.80
CA SER A 271 -5.59 21.83 32.36
C SER A 271 -5.96 21.19 31.02
N LYS A 272 -4.96 20.72 30.28
CA LYS A 272 -5.22 20.05 29.01
C LYS A 272 -5.35 18.55 29.31
N ALA A 273 -4.63 18.10 30.35
CA ALA A 273 -4.67 16.70 30.78
C ALA A 273 -5.96 16.38 31.52
N GLY A 274 -6.48 17.36 32.25
CA GLY A 274 -7.71 17.16 32.99
C GLY A 274 -7.55 17.24 34.50
N GLY A 275 -6.36 17.63 34.96
CA GLY A 275 -6.10 17.75 36.38
C GLY A 275 -4.92 16.94 36.86
N LEU A 276 -4.75 16.87 38.18
CA LEU A 276 -3.64 16.12 38.77
C LEU A 276 -3.88 14.62 38.72
N THR A 277 -5.14 14.20 38.79
CA THR A 277 -5.44 12.77 38.74
C THR A 277 -5.06 12.25 37.35
N ARG A 278 -5.53 12.92 36.31
CA ARG A 278 -5.19 12.47 34.96
C ARG A 278 -3.69 12.70 34.74
N GLY A 279 -3.15 13.72 35.37
CA GLY A 279 -1.73 13.99 35.25
C GLY A 279 -0.94 12.81 35.76
N ARG A 280 -1.41 12.21 36.86
CA ARG A 280 -0.76 11.04 37.45
C ARG A 280 -0.87 9.86 36.51
N ARG A 281 -2.08 9.65 35.96
CA ARG A 281 -2.31 8.55 35.03
C ARG A 281 -1.35 8.64 33.85
N GLN A 282 -1.26 9.82 33.26
CA GLN A 282 -0.38 10.05 32.11
C GLN A 282 1.10 9.94 32.49
N ARG A 283 1.44 10.46 33.67
CA ARG A 283 2.82 10.39 34.14
C ARG A 283 3.27 8.92 34.13
N ASP A 284 2.44 8.06 34.73
CA ASP A 284 2.78 6.63 34.80
C ASP A 284 2.86 5.95 33.44
N ILE A 285 2.03 6.38 32.49
CA ILE A 285 2.07 5.80 31.15
C ILE A 285 3.41 6.17 30.52
N CYS A 286 3.77 7.45 30.59
CA CYS A 286 5.03 7.93 30.02
C CYS A 286 6.25 7.31 30.68
N LEU A 287 6.27 7.25 32.00
CA LEU A 287 7.42 6.68 32.69
C LEU A 287 7.57 5.21 32.37
N ALA A 288 6.45 4.52 32.22
CA ALA A 288 6.50 3.10 31.89
C ALA A 288 7.09 2.90 30.50
N ALA A 289 6.81 3.85 29.60
CA ALA A 289 7.29 3.78 28.22
C ALA A 289 8.69 4.34 27.97
N GLY A 290 9.13 5.24 28.83
CA GLY A 290 10.43 5.86 28.64
C GLY A 290 10.27 7.21 27.93
N TYR A 291 9.06 7.76 27.95
CA TYR A 291 8.79 9.05 27.32
C TYR A 291 9.19 10.18 28.27
N SER A 292 9.68 11.28 27.73
CA SER A 292 10.06 12.41 28.55
C SER A 292 8.78 13.18 28.85
N VAL A 293 8.76 13.93 29.95
CA VAL A 293 7.57 14.67 30.32
C VAL A 293 7.90 16.07 30.83
N SER A 294 7.30 17.07 30.21
CA SER A 294 7.47 18.45 30.67
C SER A 294 6.14 18.76 31.35
N VAL A 295 6.17 19.46 32.48
CA VAL A 295 4.92 19.81 33.15
C VAL A 295 4.73 21.31 33.04
N GLN A 296 3.66 21.70 32.36
CA GLN A 296 3.37 23.10 32.12
C GLN A 296 1.88 23.36 32.28
N GLU A 297 1.42 24.46 31.70
CA GLU A 297 0.01 24.80 31.76
C GLU A 297 -0.30 25.65 30.54
N THR A 298 -1.58 25.69 30.15
CA THR A 298 -1.97 26.52 29.01
C THR A 298 -1.64 27.95 29.43
N CYS A 299 -1.99 28.27 30.67
CA CYS A 299 -1.75 29.60 31.27
C CYS A 299 -2.24 29.46 32.69
N GLY A 300 -1.97 30.44 33.55
CA GLY A 300 -2.45 30.31 34.91
C GLY A 300 -1.71 31.13 35.96
N SER A 301 -2.40 31.36 37.08
CA SER A 301 -1.84 32.13 38.19
C SER A 301 -1.09 31.22 39.16
N ASP A 302 -0.93 31.67 40.39
CA ASP A 302 -0.23 30.91 41.43
C ASP A 302 -0.90 29.58 41.75
N ILE A 303 -2.22 29.53 41.64
CA ILE A 303 -2.95 28.31 41.95
C ILE A 303 -2.66 27.22 40.92
N ALA A 304 -2.71 27.57 39.65
CA ALA A 304 -2.41 26.61 38.59
C ALA A 304 -0.94 26.20 38.71
N PHE A 305 -0.08 27.14 39.08
CA PHE A 305 1.34 26.83 39.21
C PHE A 305 1.57 25.79 40.31
N ALA A 306 0.78 25.84 41.37
CA ALA A 306 0.94 24.89 42.47
C ALA A 306 0.75 23.45 41.96
N ALA A 307 -0.25 23.25 41.09
CA ALA A 307 -0.50 21.91 40.56
C ALA A 307 0.69 21.44 39.73
N ILE A 308 1.27 22.34 38.94
CA ILE A 308 2.43 22.02 38.11
C ILE A 308 3.60 21.52 38.95
N VAL A 309 3.94 22.28 39.98
CA VAL A 309 5.07 21.92 40.83
C VAL A 309 4.89 20.60 41.57
N HIS A 310 3.70 20.35 42.11
CA HIS A 310 3.50 19.10 42.82
C HIS A 310 3.58 17.88 41.92
N LEU A 311 3.05 17.97 40.70
CA LEU A 311 3.12 16.82 39.80
C LEU A 311 4.57 16.62 39.35
N ALA A 312 5.23 17.70 38.98
CA ALA A 312 6.61 17.64 38.53
C ALA A 312 7.58 17.10 39.59
N GLN A 313 7.27 17.34 40.87
CA GLN A 313 8.13 16.88 41.96
C GLN A 313 8.05 15.36 42.17
N THR A 314 7.23 14.70 41.36
CA THR A 314 7.10 13.25 41.44
C THR A 314 7.65 12.56 40.20
N ILE A 315 8.25 13.35 39.30
CA ILE A 315 8.84 12.80 38.08
C ILE A 315 10.36 12.74 38.19
N PRO A 316 10.94 11.54 38.08
CA PRO A 316 12.40 11.42 38.17
C PRO A 316 13.08 12.42 37.23
N GLU A 317 14.16 13.03 37.71
CA GLU A 317 14.89 14.03 36.96
C GLU A 317 15.23 13.65 35.54
N ARG A 318 15.66 12.41 35.34
CA ARG A 318 16.05 11.93 34.01
C ARG A 318 14.90 11.96 33.01
N SER A 319 13.68 11.88 33.51
CA SER A 319 12.50 11.89 32.65
C SER A 319 11.84 13.25 32.51
N LEU A 320 12.14 14.16 33.44
CA LEU A 320 11.53 15.49 33.41
C LEU A 320 12.19 16.42 32.39
N ARG A 321 11.37 17.22 31.73
CA ARG A 321 11.88 18.19 30.75
C ARG A 321 11.38 19.58 31.11
N CYS A 322 11.77 20.01 32.32
CA CYS A 322 11.42 21.32 32.85
C CYS A 322 9.95 21.51 33.15
N ILE A 323 9.65 22.61 33.83
CA ILE A 323 8.30 22.98 34.16
C ILE A 323 8.12 24.43 33.76
N LEU A 324 6.89 24.83 33.51
CA LEU A 324 6.62 26.22 33.15
C LEU A 324 6.08 26.98 34.34
N GLU A 325 6.72 28.09 34.69
CA GLU A 325 6.18 28.91 35.79
C GLU A 325 5.10 29.73 35.08
N CYS A 326 3.94 29.11 34.89
CA CYS A 326 2.85 29.76 34.17
C CYS A 326 2.49 31.15 34.67
N ARG A 327 2.59 31.37 35.99
CA ARG A 327 2.24 32.67 36.55
C ARG A 327 3.11 33.80 35.99
N ASP A 328 4.20 33.45 35.34
CA ASP A 328 5.08 34.46 34.75
C ASP A 328 4.38 35.12 33.57
N MET A 329 3.37 34.45 33.06
CA MET A 329 2.60 34.95 31.92
C MET A 329 1.60 36.03 32.31
N VAL A 330 1.36 36.19 33.61
CA VAL A 330 0.39 37.17 34.09
C VAL A 330 0.97 38.11 35.14
N THR A 331 0.24 39.19 35.44
CA THR A 331 0.67 40.17 36.42
C THR A 331 -0.16 40.27 37.69
N VAL A 332 -1.16 39.41 37.83
CA VAL A 332 -2.01 39.43 39.02
C VAL A 332 -1.76 38.19 39.88
N LYS A 333 -1.43 38.42 41.15
CA LYS A 333 -1.18 37.34 42.09
C LYS A 333 -2.50 36.91 42.73
N THR A 334 -2.83 35.63 42.63
CA THR A 334 -4.07 35.11 43.19
C THR A 334 -3.90 34.35 44.49
N ALA A 335 -2.66 34.00 44.83
CA ALA A 335 -2.42 33.26 46.06
C ALA A 335 -0.98 33.32 46.51
N ASP A 336 -0.78 33.05 47.80
CA ASP A 336 0.55 33.05 48.39
C ASP A 336 1.01 31.61 48.54
N GLY A 337 2.29 31.38 48.28
CA GLY A 337 2.86 30.06 48.39
C GLY A 337 4.35 30.15 48.16
N ALA A 338 5.11 29.28 48.82
CA ALA A 338 6.57 29.27 48.70
C ALA A 338 6.99 28.15 47.76
N PHE A 339 7.40 28.51 46.54
CA PHE A 339 7.82 27.54 45.55
C PHE A 339 9.33 27.43 45.44
N ASP A 340 10.03 28.06 46.39
CA ASP A 340 11.47 28.02 46.47
C ASP A 340 12.18 28.35 45.15
N ILE A 341 11.75 29.42 44.49
CA ILE A 341 12.35 29.83 43.23
C ILE A 341 13.74 30.42 43.45
N GLN A 342 14.72 29.95 42.69
CA GLN A 342 16.08 30.46 42.81
C GLN A 342 16.82 30.19 41.51
N ASP A 343 17.13 31.27 40.79
CA ASP A 343 17.85 31.21 39.53
C ASP A 343 17.44 30.08 38.58
N GLY A 344 16.19 30.12 38.13
CA GLY A 344 15.72 29.13 37.18
C GLY A 344 15.32 27.75 37.70
N PHE A 345 15.14 27.62 39.01
CA PHE A 345 14.74 26.34 39.59
C PHE A 345 13.74 26.55 40.72
N ALA A 346 12.92 25.55 40.96
CA ALA A 346 11.90 25.61 42.02
C ALA A 346 11.73 24.23 42.65
N THR A 347 10.94 24.17 43.72
CA THR A 347 10.65 22.90 44.38
C THR A 347 9.26 23.01 44.99
N ALA A 348 8.58 21.88 45.10
CA ALA A 348 7.23 21.86 45.66
C ALA A 348 7.26 22.18 47.15
N PRO A 349 6.25 22.93 47.62
CA PRO A 349 6.19 23.28 49.05
C PRO A 349 6.09 22.04 49.94
N THR A 350 6.31 22.22 51.23
CA THR A 350 6.28 21.12 52.18
C THR A 350 5.11 21.14 53.17
N THR A 351 4.19 22.08 53.00
CA THR A 351 3.02 22.16 53.88
C THR A 351 1.89 21.33 53.29
N PRO A 352 0.81 21.11 54.07
CA PRO A 352 -0.33 20.32 53.59
C PRO A 352 -1.03 20.84 52.33
N GLY A 353 -1.57 19.90 51.55
CA GLY A 353 -2.28 20.27 50.34
C GLY A 353 -1.38 20.81 49.25
N LEU A 354 -1.89 21.77 48.49
CA LEU A 354 -1.13 22.38 47.41
C LEU A 354 -0.10 23.36 47.94
N GLY A 355 -0.28 23.79 49.18
CA GLY A 355 0.66 24.72 49.79
C GLY A 355 0.42 26.16 49.38
N ILE A 356 -0.82 26.50 49.11
CA ILE A 356 -1.19 27.85 48.71
C ILE A 356 -2.36 28.39 49.51
N MET A 357 -2.42 29.72 49.61
CA MET A 357 -3.50 30.39 50.32
C MET A 357 -3.99 31.49 49.40
N PRO A 358 -5.17 31.31 48.81
CA PRO A 358 -5.75 32.30 47.90
C PRO A 358 -6.04 33.64 48.57
N ARG A 359 -5.98 34.69 47.76
CA ARG A 359 -6.27 36.04 48.21
C ARG A 359 -7.72 36.32 47.83
N LEU A 360 -8.62 36.10 48.77
CA LEU A 360 -10.05 36.27 48.54
C LEU A 360 -10.45 37.61 47.94
N ASP A 361 -9.72 38.67 48.29
CA ASP A 361 -10.03 40.00 47.78
C ASP A 361 -9.83 40.10 46.26
N VAL A 362 -8.87 39.35 45.74
CA VAL A 362 -8.59 39.35 44.31
C VAL A 362 -9.61 38.52 43.55
N LEU A 363 -10.12 37.47 44.19
CA LEU A 363 -11.09 36.58 43.55
C LEU A 363 -12.48 37.18 43.39
N GLY A 364 -12.83 38.13 44.25
CA GLY A 364 -14.16 38.73 44.17
C GLY A 364 -15.23 37.75 44.62
N GLU A 365 -16.49 38.07 44.40
CA GLU A 365 -17.56 37.17 44.80
C GLU A 365 -17.78 36.08 43.75
N ALA A 366 -18.10 34.88 44.21
CA ALA A 366 -18.33 33.74 43.30
C ALA A 366 -19.30 34.11 42.19
N VAL A 367 -19.01 33.65 40.97
CA VAL A 367 -19.87 33.91 39.83
C VAL A 367 -20.89 32.79 39.69
N ALA A 368 -20.63 31.69 40.40
CA ALA A 368 -21.51 30.53 40.39
C ALA A 368 -21.28 29.72 41.66
N SER A 369 -22.33 29.07 42.14
CA SER A 369 -22.24 28.25 43.35
C SER A 369 -23.12 27.02 43.21
N TYR A 370 -22.62 25.88 43.69
CA TYR A 370 -23.38 24.64 43.61
C TYR A 370 -23.38 23.95 44.98
N ASP B 3 13.28 -6.94 -43.89
CA ASP B 3 13.00 -5.51 -44.18
C ASP B 3 11.54 -5.30 -44.58
N LEU B 4 10.74 -4.81 -43.64
CA LEU B 4 9.32 -4.54 -43.85
C LEU B 4 8.95 -3.20 -43.25
N LYS B 5 8.01 -2.50 -43.88
CA LYS B 5 7.58 -1.21 -43.39
C LYS B 5 6.06 -1.05 -43.48
N ILE B 6 5.49 -0.32 -42.52
CA ILE B 6 4.06 -0.08 -42.53
C ILE B 6 3.82 0.98 -43.60
N ALA B 7 3.05 0.63 -44.62
CA ALA B 7 2.77 1.55 -45.71
C ALA B 7 1.43 2.25 -45.51
N ARG B 8 0.46 1.53 -44.97
CA ARG B 8 -0.86 2.11 -44.77
C ARG B 8 -1.62 1.50 -43.61
N ILE B 9 -2.47 2.32 -42.99
CA ILE B 9 -3.31 1.90 -41.89
C ILE B 9 -4.72 2.39 -42.21
N ASP B 10 -5.64 1.45 -42.41
CA ASP B 10 -7.01 1.79 -42.73
C ASP B 10 -7.94 1.37 -41.60
N VAL B 11 -8.89 2.24 -41.28
CA VAL B 11 -9.84 1.99 -40.21
C VAL B 11 -11.23 1.75 -40.77
N PHE B 12 -11.88 0.70 -40.26
CA PHE B 12 -13.22 0.31 -40.67
C PHE B 12 -14.12 0.36 -39.45
N GLN B 13 -15.40 0.63 -39.67
CA GLN B 13 -16.36 0.70 -38.58
C GLN B 13 -17.45 -0.33 -38.89
N VAL B 14 -17.84 -1.12 -37.90
CA VAL B 14 -18.86 -2.14 -38.11
C VAL B 14 -19.84 -2.26 -36.95
N ASP B 15 -21.13 -2.21 -37.27
CA ASP B 15 -22.16 -2.33 -36.26
C ASP B 15 -22.40 -3.80 -35.99
N LEU B 16 -22.17 -4.22 -34.75
CA LEU B 16 -22.36 -5.62 -34.38
C LEU B 16 -23.60 -5.76 -33.51
N PRO B 17 -24.72 -6.18 -34.12
CA PRO B 17 -25.96 -6.35 -33.36
C PRO B 17 -25.83 -7.40 -32.26
N TYR B 18 -26.37 -7.08 -31.09
CA TYR B 18 -26.34 -7.97 -29.93
C TYR B 18 -27.18 -9.21 -30.17
N SER B 19 -26.57 -10.38 -30.02
CA SER B 19 -27.25 -11.65 -30.23
C SER B 19 -28.44 -11.85 -29.30
N GLY B 20 -28.45 -11.14 -28.18
CA GLY B 20 -29.54 -11.28 -27.22
C GLY B 20 -30.64 -10.24 -27.36
N GLY B 21 -30.54 -9.38 -28.38
CA GLY B 21 -31.56 -8.36 -28.57
C GLY B 21 -31.24 -7.04 -27.90
N VAL B 22 -31.37 -7.00 -26.57
CA VAL B 22 -31.10 -5.78 -25.82
C VAL B 22 -30.41 -6.05 -24.48
N TYR B 23 -29.37 -5.26 -24.20
CA TYR B 23 -28.63 -5.38 -22.94
C TYR B 23 -29.09 -4.25 -22.03
N TYR B 24 -29.30 -4.55 -20.76
CA TYR B 24 -29.76 -3.54 -19.80
C TYR B 24 -28.73 -3.21 -18.74
N LEU B 25 -28.35 -1.94 -18.68
CA LEU B 25 -27.36 -1.45 -17.71
C LEU B 25 -26.00 -2.10 -17.92
N SER B 33 -26.60 -3.07 -29.93
CA SER B 33 -25.54 -3.21 -30.93
C SER B 33 -24.22 -2.71 -30.37
N PHE B 34 -23.12 -3.25 -30.90
CA PHE B 34 -21.79 -2.85 -30.46
C PHE B 34 -21.04 -2.21 -31.61
N ASP B 35 -20.40 -1.08 -31.33
CA ASP B 35 -19.65 -0.33 -32.34
C ASP B 35 -18.22 -0.87 -32.42
N ALA B 36 -17.95 -1.67 -33.44
CA ALA B 36 -16.62 -2.25 -33.63
C ALA B 36 -15.69 -1.43 -34.52
N THR B 37 -14.43 -1.36 -34.11
CA THR B 37 -13.43 -0.65 -34.90
C THR B 37 -12.45 -1.72 -35.34
N ILE B 38 -12.30 -1.87 -36.66
CA ILE B 38 -11.41 -2.87 -37.22
C ILE B 38 -10.32 -2.16 -38.03
N VAL B 39 -9.09 -2.63 -37.86
CA VAL B 39 -7.96 -2.01 -38.56
C VAL B 39 -7.22 -2.95 -39.50
N ARG B 40 -6.88 -2.45 -40.68
CA ARG B 40 -6.11 -3.24 -41.62
C ARG B 40 -4.80 -2.51 -41.84
N ILE B 41 -3.69 -3.23 -41.69
CA ILE B 41 -2.39 -2.63 -41.91
C ILE B 41 -1.81 -3.31 -43.13
N THR B 42 -1.25 -2.51 -44.03
CA THR B 42 -0.66 -3.04 -45.25
C THR B 42 0.80 -2.64 -45.30
N THR B 43 1.67 -3.63 -45.53
CA THR B 43 3.11 -3.37 -45.61
C THR B 43 3.45 -2.86 -46.99
N ASP B 44 4.64 -2.29 -47.13
CA ASP B 44 5.10 -1.78 -48.41
C ASP B 44 5.20 -2.93 -49.41
N THR B 45 5.23 -4.16 -48.90
CA THR B 45 5.33 -5.34 -49.76
C THR B 45 3.96 -5.92 -50.10
N GLY B 46 2.90 -5.39 -49.49
CA GLY B 46 1.57 -5.88 -49.78
C GLY B 46 0.93 -6.83 -48.78
N ILE B 47 1.66 -7.21 -47.73
CA ILE B 47 1.10 -8.11 -46.72
C ILE B 47 0.07 -7.33 -45.91
N GLU B 48 -1.09 -7.94 -45.66
CA GLU B 48 -2.13 -7.28 -44.89
C GLU B 48 -2.38 -7.97 -43.55
N GLY B 49 -2.60 -7.17 -42.51
CA GLY B 49 -2.88 -7.70 -41.19
C GLY B 49 -4.11 -7.04 -40.62
N TRP B 50 -4.90 -7.78 -39.84
CA TRP B 50 -6.12 -7.22 -39.26
C TRP B 50 -6.16 -7.29 -37.74
N GLY B 51 -6.83 -6.31 -37.14
CA GLY B 51 -6.96 -6.25 -35.70
C GLY B 51 -8.29 -5.60 -35.33
N GLU B 52 -8.77 -5.86 -34.12
CA GLU B 52 -10.06 -5.30 -33.69
C GLU B 52 -10.08 -4.74 -32.26
N SER B 53 -10.93 -3.74 -32.05
CA SER B 53 -11.11 -3.15 -30.72
C SER B 53 -12.56 -2.69 -30.65
N THR B 54 -13.37 -3.44 -29.89
CA THR B 54 -14.79 -3.16 -29.74
C THR B 54 -15.18 -3.07 -28.28
N PRO B 55 -15.25 -1.85 -27.73
CA PRO B 55 -15.61 -1.71 -26.32
C PRO B 55 -17.04 -2.13 -26.00
N PHE B 56 -17.26 -2.48 -24.73
CA PHE B 56 -18.57 -2.89 -24.27
C PHE B 56 -19.23 -1.62 -23.75
N GLY B 57 -19.79 -0.84 -24.66
CA GLY B 57 -20.41 0.41 -24.26
C GLY B 57 -19.32 1.36 -23.80
N SER B 58 -19.58 2.08 -22.71
CA SER B 58 -18.59 3.02 -22.20
C SER B 58 -18.76 3.26 -20.70
N ASN B 59 -19.29 2.28 -19.98
CA ASN B 59 -19.53 2.41 -18.55
C ASN B 59 -18.58 1.71 -17.57
N TYR B 60 -18.27 0.43 -17.83
CA TYR B 60 -17.39 -0.32 -16.94
C TYR B 60 -15.92 0.09 -16.96
N ILE B 61 -15.41 0.52 -18.11
CA ILE B 61 -14.03 0.99 -18.19
C ILE B 61 -13.99 2.27 -19.03
N ALA B 62 -12.98 3.08 -18.81
CA ALA B 62 -12.84 4.35 -19.53
C ALA B 62 -12.50 4.11 -20.99
N SER B 63 -13.50 3.71 -21.76
CA SER B 63 -13.33 3.41 -23.17
C SER B 63 -14.65 3.54 -23.92
N HIS B 64 -14.61 4.10 -25.13
CA HIS B 64 -15.79 4.24 -25.97
C HIS B 64 -15.37 4.18 -27.44
N PRO B 65 -16.26 3.69 -28.32
CA PRO B 65 -15.97 3.57 -29.76
C PRO B 65 -15.35 4.82 -30.39
N ARG B 66 -15.92 5.99 -30.13
CA ARG B 66 -15.38 7.21 -30.70
C ARG B 66 -13.96 7.46 -30.19
N GLY B 67 -13.72 7.09 -28.94
CA GLY B 67 -12.41 7.26 -28.35
C GLY B 67 -11.39 6.35 -29.00
N VAL B 68 -11.80 5.12 -29.31
CA VAL B 68 -10.90 4.17 -29.95
C VAL B 68 -10.42 4.73 -31.29
N ARG B 69 -11.35 5.20 -32.11
CA ARG B 69 -10.96 5.75 -33.41
C ARG B 69 -10.18 7.04 -33.30
N ALA B 70 -10.52 7.88 -32.33
CA ALA B 70 -9.80 9.15 -32.14
C ALA B 70 -8.35 8.85 -31.76
N GLY B 71 -8.15 7.87 -30.91
CA GLY B 71 -6.80 7.52 -30.49
C GLY B 71 -5.97 7.03 -31.67
N ILE B 72 -6.60 6.27 -32.56
CA ILE B 72 -5.90 5.75 -33.73
C ILE B 72 -5.49 6.91 -34.63
N ALA B 73 -6.37 7.88 -34.77
CA ALA B 73 -6.09 9.05 -35.61
C ALA B 73 -4.84 9.77 -35.12
N THR B 74 -4.72 9.91 -33.80
CA THR B 74 -3.57 10.59 -33.21
C THR B 74 -2.24 9.85 -33.33
N MET B 75 -2.28 8.52 -33.23
CA MET B 75 -1.06 7.70 -33.28
C MET B 75 -0.61 7.24 -34.66
N ALA B 76 -1.57 6.82 -35.48
CA ALA B 76 -1.31 6.26 -36.80
C ALA B 76 -0.24 6.91 -37.66
N PRO B 77 -0.28 8.24 -37.83
CA PRO B 77 0.72 8.93 -38.65
C PRO B 77 2.18 8.65 -38.31
N SER B 78 2.48 8.50 -37.02
CA SER B 78 3.85 8.26 -36.59
C SER B 78 4.31 6.81 -36.72
N LEU B 79 3.39 5.93 -37.13
CA LEU B 79 3.73 4.52 -37.26
C LEU B 79 4.03 4.14 -38.71
N ILE B 80 3.68 5.03 -39.64
CA ILE B 80 3.96 4.76 -41.05
C ILE B 80 5.48 4.71 -41.24
N GLY B 81 5.95 3.64 -41.89
CA GLY B 81 7.37 3.50 -42.13
C GLY B 81 8.09 2.59 -41.15
N LEU B 82 7.43 2.23 -40.06
CA LEU B 82 8.02 1.36 -39.04
C LEU B 82 7.86 -0.10 -39.44
N ASP B 83 8.73 -0.96 -38.91
CA ASP B 83 8.68 -2.39 -39.20
C ASP B 83 7.64 -3.03 -38.27
N PRO B 84 6.53 -3.50 -38.84
CA PRO B 84 5.46 -4.13 -38.04
C PRO B 84 5.86 -5.40 -37.28
N ARG B 85 6.96 -6.03 -37.68
CA ARG B 85 7.41 -7.25 -37.01
C ARG B 85 8.06 -6.93 -35.66
N ARG B 86 8.55 -5.71 -35.49
CA ARG B 86 9.18 -5.31 -34.23
C ARG B 86 8.07 -4.87 -33.30
N VAL B 87 7.23 -5.82 -32.93
CA VAL B 87 6.08 -5.56 -32.07
C VAL B 87 6.33 -4.71 -30.82
N ASP B 88 7.38 -5.00 -30.07
CA ASP B 88 7.63 -4.21 -28.87
C ASP B 88 8.01 -2.78 -29.22
N ARG B 89 8.75 -2.60 -30.32
CA ARG B 89 9.15 -1.26 -30.72
C ARG B 89 7.93 -0.49 -31.24
N ILE B 90 7.00 -1.19 -31.86
CA ILE B 90 5.78 -0.56 -32.36
C ILE B 90 5.02 -0.02 -31.16
N ASN B 91 4.92 -0.83 -30.11
CA ASN B 91 4.21 -0.41 -28.90
C ASN B 91 4.92 0.78 -28.26
N ASP B 92 6.25 0.78 -28.25
CA ASP B 92 6.99 1.90 -27.68
C ASP B 92 6.61 3.16 -28.46
N ALA B 93 6.52 3.02 -29.79
CA ALA B 93 6.16 4.13 -30.67
C ALA B 93 4.76 4.67 -30.38
N MET B 94 3.81 3.76 -30.15
CA MET B 94 2.44 4.17 -29.86
C MET B 94 2.46 4.90 -28.51
N ASP B 95 3.20 4.37 -27.55
CA ASP B 95 3.32 4.98 -26.23
C ASP B 95 3.90 6.39 -26.31
N ASP B 96 4.90 6.58 -27.17
CA ASP B 96 5.52 7.90 -27.32
C ASP B 96 4.57 8.91 -27.94
N ALA B 97 3.57 8.42 -28.66
CA ALA B 97 2.61 9.30 -29.31
C ALA B 97 1.40 9.60 -28.45
N LEU B 98 1.03 8.65 -27.59
CA LEU B 98 -0.14 8.83 -26.74
C LEU B 98 -0.09 7.91 -25.51
N LEU B 99 -0.21 8.49 -24.33
CA LEU B 99 -0.18 7.71 -23.09
C LEU B 99 -1.52 7.00 -22.88
N GLY B 100 -1.46 5.80 -22.32
CA GLY B 100 -2.67 5.03 -22.07
C GLY B 100 -3.39 4.63 -23.34
N HIS B 101 -4.71 4.74 -23.35
CA HIS B 101 -5.49 4.41 -24.52
C HIS B 101 -5.18 3.02 -25.08
N GLU B 102 -5.15 2.02 -24.20
CA GLU B 102 -4.87 0.66 -24.63
C GLU B 102 -5.91 0.20 -25.65
N ASP B 103 -7.15 0.69 -25.49
CA ASP B 103 -8.21 0.31 -26.41
C ASP B 103 -7.94 0.76 -27.86
N ALA B 104 -7.27 1.90 -28.00
CA ALA B 104 -6.95 2.42 -29.32
C ALA B 104 -5.71 1.76 -29.90
N LYS B 105 -4.78 1.37 -29.04
CA LYS B 105 -3.55 0.73 -29.49
C LYS B 105 -3.74 -0.71 -29.90
N THR B 106 -4.75 -1.36 -29.32
CA THR B 106 -5.05 -2.77 -29.57
C THR B 106 -5.17 -3.24 -31.01
N ALA B 107 -6.05 -2.64 -31.79
CA ALA B 107 -6.25 -3.07 -33.17
C ALA B 107 -4.99 -2.95 -34.01
N ILE B 108 -4.19 -1.93 -33.74
CA ILE B 108 -2.94 -1.74 -34.48
C ILE B 108 -1.97 -2.86 -34.14
N ASP B 109 -1.79 -3.11 -32.86
CA ASP B 109 -0.87 -4.16 -32.42
C ASP B 109 -1.25 -5.53 -32.98
N VAL B 110 -2.52 -5.88 -32.86
CA VAL B 110 -2.98 -7.18 -33.35
C VAL B 110 -2.75 -7.33 -34.85
N ALA B 111 -2.97 -6.25 -35.60
CA ALA B 111 -2.76 -6.30 -37.05
C ALA B 111 -1.27 -6.53 -37.32
N CYS B 112 -0.41 -5.96 -36.49
CA CYS B 112 1.02 -6.14 -36.68
C CYS B 112 1.39 -7.60 -36.47
N TRP B 113 0.80 -8.24 -35.46
CA TRP B 113 1.08 -9.65 -35.19
C TRP B 113 0.61 -10.52 -36.35
N ASP B 114 -0.51 -10.15 -36.95
CA ASP B 114 -1.06 -10.90 -38.09
C ASP B 114 -0.01 -10.83 -39.21
N ILE B 115 0.46 -9.63 -39.51
CA ILE B 115 1.48 -9.43 -40.55
C ILE B 115 2.73 -10.23 -40.20
N PHE B 116 3.17 -10.08 -38.96
CA PHE B 116 4.35 -10.79 -38.46
C PHE B 116 4.23 -12.28 -38.77
N GLY B 117 3.14 -12.90 -38.36
CA GLY B 117 2.94 -14.32 -38.61
C GLY B 117 2.90 -14.65 -40.09
N LYS B 118 2.28 -13.79 -40.88
CA LYS B 118 2.20 -14.05 -42.32
C LYS B 118 3.58 -13.95 -42.97
N SER B 119 4.37 -12.97 -42.55
CA SER B 119 5.70 -12.77 -43.11
C SER B 119 6.66 -13.95 -42.93
N VAL B 120 6.52 -14.69 -41.84
CA VAL B 120 7.41 -15.83 -41.58
C VAL B 120 6.71 -17.19 -41.74
N GLY B 121 5.44 -17.15 -42.12
CA GLY B 121 4.68 -18.38 -42.31
C GLY B 121 4.35 -19.17 -41.06
N LEU B 122 4.13 -18.47 -39.95
CA LEU B 122 3.81 -19.15 -38.69
C LEU B 122 2.56 -18.57 -38.03
N PRO B 123 1.79 -19.42 -37.32
CA PRO B 123 0.58 -18.94 -36.65
C PRO B 123 1.07 -18.01 -35.53
N VAL B 124 0.24 -17.04 -35.16
CA VAL B 124 0.62 -16.10 -34.10
C VAL B 124 1.01 -16.77 -32.79
N CYS B 125 0.25 -17.78 -32.36
CA CYS B 125 0.56 -18.45 -31.10
C CYS B 125 1.97 -19.05 -31.09
N GLU B 126 2.44 -19.51 -32.25
CA GLU B 126 3.79 -20.08 -32.32
C GLU B 126 4.85 -18.99 -32.11
N LEU B 127 4.57 -17.78 -32.57
CA LEU B 127 5.49 -16.66 -32.40
C LEU B 127 5.37 -16.03 -31.01
N LEU B 128 4.31 -16.39 -30.29
CA LEU B 128 4.10 -15.86 -28.94
C LEU B 128 4.75 -16.77 -27.90
N GLY B 129 5.56 -17.74 -28.35
CA GLY B 129 6.21 -18.63 -27.43
C GLY B 129 5.97 -20.11 -27.69
N GLY B 130 4.97 -20.42 -28.51
CA GLY B 130 4.68 -21.82 -28.80
C GLY B 130 3.35 -22.28 -28.26
N ARG B 131 2.61 -23.01 -29.07
CA ARG B 131 1.30 -23.51 -28.66
C ARG B 131 1.36 -24.64 -27.63
N THR B 132 0.42 -24.65 -26.71
CA THR B 132 0.33 -25.70 -25.72
C THR B 132 -0.39 -26.85 -26.42
N ASN B 133 -0.43 -28.01 -25.79
CA ASN B 133 -1.08 -29.17 -26.39
C ASN B 133 -2.49 -29.40 -25.85
N THR B 134 -3.02 -28.42 -25.12
CA THR B 134 -4.36 -28.56 -24.55
C THR B 134 -5.39 -27.64 -25.19
N ARG B 135 -6.66 -28.03 -25.11
CA ARG B 135 -7.75 -27.24 -25.69
C ARG B 135 -8.07 -26.04 -24.81
N LEU B 136 -8.84 -25.09 -25.36
CA LEU B 136 -9.21 -23.87 -24.66
C LEU B 136 -10.69 -23.90 -24.25
N PRO B 137 -10.96 -24.00 -22.93
CA PRO B 137 -12.34 -24.04 -22.42
C PRO B 137 -13.02 -22.68 -22.51
N LEU B 138 -14.31 -22.68 -22.86
CA LEU B 138 -15.07 -21.44 -22.97
C LEU B 138 -15.76 -21.15 -21.64
N ILE B 139 -16.00 -19.87 -21.37
CA ILE B 139 -16.67 -19.48 -20.14
C ILE B 139 -18.04 -18.89 -20.50
N SER B 140 -19.05 -19.24 -19.71
CA SER B 140 -20.41 -18.75 -19.95
C SER B 140 -20.63 -17.37 -19.34
N SER B 141 -21.75 -16.76 -19.72
CA SER B 141 -22.12 -15.45 -19.21
C SER B 141 -23.53 -15.57 -18.65
N ILE B 142 -23.63 -15.64 -17.32
CA ILE B 142 -24.92 -15.78 -16.67
C ILE B 142 -25.41 -14.42 -16.19
N TYR B 143 -26.16 -13.74 -17.04
CA TYR B 143 -26.68 -12.42 -16.73
C TYR B 143 -27.57 -12.41 -15.50
N VAL B 144 -27.59 -11.26 -14.83
CA VAL B 144 -28.39 -11.10 -13.62
C VAL B 144 -29.87 -11.38 -13.87
N GLY B 145 -30.49 -12.12 -12.96
CA GLY B 145 -31.90 -12.44 -13.07
C GLY B 145 -32.35 -13.13 -11.80
N GLU B 146 -33.53 -13.74 -11.83
CA GLU B 146 -34.04 -14.44 -10.66
C GLU B 146 -33.14 -15.64 -10.36
N PRO B 147 -32.94 -15.95 -9.07
CA PRO B 147 -32.10 -17.08 -8.69
C PRO B 147 -32.36 -18.34 -9.52
N GLU B 148 -33.62 -18.76 -9.57
CA GLU B 148 -34.00 -19.94 -10.33
C GLU B 148 -33.69 -19.79 -11.83
N ASP B 149 -33.91 -18.58 -12.35
CA ASP B 149 -33.63 -18.29 -13.75
C ASP B 149 -32.14 -18.46 -14.02
N MET B 150 -31.32 -17.93 -13.13
CA MET B 150 -29.87 -18.02 -13.29
C MET B 150 -29.39 -19.47 -13.19
N ARG B 151 -29.91 -20.22 -12.22
CA ARG B 151 -29.50 -21.61 -12.06
C ARG B 151 -29.85 -22.43 -13.29
N ALA B 152 -31.02 -22.13 -13.89
CA ALA B 152 -31.47 -22.85 -15.07
C ALA B 152 -30.52 -22.56 -16.24
N ARG B 153 -30.15 -21.29 -16.41
CA ARG B 153 -29.26 -20.92 -17.50
C ARG B 153 -27.86 -21.52 -17.31
N VAL B 154 -27.47 -21.75 -16.06
CA VAL B 154 -26.17 -22.36 -15.78
C VAL B 154 -26.22 -23.82 -16.23
N ALA B 155 -27.33 -24.48 -15.94
CA ALA B 155 -27.50 -25.89 -16.31
C ALA B 155 -27.45 -26.05 -17.83
N LYS B 156 -28.00 -25.08 -18.55
CA LYS B 156 -28.01 -25.13 -20.01
C LYS B 156 -26.59 -25.12 -20.56
N TYR B 157 -25.75 -24.27 -19.97
CA TYR B 157 -24.36 -24.17 -20.39
C TYR B 157 -23.59 -25.42 -19.99
N ARG B 158 -23.90 -25.96 -18.81
CA ARG B 158 -23.23 -27.15 -18.33
C ARG B 158 -23.47 -28.28 -19.34
N ALA B 159 -24.69 -28.35 -19.85
CA ALA B 159 -25.07 -29.36 -20.82
C ALA B 159 -24.37 -29.14 -22.15
N LYS B 160 -24.01 -27.90 -22.43
CA LYS B 160 -23.32 -27.57 -23.68
C LYS B 160 -21.82 -27.79 -23.60
N GLY B 161 -21.35 -28.40 -22.51
CA GLY B 161 -19.94 -28.68 -22.36
C GLY B 161 -19.06 -27.62 -21.73
N TYR B 162 -19.62 -26.48 -21.37
CA TYR B 162 -18.84 -25.40 -20.77
C TYR B 162 -18.30 -25.79 -19.40
N LYS B 163 -17.04 -25.44 -19.15
CA LYS B 163 -16.38 -25.76 -17.89
C LYS B 163 -16.07 -24.51 -17.08
N GLY B 164 -16.47 -23.36 -17.63
CA GLY B 164 -16.26 -22.09 -16.96
C GLY B 164 -17.58 -21.34 -16.94
N GLN B 165 -17.92 -20.77 -15.79
CA GLN B 165 -19.19 -20.04 -15.66
C GLN B 165 -18.97 -18.72 -14.93
N SER B 166 -19.41 -17.63 -15.53
CA SER B 166 -19.29 -16.31 -14.91
C SER B 166 -20.67 -15.81 -14.49
N VAL B 167 -20.90 -15.79 -13.19
CA VAL B 167 -22.17 -15.37 -12.63
C VAL B 167 -22.13 -13.90 -12.26
N LYS B 168 -22.99 -13.10 -12.90
CA LYS B 168 -23.03 -11.67 -12.62
C LYS B 168 -24.05 -11.35 -11.55
N ILE B 169 -23.80 -10.27 -10.82
CA ILE B 169 -24.71 -9.86 -9.75
C ILE B 169 -25.11 -8.39 -9.91
N SER B 170 -26.08 -7.97 -9.11
CA SER B 170 -26.59 -6.59 -9.19
C SER B 170 -25.90 -5.59 -8.27
N GLY B 171 -25.58 -6.01 -7.06
CA GLY B 171 -24.96 -5.11 -6.11
C GLY B 171 -25.83 -5.02 -4.88
N GLU B 172 -26.88 -5.83 -4.85
CA GLU B 172 -27.81 -5.89 -3.73
C GLU B 172 -27.46 -7.22 -3.07
N PRO B 173 -26.68 -7.18 -1.98
CA PRO B 173 -26.22 -8.33 -1.20
C PRO B 173 -27.21 -9.44 -0.85
N VAL B 174 -28.39 -9.07 -0.37
CA VAL B 174 -29.37 -10.08 0.01
C VAL B 174 -29.83 -10.92 -1.19
N THR B 175 -30.25 -10.24 -2.24
CA THR B 175 -30.71 -10.93 -3.43
C THR B 175 -29.55 -11.63 -4.14
N ASP B 176 -28.38 -10.99 -4.17
CA ASP B 176 -27.23 -11.61 -4.82
C ASP B 176 -26.81 -12.89 -4.11
N ALA B 177 -26.94 -12.92 -2.79
CA ALA B 177 -26.58 -14.10 -2.02
C ALA B 177 -27.47 -15.28 -2.45
N LYS B 178 -28.74 -14.99 -2.71
CA LYS B 178 -29.66 -16.03 -3.14
C LYS B 178 -29.36 -16.42 -4.59
N ARG B 179 -28.93 -15.44 -5.38
CA ARG B 179 -28.60 -15.69 -6.78
C ARG B 179 -27.40 -16.62 -6.90
N ILE B 180 -26.34 -16.30 -6.16
CA ILE B 180 -25.12 -17.11 -6.19
C ILE B 180 -25.39 -18.52 -5.67
N THR B 181 -26.13 -18.61 -4.58
CA THR B 181 -26.45 -19.91 -3.99
C THR B 181 -27.17 -20.78 -5.01
N ALA B 182 -28.09 -20.20 -5.76
CA ALA B 182 -28.85 -20.94 -6.76
C ALA B 182 -27.99 -21.27 -7.99
N ALA B 183 -27.26 -20.27 -8.49
CA ALA B 183 -26.43 -20.45 -9.68
C ALA B 183 -25.37 -21.53 -9.51
N LEU B 184 -24.89 -21.74 -8.28
CA LEU B 184 -23.88 -22.75 -8.02
C LEU B 184 -24.48 -24.03 -7.42
N ALA B 185 -25.80 -24.09 -7.37
CA ALA B 185 -26.49 -25.24 -6.78
C ALA B 185 -25.91 -26.60 -7.19
N ASN B 186 -25.71 -26.81 -8.49
CA ASN B 186 -25.18 -28.09 -8.94
C ASN B 186 -23.79 -27.99 -9.57
N GLN B 187 -22.93 -27.14 -9.03
CA GLN B 187 -21.60 -26.99 -9.61
C GLN B 187 -20.83 -28.31 -9.48
N GLN B 188 -20.13 -28.66 -10.56
CA GLN B 188 -19.35 -29.90 -10.61
C GLN B 188 -17.88 -29.68 -10.30
N PRO B 189 -17.15 -30.76 -9.96
CA PRO B 189 -15.73 -30.74 -9.63
C PRO B 189 -14.78 -30.10 -10.64
N ASP B 190 -15.04 -30.31 -11.93
CA ASP B 190 -14.18 -29.77 -12.99
C ASP B 190 -14.63 -28.41 -13.54
N GLU B 191 -15.55 -27.75 -12.85
CA GLU B 191 -16.04 -26.45 -13.31
C GLU B 191 -15.43 -25.31 -12.50
N PHE B 192 -15.16 -24.19 -13.17
CA PHE B 192 -14.59 -23.01 -12.52
C PHE B 192 -15.63 -21.89 -12.52
N PHE B 193 -16.10 -21.52 -11.34
CA PHE B 193 -17.11 -20.47 -11.18
C PHE B 193 -16.53 -19.13 -10.77
N ILE B 194 -16.99 -18.08 -11.44
CA ILE B 194 -16.56 -16.73 -11.14
C ILE B 194 -17.81 -15.94 -10.84
N VAL B 195 -17.76 -15.11 -9.80
CA VAL B 195 -18.87 -14.23 -9.49
C VAL B 195 -18.27 -12.88 -9.87
N ASP B 196 -18.82 -12.28 -10.91
CA ASP B 196 -18.33 -11.01 -11.43
C ASP B 196 -19.21 -9.83 -11.02
N ALA B 197 -18.68 -8.94 -10.18
CA ALA B 197 -19.44 -7.79 -9.71
C ALA B 197 -19.26 -6.55 -10.59
N ASN B 198 -18.37 -6.64 -11.57
CA ASN B 198 -18.09 -5.52 -12.47
C ASN B 198 -17.91 -4.22 -11.69
N GLY B 199 -17.25 -4.32 -10.54
CA GLY B 199 -16.98 -3.15 -9.70
C GLY B 199 -18.18 -2.46 -9.07
N LYS B 200 -19.33 -3.12 -9.05
CA LYS B 200 -20.55 -2.54 -8.51
C LYS B 200 -20.69 -2.54 -6.98
N LEU B 201 -19.84 -3.28 -6.29
CA LEU B 201 -19.94 -3.35 -4.83
C LEU B 201 -19.05 -2.37 -4.10
N SER B 202 -19.56 -1.81 -3.01
CA SER B 202 -18.75 -0.93 -2.18
C SER B 202 -18.12 -1.94 -1.23
N VAL B 203 -17.14 -1.53 -0.42
CA VAL B 203 -16.55 -2.49 0.51
C VAL B 203 -17.64 -3.00 1.45
N GLU B 204 -18.51 -2.10 1.88
CA GLU B 204 -19.60 -2.45 2.78
C GLU B 204 -20.50 -3.53 2.18
N THR B 205 -20.96 -3.32 0.95
CA THR B 205 -21.84 -4.27 0.29
C THR B 205 -21.12 -5.59 0.01
N ALA B 206 -19.85 -5.50 -0.36
CA ALA B 206 -19.07 -6.71 -0.63
C ALA B 206 -18.97 -7.55 0.65
N LEU B 207 -18.67 -6.91 1.77
CA LEU B 207 -18.56 -7.64 3.04
C LEU B 207 -19.91 -8.22 3.46
N ARG B 208 -20.98 -7.45 3.29
CA ARG B 208 -22.32 -7.93 3.64
C ARG B 208 -22.65 -9.19 2.83
N LEU B 209 -22.35 -9.15 1.54
CA LEU B 209 -22.61 -10.29 0.65
C LEU B 209 -21.84 -11.53 1.07
N LEU B 210 -20.53 -11.40 1.23
CA LEU B 210 -19.70 -12.53 1.63
C LEU B 210 -20.13 -13.16 2.95
N ARG B 211 -20.49 -12.32 3.92
CA ARG B 211 -20.91 -12.82 5.22
C ARG B 211 -22.26 -13.54 5.14
N LEU B 212 -23.08 -13.17 4.17
CA LEU B 212 -24.39 -13.78 4.02
C LEU B 212 -24.37 -15.14 3.32
N LEU B 213 -23.36 -15.38 2.49
CA LEU B 213 -23.26 -16.63 1.76
C LEU B 213 -23.10 -17.86 2.64
N PRO B 214 -23.77 -18.96 2.27
CA PRO B 214 -23.67 -20.18 3.05
C PRO B 214 -22.35 -20.86 2.69
N HIS B 215 -21.88 -21.73 3.57
CA HIS B 215 -20.63 -22.45 3.36
C HIS B 215 -20.76 -23.46 2.22
N GLY B 216 -19.66 -23.72 1.53
CA GLY B 216 -19.68 -24.69 0.45
C GLY B 216 -19.74 -24.17 -0.97
N LEU B 217 -19.86 -22.85 -1.14
CA LEU B 217 -19.93 -22.27 -2.48
C LEU B 217 -18.51 -22.00 -2.96
N ASP B 218 -18.12 -22.70 -4.03
CA ASP B 218 -16.78 -22.57 -4.59
C ASP B 218 -16.71 -21.66 -5.81
N PHE B 219 -16.10 -20.49 -5.62
CA PHE B 219 -15.95 -19.53 -6.71
C PHE B 219 -14.87 -18.52 -6.41
N ALA B 220 -14.53 -17.72 -7.41
CA ALA B 220 -13.56 -16.66 -7.26
C ALA B 220 -14.35 -15.39 -7.49
N LEU B 221 -13.99 -14.31 -6.80
CA LEU B 221 -14.69 -13.04 -6.92
C LEU B 221 -13.95 -12.09 -7.85
N GLU B 222 -14.58 -11.75 -8.98
CA GLU B 222 -13.95 -10.86 -9.95
C GLU B 222 -14.44 -9.42 -9.85
N ALA B 223 -13.50 -8.48 -9.87
CA ALA B 223 -13.81 -7.04 -9.81
C ALA B 223 -14.87 -6.69 -8.77
N PRO B 224 -14.59 -6.96 -7.50
CA PRO B 224 -15.60 -6.63 -6.48
C PRO B 224 -15.96 -5.15 -6.36
N CYS B 225 -14.95 -4.30 -6.29
CA CYS B 225 -15.16 -2.86 -6.13
C CYS B 225 -14.61 -2.03 -7.28
N ALA B 226 -15.09 -0.79 -7.37
CA ALA B 226 -14.68 0.11 -8.45
C ALA B 226 -13.28 0.68 -8.41
N THR B 227 -12.71 0.90 -7.21
CA THR B 227 -11.39 1.48 -7.12
C THR B 227 -10.34 0.57 -6.49
N TRP B 228 -9.08 0.90 -6.74
CA TRP B 228 -7.97 0.13 -6.21
C TRP B 228 -8.00 0.15 -4.68
N ARG B 229 -8.19 1.33 -4.09
CA ARG B 229 -8.24 1.44 -2.64
C ARG B 229 -9.31 0.52 -2.04
N GLU B 230 -10.51 0.53 -2.63
CA GLU B 230 -11.59 -0.32 -2.13
C GLU B 230 -11.26 -1.80 -2.24
N CYS B 231 -10.70 -2.22 -3.37
CA CYS B 231 -10.37 -3.64 -3.54
C CYS B 231 -9.32 -4.08 -2.55
N ILE B 232 -8.38 -3.20 -2.23
CA ILE B 232 -7.33 -3.53 -1.26
C ILE B 232 -7.95 -3.64 0.13
N SER B 233 -8.83 -2.69 0.46
CA SER B 233 -9.50 -2.69 1.75
C SER B 233 -10.30 -3.99 1.95
N LEU B 234 -10.99 -4.42 0.90
CA LEU B 234 -11.77 -5.65 0.94
C LEU B 234 -10.85 -6.86 1.07
N ARG B 235 -9.79 -6.88 0.27
CA ARG B 235 -8.80 -7.95 0.28
C ARG B 235 -8.31 -8.25 1.70
N ARG B 236 -8.13 -7.21 2.50
CA ARG B 236 -7.66 -7.36 3.88
C ARG B 236 -8.68 -7.98 4.82
N LYS B 237 -9.94 -8.04 4.39
CA LYS B 237 -11.00 -8.57 5.25
C LYS B 237 -11.69 -9.83 4.73
N THR B 238 -11.10 -10.49 3.75
CA THR B 238 -11.71 -11.70 3.23
C THR B 238 -10.65 -12.66 2.71
N ASP B 239 -10.99 -13.93 2.64
CA ASP B 239 -10.04 -14.92 2.15
C ASP B 239 -10.51 -15.50 0.82
N ILE B 240 -11.54 -14.90 0.23
CA ILE B 240 -12.06 -15.34 -1.06
C ILE B 240 -11.05 -14.98 -2.14
N PRO B 241 -10.89 -15.85 -3.16
CA PRO B 241 -9.92 -15.52 -4.21
C PRO B 241 -10.47 -14.31 -4.96
N ILE B 242 -9.60 -13.37 -5.28
CA ILE B 242 -10.01 -12.17 -6.00
C ILE B 242 -9.33 -12.07 -7.36
N ILE B 243 -10.13 -11.75 -8.38
CA ILE B 243 -9.63 -11.62 -9.74
C ILE B 243 -9.84 -10.19 -10.20
N TYR B 244 -8.78 -9.57 -10.74
CA TYR B 244 -8.90 -8.21 -11.24
C TYR B 244 -9.28 -8.26 -12.70
N ASP B 245 -10.19 -7.38 -13.09
CA ASP B 245 -10.59 -7.29 -14.49
C ASP B 245 -10.49 -5.82 -14.87
N GLU B 246 -11.53 -5.04 -14.59
CA GLU B 246 -11.50 -3.61 -14.94
C GLU B 246 -10.25 -2.87 -14.45
N LEU B 247 -9.76 -3.23 -13.27
CA LEU B 247 -8.56 -2.55 -12.76
C LEU B 247 -7.27 -3.10 -13.33
N ALA B 248 -7.35 -4.25 -13.99
CA ALA B 248 -6.17 -4.84 -14.63
C ALA B 248 -6.17 -4.26 -16.05
N THR B 249 -5.31 -3.26 -16.28
CA THR B 249 -5.23 -2.62 -17.58
C THR B 249 -3.93 -2.96 -18.28
N ASN B 250 -2.93 -2.08 -18.23
CA ASN B 250 -1.66 -2.37 -18.87
C ASN B 250 -0.71 -3.14 -17.94
N GLU B 251 0.46 -3.50 -18.44
CA GLU B 251 1.41 -4.27 -17.65
C GLU B 251 1.82 -3.55 -16.36
N MET B 252 1.82 -2.22 -16.38
CA MET B 252 2.18 -1.46 -15.19
C MET B 252 1.18 -1.77 -14.06
N SER B 253 -0.09 -1.94 -14.41
CA SER B 253 -1.10 -2.23 -13.40
C SER B 253 -0.92 -3.65 -12.87
N ILE B 254 -0.45 -4.56 -13.71
CA ILE B 254 -0.26 -5.94 -13.26
C ILE B 254 0.88 -5.98 -12.22
N VAL B 255 1.95 -5.25 -12.47
CA VAL B 255 3.05 -5.21 -11.52
C VAL B 255 2.57 -4.62 -10.20
N LYS B 256 1.61 -3.69 -10.25
CA LYS B 256 1.08 -3.07 -9.04
C LYS B 256 0.27 -4.09 -8.24
N ILE B 257 -0.44 -4.99 -8.93
CA ILE B 257 -1.22 -6.01 -8.25
C ILE B 257 -0.25 -6.84 -7.41
N LEU B 258 0.88 -7.18 -7.99
CA LEU B 258 1.90 -7.96 -7.30
C LEU B 258 2.54 -7.20 -6.15
N ALA B 259 2.86 -5.93 -6.38
CA ALA B 259 3.46 -5.13 -5.31
C ALA B 259 2.52 -5.02 -4.12
N ASP B 260 1.22 -5.00 -4.39
CA ASP B 260 0.20 -4.88 -3.35
C ASP B 260 -0.39 -6.23 -2.89
N ASP B 261 0.08 -7.34 -3.47
CA ASP B 261 -0.45 -8.66 -3.11
C ASP B 261 -1.97 -8.52 -3.13
N ALA B 262 -2.46 -7.87 -4.19
CA ALA B 262 -3.88 -7.56 -4.33
C ALA B 262 -4.84 -8.62 -4.83
N ALA B 263 -4.36 -9.59 -5.59
CA ALA B 263 -5.26 -10.60 -6.15
C ALA B 263 -4.56 -11.93 -6.46
N GLU B 264 -5.36 -12.90 -6.88
CA GLU B 264 -4.88 -14.24 -7.23
C GLU B 264 -4.81 -14.46 -8.74
N GLY B 265 -5.33 -13.52 -9.50
CA GLY B 265 -5.31 -13.66 -10.95
C GLY B 265 -5.96 -12.49 -11.65
N ILE B 266 -6.00 -12.55 -12.98
CA ILE B 266 -6.61 -11.48 -13.75
C ILE B 266 -7.47 -11.99 -14.89
N ASP B 267 -8.33 -11.11 -15.37
CA ASP B 267 -9.18 -11.40 -16.51
C ASP B 267 -8.51 -10.53 -17.57
N LEU B 268 -7.68 -11.16 -18.40
CA LEU B 268 -6.95 -10.44 -19.43
C LEU B 268 -7.77 -10.25 -20.70
N LYS B 269 -8.31 -9.06 -20.88
CA LYS B 269 -9.09 -8.76 -22.08
C LYS B 269 -8.14 -8.07 -23.05
N ILE B 270 -7.98 -8.66 -24.23
CA ILE B 270 -7.07 -8.13 -25.24
C ILE B 270 -7.09 -6.61 -25.43
N SER B 271 -8.26 -6.05 -25.68
CA SER B 271 -8.35 -4.61 -25.91
C SER B 271 -8.14 -3.73 -24.68
N LYS B 272 -8.27 -4.32 -23.48
CA LYS B 272 -8.05 -3.57 -22.25
C LYS B 272 -6.55 -3.62 -21.91
N ALA B 273 -5.90 -4.71 -22.30
CA ALA B 273 -4.47 -4.87 -22.06
C ALA B 273 -3.67 -4.02 -23.04
N GLY B 274 -4.20 -3.85 -24.25
CA GLY B 274 -3.51 -3.06 -25.25
C GLY B 274 -3.02 -3.85 -26.46
N GLY B 275 -3.48 -5.10 -26.58
CA GLY B 275 -3.08 -5.92 -27.71
C GLY B 275 -2.36 -7.20 -27.32
N LEU B 276 -1.87 -7.93 -28.31
CA LEU B 276 -1.16 -9.18 -28.08
C LEU B 276 0.23 -8.98 -27.49
N THR B 277 0.88 -7.88 -27.84
CA THR B 277 2.21 -7.62 -27.30
C THR B 277 2.09 -7.37 -25.81
N ARG B 278 1.18 -6.50 -25.39
CA ARG B 278 1.02 -6.26 -23.97
C ARG B 278 0.43 -7.49 -23.29
N GLY B 279 -0.37 -8.25 -24.05
CA GLY B 279 -0.96 -9.46 -23.49
C GLY B 279 0.17 -10.42 -23.15
N ARG B 280 1.17 -10.48 -24.03
CA ARG B 280 2.32 -11.36 -23.80
C ARG B 280 3.09 -10.90 -22.56
N ARG B 281 3.30 -9.58 -22.45
CA ARG B 281 4.02 -9.03 -21.31
C ARG B 281 3.29 -9.42 -20.02
N GLN B 282 1.99 -9.15 -19.98
CA GLN B 282 1.19 -9.47 -18.81
C GLN B 282 1.14 -10.96 -18.51
N ARG B 283 1.06 -11.77 -19.56
CA ARG B 283 1.02 -13.21 -19.40
C ARG B 283 2.27 -13.66 -18.65
N ASP B 284 3.42 -13.17 -19.07
CA ASP B 284 4.68 -13.56 -18.43
C ASP B 284 4.77 -13.08 -16.99
N ILE B 285 4.24 -11.91 -16.70
CA ILE B 285 4.26 -11.41 -15.33
C ILE B 285 3.40 -12.34 -14.47
N CYS B 286 2.21 -12.68 -14.97
CA CYS B 286 1.31 -13.56 -14.23
C CYS B 286 1.87 -14.96 -14.02
N LEU B 287 2.42 -15.55 -15.07
CA LEU B 287 2.98 -16.90 -14.95
C LEU B 287 4.17 -16.94 -13.99
N ALA B 288 4.98 -15.88 -14.01
CA ALA B 288 6.14 -15.82 -13.12
C ALA B 288 5.68 -15.74 -11.66
N ALA B 289 4.53 -15.10 -11.43
CA ALA B 289 4.02 -14.93 -10.08
C ALA B 289 3.14 -16.07 -9.56
N GLY B 290 2.48 -16.78 -10.47
CA GLY B 290 1.59 -17.84 -10.03
C GLY B 290 0.14 -17.39 -10.11
N TYR B 291 -0.10 -16.30 -10.84
CA TYR B 291 -1.45 -15.76 -11.01
C TYR B 291 -2.18 -16.48 -12.13
N SER B 292 -3.48 -16.69 -11.95
CA SER B 292 -4.29 -17.34 -12.98
C SER B 292 -4.62 -16.29 -14.02
N VAL B 293 -4.92 -16.73 -15.24
CA VAL B 293 -5.22 -15.81 -16.32
C VAL B 293 -6.36 -16.31 -17.19
N SER B 294 -7.38 -15.48 -17.36
CA SER B 294 -8.49 -15.81 -18.24
C SER B 294 -8.29 -14.88 -19.42
N VAL B 295 -8.48 -15.38 -20.64
CA VAL B 295 -8.31 -14.51 -21.81
C VAL B 295 -9.68 -14.26 -22.41
N GLN B 296 -10.11 -13.01 -22.35
CA GLN B 296 -11.42 -12.63 -22.85
C GLN B 296 -11.30 -11.35 -23.66
N GLU B 297 -12.41 -10.67 -23.84
CA GLU B 297 -12.44 -9.42 -24.58
C GLU B 297 -13.61 -8.60 -24.05
N THR B 298 -13.50 -7.29 -24.15
CA THR B 298 -14.57 -6.42 -23.71
C THR B 298 -15.80 -6.86 -24.50
N CYS B 299 -15.60 -7.07 -25.80
CA CYS B 299 -16.63 -7.52 -26.74
C CYS B 299 -15.91 -7.66 -28.07
N GLY B 300 -16.54 -8.29 -29.06
CA GLY B 300 -15.88 -8.40 -30.34
C GLY B 300 -16.36 -9.50 -31.27
N SER B 301 -15.95 -9.38 -32.53
CA SER B 301 -16.31 -10.35 -33.55
C SER B 301 -15.20 -11.38 -33.75
N ASP B 302 -15.20 -12.01 -34.91
CA ASP B 302 -14.22 -13.04 -35.25
C ASP B 302 -12.76 -12.57 -35.21
N ILE B 303 -12.52 -11.32 -35.58
CA ILE B 303 -11.15 -10.81 -35.58
C ILE B 303 -10.66 -10.68 -34.15
N ALA B 304 -11.51 -10.16 -33.27
CA ALA B 304 -11.14 -10.02 -31.86
C ALA B 304 -10.94 -11.42 -31.25
N PHE B 305 -11.79 -12.36 -31.63
CA PHE B 305 -11.71 -13.71 -31.09
C PHE B 305 -10.41 -14.42 -31.51
N ALA B 306 -9.91 -14.10 -32.69
CA ALA B 306 -8.68 -14.71 -33.17
C ALA B 306 -7.53 -14.36 -32.22
N ALA B 307 -7.50 -13.11 -31.78
CA ALA B 307 -6.46 -12.65 -30.86
C ALA B 307 -6.58 -13.41 -29.53
N ILE B 308 -7.80 -13.53 -29.03
CA ILE B 308 -8.05 -14.24 -27.77
C ILE B 308 -7.49 -15.66 -27.84
N VAL B 309 -7.87 -16.38 -28.89
CA VAL B 309 -7.44 -17.76 -29.04
C VAL B 309 -5.93 -17.97 -29.13
N HIS B 310 -5.25 -17.17 -29.94
CA HIS B 310 -3.81 -17.30 -30.09
C HIS B 310 -3.05 -17.03 -28.80
N LEU B 311 -3.47 -16.01 -28.04
CA LEU B 311 -2.78 -15.73 -26.78
C LEU B 311 -3.05 -16.85 -25.78
N ALA B 312 -4.30 -17.28 -25.68
CA ALA B 312 -4.69 -18.33 -24.74
C ALA B 312 -4.01 -19.67 -25.03
N GLN B 313 -3.69 -19.90 -26.30
CA GLN B 313 -3.06 -21.15 -26.69
C GLN B 313 -1.60 -21.22 -26.24
N THR B 314 -1.12 -20.17 -25.59
CA THR B 314 0.26 -20.13 -25.10
C THR B 314 0.33 -20.12 -23.58
N ILE B 315 -0.82 -20.27 -22.94
CA ILE B 315 -0.89 -20.27 -21.48
C ILE B 315 -1.11 -21.69 -20.97
N PRO B 316 -0.16 -22.21 -20.20
CA PRO B 316 -0.28 -23.58 -19.66
C PRO B 316 -1.66 -23.77 -19.02
N GLU B 317 -2.26 -24.92 -19.30
CA GLU B 317 -3.58 -25.27 -18.81
C GLU B 317 -3.81 -24.99 -17.33
N ARG B 318 -2.81 -25.31 -16.51
CA ARG B 318 -2.92 -25.09 -15.07
C ARG B 318 -3.15 -23.64 -14.66
N SER B 319 -2.69 -22.71 -15.50
CA SER B 319 -2.82 -21.28 -15.24
C SER B 319 -3.98 -20.60 -15.96
N LEU B 320 -4.52 -21.26 -16.99
CA LEU B 320 -5.62 -20.68 -17.75
C LEU B 320 -6.97 -20.86 -17.08
N ARG B 321 -7.82 -19.84 -17.18
CA ARG B 321 -9.15 -19.92 -16.60
C ARG B 321 -10.18 -19.60 -17.67
N CYS B 322 -10.21 -20.43 -18.70
CA CYS B 322 -11.13 -20.30 -19.83
C CYS B 322 -10.88 -19.07 -20.69
N ILE B 323 -11.58 -19.04 -21.81
CA ILE B 323 -11.50 -17.92 -22.74
C ILE B 323 -12.94 -17.55 -23.03
N LEU B 324 -13.16 -16.35 -23.53
CA LEU B 324 -14.51 -15.92 -23.85
C LEU B 324 -14.71 -15.92 -25.35
N GLU B 325 -15.74 -16.62 -25.82
CA GLU B 325 -16.00 -16.60 -27.25
C GLU B 325 -16.84 -15.35 -27.45
N CYS B 326 -16.16 -14.21 -27.56
CA CYS B 326 -16.81 -12.92 -27.71
C CYS B 326 -17.77 -12.82 -28.90
N ARG B 327 -17.46 -13.53 -29.98
CA ARG B 327 -18.31 -13.47 -31.16
C ARG B 327 -19.73 -13.99 -30.95
N ASP B 328 -19.93 -14.79 -29.92
CA ASP B 328 -21.27 -15.32 -29.66
C ASP B 328 -22.14 -14.22 -29.08
N MET B 329 -21.53 -13.06 -28.80
CA MET B 329 -22.23 -11.91 -28.26
C MET B 329 -22.89 -11.11 -29.39
N VAL B 330 -22.50 -11.39 -30.62
CA VAL B 330 -23.04 -10.67 -31.76
C VAL B 330 -23.59 -11.58 -32.85
N THR B 331 -24.26 -10.99 -33.83
CA THR B 331 -24.88 -11.76 -34.91
C THR B 331 -24.25 -11.56 -36.29
N VAL B 332 -23.17 -10.77 -36.36
CA VAL B 332 -22.51 -10.51 -37.62
C VAL B 332 -21.11 -11.13 -37.67
N LYS B 333 -20.84 -11.92 -38.70
CA LYS B 333 -19.55 -12.57 -38.86
C LYS B 333 -18.67 -11.65 -39.70
N THR B 334 -17.48 -11.34 -39.19
CA THR B 334 -16.56 -10.44 -39.87
C THR B 334 -15.39 -11.12 -40.55
N ALA B 335 -15.19 -12.40 -40.29
CA ALA B 335 -14.07 -13.11 -40.89
C ALA B 335 -14.24 -14.62 -40.82
N ASP B 336 -13.56 -15.30 -41.73
CA ASP B 336 -13.59 -16.76 -41.78
C ASP B 336 -12.26 -17.31 -41.30
N GLY B 337 -12.29 -18.53 -40.77
CA GLY B 337 -11.08 -19.16 -40.28
C GLY B 337 -11.43 -20.39 -39.48
N ALA B 338 -10.44 -21.26 -39.27
CA ALA B 338 -10.66 -22.48 -38.51
C ALA B 338 -10.74 -22.18 -37.02
N PHE B 339 -11.90 -21.69 -36.58
CA PHE B 339 -12.12 -21.36 -35.19
C PHE B 339 -13.40 -22.00 -34.67
N ASP B 340 -13.81 -23.09 -35.31
CA ASP B 340 -15.02 -23.79 -34.92
C ASP B 340 -14.95 -24.33 -33.49
N ILE B 341 -16.02 -24.11 -32.74
CA ILE B 341 -16.10 -24.57 -31.35
C ILE B 341 -16.52 -26.03 -31.32
N GLN B 342 -15.88 -26.80 -30.45
CA GLN B 342 -16.19 -28.22 -30.30
C GLN B 342 -16.52 -28.59 -28.86
N ASP B 343 -17.83 -28.66 -28.57
CA ASP B 343 -18.32 -29.02 -27.26
C ASP B 343 -17.79 -28.14 -26.13
N GLY B 344 -17.81 -26.83 -26.37
CA GLY B 344 -17.35 -25.89 -25.36
C GLY B 344 -15.85 -25.68 -25.29
N PHE B 345 -15.14 -26.04 -26.35
CA PHE B 345 -13.69 -25.89 -26.41
C PHE B 345 -13.25 -25.35 -27.78
N ALA B 346 -12.13 -24.63 -27.78
CA ALA B 346 -11.59 -24.08 -29.01
C ALA B 346 -10.09 -24.33 -29.03
N THR B 347 -9.47 -24.11 -30.18
CA THR B 347 -8.02 -24.28 -30.33
C THR B 347 -7.57 -23.28 -31.40
N ALA B 348 -6.31 -22.86 -31.32
CA ALA B 348 -5.79 -21.92 -32.30
C ALA B 348 -5.50 -22.63 -33.62
N PRO B 349 -5.82 -21.98 -34.75
CA PRO B 349 -5.56 -22.58 -36.06
C PRO B 349 -4.07 -22.78 -36.30
N THR B 350 -3.73 -23.54 -37.34
CA THR B 350 -2.34 -23.82 -37.65
C THR B 350 -1.83 -23.09 -38.89
N THR B 351 -2.65 -22.18 -39.40
CA THR B 351 -2.26 -21.40 -40.57
C THR B 351 -1.50 -20.15 -40.12
N PRO B 352 -0.74 -19.53 -41.04
CA PRO B 352 0.04 -18.32 -40.73
C PRO B 352 -0.78 -17.16 -40.19
N GLY B 353 -0.13 -16.31 -39.39
CA GLY B 353 -0.81 -15.16 -38.81
C GLY B 353 -1.92 -15.53 -37.86
N LEU B 354 -2.96 -14.68 -37.80
CA LEU B 354 -4.09 -14.93 -36.93
C LEU B 354 -4.95 -16.07 -37.48
N GLY B 355 -4.77 -16.38 -38.76
CA GLY B 355 -5.54 -17.45 -39.38
C GLY B 355 -6.95 -17.04 -39.74
N ILE B 356 -7.15 -15.76 -40.04
CA ILE B 356 -8.46 -15.26 -40.41
C ILE B 356 -8.45 -14.64 -41.79
N MET B 357 -9.62 -14.66 -42.43
CA MET B 357 -9.77 -14.08 -43.76
C MET B 357 -11.03 -13.22 -43.67
N PRO B 358 -10.86 -11.91 -43.53
CA PRO B 358 -11.97 -10.95 -43.41
C PRO B 358 -12.99 -10.95 -44.54
N ARG B 359 -14.25 -10.76 -44.16
CA ARG B 359 -15.33 -10.68 -45.14
C ARG B 359 -15.44 -9.20 -45.45
N LEU B 360 -14.73 -8.77 -46.50
CA LEU B 360 -14.68 -7.38 -46.90
C LEU B 360 -16.03 -6.71 -47.11
N ASP B 361 -17.05 -7.49 -47.46
CA ASP B 361 -18.37 -6.91 -47.68
C ASP B 361 -19.04 -6.49 -46.38
N VAL B 362 -18.64 -7.11 -45.28
CA VAL B 362 -19.20 -6.77 -43.97
C VAL B 362 -18.50 -5.55 -43.37
N LEU B 363 -17.21 -5.43 -43.67
CA LEU B 363 -16.40 -4.33 -43.15
C LEU B 363 -16.70 -2.98 -43.80
N GLY B 364 -17.18 -3.01 -45.04
CA GLY B 364 -17.49 -1.77 -45.72
C GLY B 364 -16.24 -1.02 -46.16
N GLU B 365 -16.39 0.28 -46.38
CA GLU B 365 -15.27 1.11 -46.80
C GLU B 365 -14.60 1.79 -45.60
N ALA B 366 -13.31 2.05 -45.74
CA ALA B 366 -12.54 2.69 -44.68
C ALA B 366 -13.13 4.03 -44.28
N VAL B 367 -13.26 4.26 -42.98
CA VAL B 367 -13.79 5.51 -42.46
C VAL B 367 -12.63 6.45 -42.18
N ALA B 368 -11.41 5.92 -42.29
CA ALA B 368 -10.20 6.70 -42.06
C ALA B 368 -9.03 5.93 -42.67
N SER B 369 -8.04 6.65 -43.18
CA SER B 369 -6.87 6.04 -43.78
C SER B 369 -5.65 6.89 -43.49
N TYR B 370 -4.51 6.23 -43.29
CA TYR B 370 -3.26 6.90 -42.98
C TYR B 370 -2.12 6.31 -43.81
N ASP C 3 -36.47 27.42 -12.93
CA ASP C 3 -36.21 26.08 -13.54
C ASP C 3 -35.45 26.24 -14.86
N LEU C 4 -34.30 25.57 -14.95
CA LEU C 4 -33.46 25.63 -16.14
C LEU C 4 -33.12 24.27 -16.71
N LYS C 5 -32.89 24.25 -18.02
CA LYS C 5 -32.53 23.01 -18.70
C LYS C 5 -31.51 23.28 -19.80
N ILE C 6 -30.59 22.33 -19.99
CA ILE C 6 -29.60 22.47 -21.04
C ILE C 6 -30.36 22.22 -22.35
N ALA C 7 -30.26 23.16 -23.29
CA ALA C 7 -30.95 23.02 -24.56
C ALA C 7 -29.99 22.63 -25.68
N ARG C 8 -28.78 23.18 -25.62
CA ARG C 8 -27.80 22.90 -26.65
C ARG C 8 -26.37 22.96 -26.13
N ILE C 9 -25.52 22.17 -26.77
CA ILE C 9 -24.10 22.13 -26.43
C ILE C 9 -23.35 22.24 -27.74
N ASP C 10 -22.61 23.33 -27.91
CA ASP C 10 -21.84 23.54 -29.13
C ASP C 10 -20.36 23.44 -28.83
N VAL C 11 -19.62 22.84 -29.75
CA VAL C 11 -18.19 22.66 -29.62
C VAL C 11 -17.42 23.48 -30.65
N PHE C 12 -16.47 24.28 -30.16
CA PHE C 12 -15.64 25.12 -31.02
C PHE C 12 -14.19 24.67 -30.90
N GLN C 13 -13.43 24.82 -31.98
CA GLN C 13 -12.02 24.43 -31.97
C GLN C 13 -11.22 25.67 -32.34
N VAL C 14 -10.13 25.91 -31.61
CA VAL C 14 -9.28 27.06 -31.89
C VAL C 14 -7.80 26.72 -31.77
N ASP C 15 -7.03 27.09 -32.79
CA ASP C 15 -5.59 26.84 -32.76
C ASP C 15 -4.94 27.97 -31.98
N LEU C 16 -4.23 27.62 -30.91
CA LEU C 16 -3.56 28.60 -30.07
C LEU C 16 -2.06 28.51 -30.26
N PRO C 17 -1.49 29.38 -31.12
CA PRO C 17 -0.04 29.33 -31.34
C PRO C 17 0.76 29.54 -30.06
N TYR C 18 1.79 28.71 -29.89
CA TYR C 18 2.66 28.76 -28.72
C TYR C 18 3.48 30.05 -28.69
N SER C 19 3.37 30.79 -27.60
CA SER C 19 4.09 32.06 -27.46
C SER C 19 5.61 31.91 -27.46
N GLY C 20 6.10 30.69 -27.28
CA GLY C 20 7.53 30.48 -27.27
C GLY C 20 8.06 29.95 -28.59
N GLY C 21 7.25 30.05 -29.65
CA GLY C 21 7.67 29.57 -30.96
C GLY C 21 7.40 28.09 -31.14
N VAL C 22 8.27 27.26 -30.56
CA VAL C 22 8.12 25.82 -30.65
C VAL C 22 8.59 25.14 -29.36
N TYR C 23 7.73 24.32 -28.78
CA TYR C 23 8.08 23.60 -27.56
C TYR C 23 8.52 22.20 -27.96
N TYR C 24 9.83 21.96 -27.94
CA TYR C 24 10.38 20.66 -28.32
C TYR C 24 10.05 19.59 -27.29
N LEU C 25 9.48 18.48 -27.78
CA LEU C 25 9.10 17.36 -26.91
C LEU C 25 8.10 17.81 -25.84
N SER C 33 1.73 25.05 -31.81
CA SER C 33 0.33 25.42 -31.60
C SER C 33 -0.39 24.39 -30.74
N PHE C 34 -1.39 24.85 -30.00
CA PHE C 34 -2.18 23.97 -29.14
C PHE C 34 -3.60 23.91 -29.68
N ASP C 35 -4.16 22.72 -29.70
CA ASP C 35 -5.51 22.50 -30.19
C ASP C 35 -6.51 22.66 -29.04
N ALA C 36 -7.15 23.82 -28.99
CA ALA C 36 -8.11 24.07 -27.92
C ALA C 36 -9.54 23.69 -28.28
N THR C 37 -10.27 23.21 -27.28
CA THR C 37 -11.67 22.85 -27.47
C THR C 37 -12.44 23.73 -26.50
N ILE C 38 -13.38 24.50 -27.04
CA ILE C 38 -14.19 25.40 -26.23
C ILE C 38 -15.66 25.02 -26.40
N VAL C 39 -16.36 24.90 -25.29
CA VAL C 39 -17.76 24.52 -25.33
C VAL C 39 -18.68 25.64 -24.86
N ARG C 40 -19.83 25.75 -25.52
CA ARG C 40 -20.83 26.73 -25.13
C ARG C 40 -22.10 25.94 -24.85
N ILE C 41 -22.64 26.13 -23.66
CA ILE C 41 -23.88 25.45 -23.30
C ILE C 41 -24.95 26.54 -23.26
N THR C 42 -26.06 26.31 -23.95
CA THR C 42 -27.15 27.27 -23.98
C THR C 42 -28.37 26.63 -23.31
N THR C 43 -28.97 27.35 -22.36
CA THR C 43 -30.15 26.81 -21.66
C THR C 43 -31.39 27.04 -22.50
N ASP C 44 -32.50 26.43 -22.08
CA ASP C 44 -33.76 26.58 -22.79
C ASP C 44 -34.18 28.05 -22.71
N THR C 45 -33.74 28.72 -21.63
CA THR C 45 -34.07 30.12 -21.44
C THR C 45 -33.08 31.06 -22.14
N GLY C 46 -32.07 30.48 -22.78
CA GLY C 46 -31.11 31.29 -23.51
C GLY C 46 -29.83 31.73 -22.81
N ILE C 47 -29.67 31.37 -21.54
CA ILE C 47 -28.44 31.75 -20.84
C ILE C 47 -27.30 30.94 -21.46
N GLU C 48 -26.15 31.57 -21.62
CA GLU C 48 -25.01 30.87 -22.22
C GLU C 48 -23.84 30.73 -21.26
N GLY C 49 -23.23 29.56 -21.26
CA GLY C 49 -22.08 29.31 -20.40
C GLY C 49 -20.93 28.80 -21.24
N TRP C 50 -19.71 29.14 -20.84
CA TRP C 50 -18.52 28.74 -21.58
C TRP C 50 -17.49 27.96 -20.76
N GLY C 51 -16.82 27.01 -21.43
CA GLY C 51 -15.80 26.20 -20.78
C GLY C 51 -14.70 25.83 -21.76
N GLU C 52 -13.55 25.40 -21.26
CA GLU C 52 -12.43 25.05 -22.12
C GLU C 52 -11.61 23.85 -21.64
N SER C 53 -11.08 23.09 -22.60
CA SER C 53 -10.21 21.96 -22.30
C SER C 53 -9.17 21.89 -23.42
N THR C 54 -7.93 22.24 -23.09
CA THR C 54 -6.84 22.26 -24.05
C THR C 54 -5.64 21.46 -23.56
N PRO C 55 -5.52 20.20 -24.01
CA PRO C 55 -4.41 19.33 -23.62
C PRO C 55 -3.05 19.90 -24.01
N PHE C 56 -2.03 19.59 -23.21
CA PHE C 56 -0.68 20.04 -23.49
C PHE C 56 -0.08 18.92 -24.33
N GLY C 57 -0.51 18.84 -25.58
CA GLY C 57 -0.03 17.78 -26.45
C GLY C 57 -0.60 16.49 -25.91
N SER C 58 0.10 15.38 -26.09
CA SER C 58 -0.40 14.09 -25.59
C SER C 58 0.76 13.21 -25.14
N ASN C 59 1.51 13.68 -24.16
CA ASN C 59 2.67 12.94 -23.66
C ASN C 59 2.65 12.60 -22.16
N TYR C 60 2.58 13.61 -21.31
CA TYR C 60 2.59 13.40 -19.86
C TYR C 60 1.34 12.73 -19.29
N ILE C 61 0.19 12.91 -19.96
CA ILE C 61 -1.03 12.27 -19.49
C ILE C 61 -1.87 11.72 -20.64
N ALA C 62 -2.73 10.75 -20.32
CA ALA C 62 -3.60 10.11 -21.30
C ALA C 62 -4.67 11.08 -21.77
N SER C 63 -4.28 12.03 -22.61
CA SER C 63 -5.21 13.03 -23.11
C SER C 63 -4.73 13.62 -24.42
N HIS C 64 -5.67 13.85 -25.34
CA HIS C 64 -5.35 14.46 -26.64
C HIS C 64 -6.59 15.20 -27.14
N PRO C 65 -6.38 16.31 -27.86
CA PRO C 65 -7.49 17.12 -28.40
C PRO C 65 -8.62 16.31 -29.06
N ARG C 66 -8.25 15.38 -29.95
CA ARG C 66 -9.27 14.55 -30.60
C ARG C 66 -10.06 13.76 -29.56
N GLY C 67 -9.40 13.36 -28.49
CA GLY C 67 -10.06 12.58 -27.45
C GLY C 67 -11.05 13.42 -26.66
N VAL C 68 -10.69 14.69 -26.44
CA VAL C 68 -11.56 15.60 -25.72
C VAL C 68 -12.88 15.74 -26.47
N ARG C 69 -12.80 16.01 -27.76
CA ARG C 69 -14.01 16.18 -28.56
C ARG C 69 -14.80 14.87 -28.73
N ALA C 70 -14.09 13.75 -28.85
CA ALA C 70 -14.79 12.47 -29.00
C ALA C 70 -15.55 12.16 -27.70
N GLY C 71 -14.97 12.54 -26.58
CA GLY C 71 -15.61 12.29 -25.29
C GLY C 71 -16.88 13.12 -25.18
N ILE C 72 -16.79 14.38 -25.58
CA ILE C 72 -17.95 15.26 -25.55
C ILE C 72 -19.05 14.70 -26.44
N ALA C 73 -18.67 14.19 -27.60
CA ALA C 73 -19.63 13.63 -28.53
C ALA C 73 -20.44 12.50 -27.88
N THR C 74 -19.72 11.61 -27.20
CA THR C 74 -20.36 10.49 -26.54
C THR C 74 -21.25 10.86 -25.36
N MET C 75 -20.85 11.88 -24.60
CA MET C 75 -21.61 12.30 -23.41
C MET C 75 -22.72 13.34 -23.62
N ALA C 76 -22.48 14.31 -24.49
CA ALA C 76 -23.41 15.40 -24.74
C ALA C 76 -24.90 15.08 -24.86
N PRO C 77 -25.26 14.10 -25.70
CA PRO C 77 -26.67 13.76 -25.87
C PRO C 77 -27.44 13.48 -24.58
N SER C 78 -26.79 12.80 -23.63
CA SER C 78 -27.45 12.46 -22.38
C SER C 78 -27.57 13.64 -21.41
N LEU C 79 -26.95 14.76 -21.75
CA LEU C 79 -26.99 15.93 -20.89
C LEU C 79 -28.12 16.90 -21.24
N ILE C 80 -28.61 16.83 -22.47
CA ILE C 80 -29.69 17.72 -22.89
C ILE C 80 -30.91 17.53 -21.99
N GLY C 81 -31.47 18.63 -21.48
CA GLY C 81 -32.62 18.55 -20.62
C GLY C 81 -32.34 18.62 -19.13
N LEU C 82 -31.08 18.44 -18.74
CA LEU C 82 -30.72 18.51 -17.33
C LEU C 82 -30.51 19.95 -16.89
N ASP C 83 -30.67 20.20 -15.60
CA ASP C 83 -30.48 21.53 -15.01
C ASP C 83 -28.99 21.76 -14.78
N PRO C 84 -28.39 22.71 -15.51
CA PRO C 84 -26.96 23.02 -15.38
C PRO C 84 -26.50 23.51 -14.02
N ARG C 85 -27.45 23.98 -13.21
CA ARG C 85 -27.11 24.49 -11.89
C ARG C 85 -26.81 23.35 -10.91
N ARG C 86 -27.32 22.16 -11.20
CA ARG C 86 -27.10 20.99 -10.35
C ARG C 86 -25.76 20.40 -10.76
N VAL C 87 -24.71 21.17 -10.56
CA VAL C 87 -23.37 20.76 -10.98
C VAL C 87 -22.93 19.35 -10.59
N ASP C 88 -23.17 18.95 -9.35
CA ASP C 88 -22.77 17.61 -8.94
C ASP C 88 -23.59 16.53 -9.65
N ARG C 89 -24.88 16.80 -9.89
CA ARG C 89 -25.73 15.84 -10.58
C ARG C 89 -25.34 15.77 -12.06
N ILE C 90 -24.83 16.88 -12.60
CA ILE C 90 -24.39 16.92 -13.98
C ILE C 90 -23.17 16.01 -14.12
N ASN C 91 -22.28 16.07 -13.14
CA ASN C 91 -21.08 15.23 -13.17
C ASN C 91 -21.47 13.76 -13.03
N ASP C 92 -22.48 13.49 -12.21
CA ASP C 92 -22.94 12.12 -12.04
C ASP C 92 -23.45 11.61 -13.39
N ALA C 93 -24.16 12.48 -14.11
CA ALA C 93 -24.71 12.12 -15.42
C ALA C 93 -23.58 11.86 -16.43
N MET C 94 -22.53 12.68 -16.38
CA MET C 94 -21.42 12.48 -17.31
C MET C 94 -20.72 11.17 -16.98
N ASP C 95 -20.60 10.87 -15.68
CA ASP C 95 -19.96 9.63 -15.24
C ASP C 95 -20.76 8.42 -15.70
N ASP C 96 -22.08 8.52 -15.66
CA ASP C 96 -22.94 7.42 -16.09
C ASP C 96 -22.81 7.17 -17.59
N ALA C 97 -22.47 8.23 -18.33
CA ALA C 97 -22.33 8.10 -19.77
C ALA C 97 -20.94 7.65 -20.21
N LEU C 98 -19.92 8.04 -19.44
CA LEU C 98 -18.54 7.69 -19.78
C LEU C 98 -17.63 7.75 -18.55
N LEU C 99 -16.89 6.67 -18.30
CA LEU C 99 -15.99 6.62 -17.16
C LEU C 99 -14.69 7.35 -17.50
N GLY C 100 -14.07 7.98 -16.50
CA GLY C 100 -12.84 8.70 -16.72
C GLY C 100 -13.03 9.88 -17.64
N HIS C 101 -12.09 10.09 -18.55
CA HIS C 101 -12.17 11.19 -19.51
C HIS C 101 -12.47 12.53 -18.86
N GLU C 102 -11.75 12.83 -17.78
CA GLU C 102 -11.95 14.09 -17.08
C GLU C 102 -11.70 15.26 -18.03
N ASP C 103 -10.79 15.07 -18.99
CA ASP C 103 -10.49 16.14 -19.93
C ASP C 103 -11.68 16.49 -20.82
N ALA C 104 -12.50 15.50 -21.13
CA ALA C 104 -13.69 15.72 -21.96
C ALA C 104 -14.81 16.33 -21.13
N LYS C 105 -14.90 15.93 -19.88
CA LYS C 105 -15.95 16.43 -18.98
C LYS C 105 -15.75 17.86 -18.53
N THR C 106 -14.49 18.29 -18.47
CA THR C 106 -14.15 19.63 -18.01
C THR C 106 -14.87 20.82 -18.64
N ALA C 107 -14.81 20.93 -19.96
CA ALA C 107 -15.44 22.07 -20.64
C ALA C 107 -16.93 22.19 -20.36
N ILE C 108 -17.61 21.04 -20.30
CA ILE C 108 -19.04 21.03 -20.02
C ILE C 108 -19.30 21.50 -18.59
N ASP C 109 -18.55 20.97 -17.63
CA ASP C 109 -18.73 21.36 -16.25
C ASP C 109 -18.50 22.86 -16.03
N VAL C 110 -17.39 23.36 -16.56
CA VAL C 110 -17.07 24.77 -16.40
C VAL C 110 -18.18 25.64 -16.99
N ALA C 111 -18.70 25.23 -18.15
CA ALA C 111 -19.78 25.97 -18.80
C ALA C 111 -21.02 26.00 -17.91
N CYS C 112 -21.29 24.91 -17.20
CA CYS C 112 -22.44 24.85 -16.31
C CYS C 112 -22.25 25.83 -15.15
N TRP C 113 -21.02 25.91 -14.64
CA TRP C 113 -20.74 26.84 -13.55
C TRP C 113 -20.95 28.29 -14.03
N ASP C 114 -20.55 28.57 -15.26
CA ASP C 114 -20.71 29.91 -15.82
C ASP C 114 -22.20 30.24 -15.85
N ILE C 115 -23.00 29.32 -16.36
CA ILE C 115 -24.45 29.52 -16.42
C ILE C 115 -25.01 29.69 -15.01
N PHE C 116 -24.56 28.83 -14.10
CA PHE C 116 -25.00 28.85 -12.71
C PHE C 116 -24.80 30.24 -12.09
N GLY C 117 -23.59 30.79 -12.21
CA GLY C 117 -23.31 32.10 -11.66
C GLY C 117 -24.10 33.22 -12.34
N LYS C 118 -24.23 33.14 -13.65
CA LYS C 118 -24.98 34.15 -14.38
C LYS C 118 -26.44 34.16 -13.95
N SER C 119 -27.00 32.98 -13.73
CA SER C 119 -28.40 32.84 -13.33
C SER C 119 -28.72 33.42 -11.95
N VAL C 120 -27.70 33.57 -11.11
CA VAL C 120 -27.91 34.14 -9.78
C VAL C 120 -27.10 35.43 -9.61
N GLY C 121 -26.52 35.91 -10.70
CA GLY C 121 -25.74 37.13 -10.67
C GLY C 121 -24.56 37.14 -9.71
N LEU C 122 -23.87 36.00 -9.60
CA LEU C 122 -22.72 35.91 -8.70
C LEU C 122 -21.51 35.34 -9.40
N PRO C 123 -20.31 35.79 -9.00
CA PRO C 123 -19.08 35.27 -9.61
C PRO C 123 -18.97 33.80 -9.18
N VAL C 124 -18.34 32.98 -10.00
CA VAL C 124 -18.20 31.57 -9.67
C VAL C 124 -17.53 31.33 -8.31
N CYS C 125 -16.49 32.10 -8.00
CA CYS C 125 -15.80 31.91 -6.73
C CYS C 125 -16.73 32.09 -5.53
N GLU C 126 -17.76 32.91 -5.68
CA GLU C 126 -18.69 33.11 -4.58
C GLU C 126 -19.59 31.89 -4.41
N LEU C 127 -19.85 31.16 -5.50
CA LEU C 127 -20.69 29.97 -5.42
C LEU C 127 -19.86 28.74 -5.03
N LEU C 128 -18.54 28.91 -5.05
CA LEU C 128 -17.64 27.82 -4.68
C LEU C 128 -17.25 27.91 -3.20
N GLY C 129 -18.02 28.68 -2.43
CA GLY C 129 -17.74 28.80 -1.01
C GLY C 129 -17.36 30.19 -0.52
N GLY C 130 -17.08 31.11 -1.45
CA GLY C 130 -16.71 32.46 -1.05
C GLY C 130 -15.27 32.82 -1.33
N ARG C 131 -15.04 34.00 -1.89
CA ARG C 131 -13.68 34.45 -2.21
C ARG C 131 -12.91 34.73 -0.93
N THR C 132 -11.59 34.50 -0.99
CA THR C 132 -10.72 34.81 0.14
C THR C 132 -10.37 36.27 -0.10
N ASN C 133 -9.71 36.92 0.87
CA ASN C 133 -9.34 38.31 0.71
C ASN C 133 -7.87 38.52 0.36
N THR C 134 -7.24 37.48 -0.15
CA THR C 134 -5.83 37.57 -0.53
C THR C 134 -5.67 37.40 -2.03
N ARG C 135 -4.56 37.89 -2.58
CA ARG C 135 -4.32 37.79 -4.00
C ARG C 135 -3.77 36.43 -4.38
N LEU C 136 -3.78 36.15 -5.69
CA LEU C 136 -3.31 34.88 -6.22
C LEU C 136 -1.95 35.04 -6.89
N PRO C 137 -0.89 34.53 -6.25
CA PRO C 137 0.46 34.64 -6.83
C PRO C 137 0.62 33.72 -8.04
N LEU C 138 1.33 34.23 -9.05
CA LEU C 138 1.60 33.46 -10.26
C LEU C 138 2.87 32.64 -10.10
N ILE C 139 2.91 31.48 -10.75
CA ILE C 139 4.09 30.63 -10.70
C ILE C 139 4.71 30.64 -12.10
N SER C 140 6.03 30.64 -12.16
CA SER C 140 6.71 30.67 -13.45
C SER C 140 6.92 29.26 -13.98
N SER C 141 7.30 29.17 -15.24
CA SER C 141 7.56 27.88 -15.88
C SER C 141 8.97 27.98 -16.47
N ILE C 142 9.93 27.43 -15.74
CA ILE C 142 11.34 27.47 -16.17
C ILE C 142 11.68 26.21 -16.96
N TYR C 143 11.50 26.27 -18.28
CA TYR C 143 11.79 25.12 -19.12
C TYR C 143 13.24 24.67 -18.99
N VAL C 144 13.49 23.39 -19.23
CA VAL C 144 14.82 22.83 -19.12
C VAL C 144 15.83 23.52 -20.03
N GLY C 145 17.04 23.69 -19.51
CA GLY C 145 18.10 24.33 -20.27
C GLY C 145 19.38 24.33 -19.46
N GLU C 146 20.40 25.03 -19.95
CA GLU C 146 21.67 25.12 -19.26
C GLU C 146 21.44 25.73 -17.89
N PRO C 147 22.17 25.26 -16.87
CA PRO C 147 22.02 25.78 -15.51
C PRO C 147 22.00 27.31 -15.41
N GLU C 148 22.97 27.97 -16.03
CA GLU C 148 23.02 29.42 -15.95
C GLU C 148 21.87 30.08 -16.69
N ASP C 149 21.36 29.42 -17.72
CA ASP C 149 20.24 29.94 -18.48
C ASP C 149 18.99 29.88 -17.60
N MET C 150 18.81 28.76 -16.91
CA MET C 150 17.66 28.59 -16.03
C MET C 150 17.74 29.59 -14.87
N ARG C 151 18.94 29.76 -14.33
CA ARG C 151 19.13 30.69 -13.23
C ARG C 151 18.72 32.11 -13.65
N ALA C 152 19.10 32.50 -14.86
CA ALA C 152 18.77 33.84 -15.36
C ALA C 152 17.28 34.04 -15.58
N ARG C 153 16.61 33.00 -16.08
CA ARG C 153 15.18 33.10 -16.33
C ARG C 153 14.41 33.15 -15.01
N VAL C 154 14.92 32.48 -14.00
CA VAL C 154 14.28 32.52 -12.68
C VAL C 154 14.39 33.96 -12.18
N ALA C 155 15.56 34.56 -12.35
CA ALA C 155 15.76 35.95 -11.92
C ALA C 155 14.81 36.90 -12.64
N LYS C 156 14.59 36.65 -13.92
CA LYS C 156 13.70 37.48 -14.72
C LYS C 156 12.28 37.47 -14.14
N TYR C 157 11.76 36.29 -13.83
CA TYR C 157 10.43 36.16 -13.26
C TYR C 157 10.34 36.73 -11.85
N ARG C 158 11.44 36.64 -11.10
CA ARG C 158 11.49 37.19 -9.75
C ARG C 158 11.39 38.70 -9.84
N ALA C 159 12.02 39.27 -10.86
CA ALA C 159 12.00 40.71 -11.08
C ALA C 159 10.60 41.18 -11.43
N LYS C 160 9.80 40.28 -12.01
CA LYS C 160 8.43 40.61 -12.38
C LYS C 160 7.47 40.42 -11.21
N GLY C 161 8.00 39.99 -10.07
CA GLY C 161 7.18 39.80 -8.90
C GLY C 161 6.63 38.41 -8.63
N TYR C 162 7.02 37.43 -9.44
CA TYR C 162 6.53 36.06 -9.24
C TYR C 162 7.04 35.52 -7.90
N LYS C 163 6.16 34.84 -7.17
CA LYS C 163 6.54 34.28 -5.87
C LYS C 163 6.57 32.75 -5.90
N GLY C 164 6.33 32.19 -7.08
CA GLY C 164 6.37 30.76 -7.24
C GLY C 164 7.18 30.46 -8.48
N GLN C 165 8.01 29.42 -8.43
CA GLN C 165 8.83 29.05 -9.58
C GLN C 165 8.82 27.55 -9.81
N SER C 166 8.57 27.14 -11.05
CA SER C 166 8.57 25.73 -11.38
C SER C 166 9.77 25.41 -12.26
N VAL C 167 10.73 24.71 -11.67
CA VAL C 167 11.97 24.33 -12.36
C VAL C 167 11.87 22.94 -12.98
N LYS C 168 11.89 22.88 -14.31
CA LYS C 168 11.80 21.63 -15.03
C LYS C 168 13.16 20.94 -15.14
N ILE C 169 13.14 19.62 -15.08
CA ILE C 169 14.37 18.84 -15.21
C ILE C 169 14.15 17.79 -16.28
N SER C 170 15.24 17.22 -16.79
CA SER C 170 15.16 16.25 -17.88
C SER C 170 15.21 14.77 -17.53
N GLY C 171 15.73 14.44 -16.36
CA GLY C 171 15.81 13.03 -15.98
C GLY C 171 17.24 12.55 -16.00
N GLU C 172 18.17 13.46 -16.22
CA GLU C 172 19.60 13.15 -16.22
C GLU C 172 20.09 13.73 -14.89
N PRO C 173 20.25 12.89 -13.87
CA PRO C 173 20.68 13.27 -12.52
C PRO C 173 21.85 14.25 -12.34
N VAL C 174 22.99 13.98 -12.96
CA VAL C 174 24.15 14.86 -12.80
C VAL C 174 23.87 16.28 -13.29
N THR C 175 23.40 16.40 -14.53
CA THR C 175 23.10 17.71 -15.08
C THR C 175 21.91 18.35 -14.36
N ASP C 176 20.91 17.55 -14.01
CA ASP C 176 19.75 18.10 -13.30
C ASP C 176 20.15 18.68 -11.93
N ALA C 177 21.10 18.04 -11.27
CA ALA C 177 21.53 18.55 -9.97
C ALA C 177 22.14 19.94 -10.15
N LYS C 178 22.93 20.11 -11.21
CA LYS C 178 23.55 21.39 -11.48
C LYS C 178 22.48 22.41 -11.84
N ARG C 179 21.48 21.98 -12.61
CA ARG C 179 20.39 22.85 -13.00
C ARG C 179 19.63 23.38 -11.79
N ILE C 180 19.27 22.48 -10.87
CA ILE C 180 18.55 22.86 -9.68
C ILE C 180 19.38 23.78 -8.79
N THR C 181 20.66 23.46 -8.63
CA THR C 181 21.53 24.27 -7.81
C THR C 181 21.61 25.69 -8.35
N ALA C 182 21.73 25.84 -9.66
CA ALA C 182 21.83 27.17 -10.25
C ALA C 182 20.48 27.90 -10.21
N ALA C 183 19.40 27.18 -10.52
CA ALA C 183 18.08 27.80 -10.54
C ALA C 183 17.64 28.36 -9.20
N LEU C 184 18.07 27.72 -8.11
CA LEU C 184 17.69 28.15 -6.77
C LEU C 184 18.75 29.01 -6.09
N ALA C 185 19.79 29.36 -6.83
CA ALA C 185 20.91 30.15 -6.30
C ALA C 185 20.54 31.31 -5.38
N ASN C 186 19.62 32.17 -5.80
CA ASN C 186 19.26 33.30 -4.94
C ASN C 186 17.82 33.23 -4.45
N GLN C 187 17.32 32.02 -4.20
CA GLN C 187 15.95 31.91 -3.74
C GLN C 187 15.71 32.69 -2.45
N GLN C 188 14.57 33.38 -2.39
CA GLN C 188 14.21 34.23 -1.26
C GLN C 188 13.21 33.57 -0.31
N PRO C 189 13.09 34.11 0.92
CA PRO C 189 12.18 33.60 1.94
C PRO C 189 10.69 33.64 1.56
N ASP C 190 10.34 34.53 0.62
CA ASP C 190 8.95 34.67 0.21
C ASP C 190 8.60 33.96 -1.09
N GLU C 191 9.45 33.02 -1.52
CA GLU C 191 9.22 32.29 -2.77
C GLU C 191 9.05 30.79 -2.56
N PHE C 192 8.20 30.18 -3.39
CA PHE C 192 7.95 28.74 -3.32
C PHE C 192 8.52 28.10 -4.58
N PHE C 193 9.46 27.17 -4.40
CA PHE C 193 10.09 26.49 -5.51
C PHE C 193 9.67 25.04 -5.70
N ILE C 194 9.39 24.70 -6.95
CA ILE C 194 9.00 23.36 -7.32
C ILE C 194 9.99 22.85 -8.36
N VAL C 195 10.41 21.61 -8.22
CA VAL C 195 11.28 20.98 -9.21
C VAL C 195 10.33 19.96 -9.78
N ASP C 196 9.99 20.12 -11.06
CA ASP C 196 9.03 19.24 -11.71
C ASP C 196 9.70 18.28 -12.70
N ALA C 197 9.65 16.99 -12.41
CA ALA C 197 10.24 15.97 -13.26
C ALA C 197 9.29 15.45 -14.33
N ASN C 198 8.02 15.83 -14.23
CA ASN C 198 7.01 15.37 -15.18
C ASN C 198 7.05 13.85 -15.35
N GLY C 199 7.32 13.15 -14.25
CA GLY C 199 7.39 11.70 -14.25
C GLY C 199 8.52 11.08 -15.05
N LYS C 200 9.56 11.86 -15.32
CA LYS C 200 10.70 11.37 -16.11
C LYS C 200 11.77 10.62 -15.34
N LEU C 201 11.64 10.56 -14.01
CA LEU C 201 12.64 9.87 -13.22
C LEU C 201 12.22 8.46 -12.81
N SER C 202 13.15 7.53 -12.89
CA SER C 202 12.87 6.17 -12.44
C SER C 202 13.23 6.32 -10.96
N VAL C 203 12.93 5.32 -10.13
CA VAL C 203 13.27 5.47 -8.72
C VAL C 203 14.80 5.57 -8.61
N GLU C 204 15.50 4.78 -9.42
CA GLU C 204 16.96 4.80 -9.44
C GLU C 204 17.49 6.21 -9.70
N THR C 205 17.04 6.81 -10.79
CA THR C 205 17.49 8.15 -11.18
C THR C 205 17.07 9.19 -10.16
N ALA C 206 15.89 9.02 -9.56
CA ALA C 206 15.41 9.96 -8.56
C ALA C 206 16.31 9.93 -7.32
N LEU C 207 16.66 8.72 -6.88
CA LEU C 207 17.53 8.58 -5.70
C LEU C 207 18.91 9.17 -5.99
N ARG C 208 19.42 8.94 -7.20
CA ARG C 208 20.72 9.46 -7.60
C ARG C 208 20.72 10.99 -7.57
N LEU C 209 19.66 11.59 -8.12
CA LEU C 209 19.57 13.04 -8.15
C LEU C 209 19.53 13.63 -6.73
N LEU C 210 18.67 13.08 -5.88
CA LEU C 210 18.54 13.60 -4.52
C LEU C 210 19.83 13.49 -3.72
N ARG C 211 20.56 12.40 -3.92
CA ARG C 211 21.81 12.17 -3.21
C ARG C 211 22.91 13.12 -3.69
N LEU C 212 22.80 13.56 -4.94
CA LEU C 212 23.77 14.47 -5.53
C LEU C 212 23.59 15.92 -5.12
N LEU C 213 22.37 16.31 -4.82
CA LEU C 213 22.09 17.69 -4.46
C LEU C 213 22.82 18.16 -3.20
N PRO C 214 23.31 19.42 -3.22
CA PRO C 214 24.02 19.95 -2.07
C PRO C 214 22.99 20.35 -1.02
N HIS C 215 23.43 20.56 0.22
CA HIS C 215 22.52 20.95 1.28
C HIS C 215 22.07 22.41 1.13
N GLY C 216 20.87 22.71 1.59
CA GLY C 216 20.36 24.08 1.53
C GLY C 216 19.42 24.47 0.41
N LEU C 217 19.07 23.52 -0.45
CA LEU C 217 18.16 23.81 -1.56
C LEU C 217 16.74 23.58 -1.08
N ASP C 218 15.95 24.65 -1.04
CA ASP C 218 14.58 24.58 -0.56
C ASP C 218 13.55 24.45 -1.67
N PHE C 219 12.97 23.26 -1.81
CA PHE C 219 11.96 23.03 -2.84
C PHE C 219 11.11 21.79 -2.58
N ALA C 220 10.06 21.65 -3.38
CA ALA C 220 9.17 20.49 -3.30
C ALA C 220 9.35 19.77 -4.63
N LEU C 221 9.33 18.44 -4.62
CA LEU C 221 9.50 17.64 -5.82
C LEU C 221 8.16 17.22 -6.42
N GLU C 222 7.86 17.71 -7.62
CA GLU C 222 6.60 17.38 -8.28
C GLU C 222 6.75 16.27 -9.33
N ALA C 223 5.80 15.33 -9.31
CA ALA C 223 5.76 14.20 -10.24
C ALA C 223 7.10 13.55 -10.52
N PRO C 224 7.76 13.03 -9.48
CA PRO C 224 9.07 12.39 -9.67
C PRO C 224 9.10 11.22 -10.65
N CYS C 225 8.16 10.30 -10.49
CA CYS C 225 8.10 9.10 -11.33
C CYS C 225 6.77 8.92 -12.07
N ALA C 226 6.80 8.10 -13.11
CA ALA C 226 5.63 7.86 -13.96
C ALA C 226 4.49 7.06 -13.37
N THR C 227 4.78 6.12 -12.49
CA THR C 227 3.73 5.28 -11.92
C THR C 227 3.57 5.43 -10.41
N TRP C 228 2.41 5.00 -9.93
CA TRP C 228 2.09 5.08 -8.51
C TRP C 228 3.08 4.26 -7.69
N ARG C 229 3.31 3.01 -8.10
CA ARG C 229 4.24 2.13 -7.40
C ARG C 229 5.62 2.78 -7.26
N GLU C 230 6.10 3.39 -8.34
CA GLU C 230 7.41 4.02 -8.31
C GLU C 230 7.44 5.18 -7.33
N CYS C 231 6.41 6.03 -7.36
CA CYS C 231 6.36 7.17 -6.47
C CYS C 231 6.28 6.75 -5.01
N ILE C 232 5.57 5.65 -4.73
CA ILE C 232 5.48 5.16 -3.36
C ILE C 232 6.84 4.62 -2.94
N SER C 233 7.49 3.90 -3.86
CA SER C 233 8.81 3.34 -3.58
C SER C 233 9.79 4.46 -3.24
N LEU C 234 9.74 5.55 -4.01
CA LEU C 234 10.62 6.69 -3.77
C LEU C 234 10.28 7.37 -2.44
N ARG C 235 8.99 7.54 -2.18
CA ARG C 235 8.50 8.17 -0.94
C ARG C 235 9.11 7.53 0.30
N ARG C 236 9.27 6.21 0.25
CA ARG C 236 9.82 5.46 1.37
C ARG C 236 11.30 5.70 1.60
N LYS C 237 11.98 6.26 0.59
CA LYS C 237 13.42 6.48 0.67
C LYS C 237 13.89 7.94 0.66
N THR C 238 12.98 8.88 0.86
CA THR C 238 13.35 10.29 0.87
C THR C 238 12.43 11.11 1.76
N ASP C 239 12.94 12.22 2.26
CA ASP C 239 12.15 13.11 3.13
C ASP C 239 11.80 14.42 2.43
N ILE C 240 12.02 14.47 1.12
CA ILE C 240 11.71 15.67 0.35
C ILE C 240 10.19 15.77 0.18
N PRO C 241 9.62 16.99 0.21
CA PRO C 241 8.17 17.06 0.02
C PRO C 241 7.88 16.60 -1.39
N ILE C 242 6.80 15.83 -1.57
CA ILE C 242 6.41 15.34 -2.88
C ILE C 242 5.04 15.89 -3.25
N ILE C 243 4.91 16.34 -4.50
CA ILE C 243 3.66 16.89 -5.01
C ILE C 243 3.20 16.03 -6.18
N TYR C 244 1.95 15.61 -6.15
CA TYR C 244 1.43 14.80 -7.25
C TYR C 244 0.80 15.72 -8.30
N ASP C 245 1.08 15.44 -9.57
CA ASP C 245 0.49 16.21 -10.66
C ASP C 245 -0.18 15.22 -11.61
N GLU C 246 0.61 14.66 -12.53
CA GLU C 246 0.09 13.70 -13.50
C GLU C 246 -0.70 12.56 -12.85
N LEU C 247 -0.28 12.12 -11.67
CA LEU C 247 -0.98 11.03 -11.02
C LEU C 247 -2.18 11.49 -10.22
N ALA C 248 -2.29 12.79 -10.00
CA ALA C 248 -3.45 13.35 -9.30
C ALA C 248 -4.45 13.62 -10.40
N THR C 249 -5.46 12.76 -10.52
CA THR C 249 -6.46 12.92 -11.57
C THR C 249 -7.80 13.33 -10.99
N ASN C 250 -8.70 12.37 -10.79
CA ASN C 250 -10.00 12.67 -10.21
C ASN C 250 -9.96 12.59 -8.69
N GLU C 251 -11.10 12.83 -8.03
CA GLU C 251 -11.14 12.80 -6.58
C GLU C 251 -10.80 11.44 -6.00
N MET C 252 -11.10 10.37 -6.74
CA MET C 252 -10.79 9.04 -6.24
C MET C 252 -9.27 8.89 -6.09
N SER C 253 -8.51 9.51 -6.98
CA SER C 253 -7.05 9.43 -6.89
C SER C 253 -6.52 10.23 -5.70
N ILE C 254 -7.18 11.33 -5.37
CA ILE C 254 -6.73 12.13 -4.24
C ILE C 254 -6.93 11.37 -2.93
N VAL C 255 -8.03 10.63 -2.81
CA VAL C 255 -8.28 9.86 -1.60
C VAL C 255 -7.21 8.77 -1.50
N LYS C 256 -6.75 8.28 -2.65
CA LYS C 256 -5.73 7.24 -2.67
C LYS C 256 -4.40 7.80 -2.17
N ILE C 257 -4.13 9.08 -2.47
CA ILE C 257 -2.90 9.72 -2.01
C ILE C 257 -2.92 9.69 -0.47
N LEU C 258 -4.06 10.03 0.11
CA LEU C 258 -4.22 10.05 1.55
C LEU C 258 -4.10 8.66 2.15
N ALA C 259 -4.75 7.69 1.50
CA ALA C 259 -4.71 6.32 1.97
C ALA C 259 -3.29 5.78 2.01
N ASP C 260 -2.47 6.20 1.05
CA ASP C 260 -1.09 5.74 0.96
C ASP C 260 -0.07 6.70 1.60
N ASP C 261 -0.55 7.82 2.15
CA ASP C 261 0.35 8.83 2.75
C ASP C 261 1.45 9.09 1.72
N ALA C 262 1.03 9.25 0.47
CA ALA C 262 1.95 9.39 -0.66
C ALA C 262 2.57 10.75 -0.99
N ALA C 263 1.96 11.83 -0.54
CA ALA C 263 2.49 13.15 -0.88
C ALA C 263 2.08 14.21 0.13
N GLU C 264 2.55 15.44 -0.10
CA GLU C 264 2.26 16.59 0.74
C GLU C 264 1.31 17.57 0.07
N GLY C 265 1.04 17.36 -1.21
CA GLY C 265 0.14 18.25 -1.92
C GLY C 265 -0.07 17.85 -3.36
N ILE C 266 -0.87 18.62 -4.09
CA ILE C 266 -1.13 18.31 -5.47
C ILE C 266 -1.09 19.54 -6.35
N ASP C 267 -0.89 19.30 -7.64
CA ASP C 267 -0.91 20.35 -8.64
C ASP C 267 -2.27 20.10 -9.28
N LEU C 268 -3.27 20.87 -8.85
CA LEU C 268 -4.62 20.70 -9.37
C LEU C 268 -4.79 21.45 -10.68
N LYS C 269 -4.89 20.69 -11.77
CA LYS C 269 -5.11 21.26 -13.09
C LYS C 269 -6.58 21.00 -13.41
N ILE C 270 -7.31 22.07 -13.71
CA ILE C 270 -8.74 21.98 -13.97
C ILE C 270 -9.16 20.87 -14.93
N SER C 271 -8.55 20.81 -16.11
CA SER C 271 -8.94 19.78 -17.08
C SER C 271 -8.48 18.37 -16.74
N LYS C 272 -7.54 18.22 -15.82
CA LYS C 272 -7.08 16.89 -15.41
C LYS C 272 -7.99 16.43 -14.29
N ALA C 273 -8.45 17.38 -13.48
CA ALA C 273 -9.35 17.10 -12.37
C ALA C 273 -10.75 16.76 -12.90
N GLY C 274 -11.12 17.40 -14.00
CA GLY C 274 -12.44 17.14 -14.58
C GLY C 274 -13.40 18.32 -14.51
N GLY C 275 -12.89 19.51 -14.18
CA GLY C 275 -13.75 20.67 -14.10
C GLY C 275 -13.75 21.35 -12.75
N LEU C 276 -14.60 22.35 -12.57
CA LEU C 276 -14.69 23.07 -11.30
C LEU C 276 -15.40 22.27 -10.21
N THR C 277 -16.35 21.43 -10.59
CA THR C 277 -17.04 20.63 -9.57
C THR C 277 -16.05 19.65 -8.94
N ARG C 278 -15.31 18.93 -9.77
CA ARG C 278 -14.33 17.99 -9.21
C ARG C 278 -13.20 18.76 -8.55
N GLY C 279 -12.97 20.00 -9.02
CA GLY C 279 -11.94 20.82 -8.43
C GLY C 279 -12.32 21.14 -6.99
N ARG C 280 -13.61 21.40 -6.77
CA ARG C 280 -14.12 21.70 -5.43
C ARG C 280 -14.03 20.45 -4.55
N ARG C 281 -14.38 19.31 -5.12
CA ARG C 281 -14.33 18.06 -4.35
C ARG C 281 -12.91 17.82 -3.87
N GLN C 282 -11.95 17.97 -4.79
CA GLN C 282 -10.55 17.76 -4.48
C GLN C 282 -10.01 18.82 -3.53
N ARG C 283 -10.43 20.07 -3.74
CA ARG C 283 -10.00 21.16 -2.87
C ARG C 283 -10.35 20.81 -1.43
N ASP C 284 -11.57 20.36 -1.22
CA ASP C 284 -12.00 20.03 0.13
C ASP C 284 -11.27 18.84 0.74
N ILE C 285 -10.98 17.83 -0.07
CA ILE C 285 -10.24 16.66 0.45
C ILE C 285 -8.86 17.16 0.90
N CYS C 286 -8.19 17.93 0.05
CA CYS C 286 -6.88 18.46 0.38
C CYS C 286 -6.87 19.38 1.61
N LEU C 287 -7.81 20.31 1.69
CA LEU C 287 -7.87 21.22 2.83
C LEU C 287 -8.14 20.45 4.12
N ALA C 288 -8.99 19.43 4.05
CA ALA C 288 -9.30 18.63 5.23
C ALA C 288 -8.06 17.88 5.73
N ALA C 289 -7.19 17.50 4.81
CA ALA C 289 -5.99 16.74 5.15
C ALA C 289 -4.76 17.58 5.47
N GLY C 290 -4.72 18.80 4.95
CA GLY C 290 -3.57 19.65 5.18
C GLY C 290 -2.61 19.59 4.00
N TYR C 291 -3.12 19.17 2.84
CA TYR C 291 -2.31 19.08 1.63
C TYR C 291 -2.29 20.44 0.95
N SER C 292 -1.18 20.79 0.33
CA SER C 292 -1.09 22.07 -0.38
C SER C 292 -1.72 21.88 -1.74
N VAL C 293 -2.18 22.98 -2.34
CA VAL C 293 -2.82 22.90 -3.64
C VAL C 293 -2.39 24.04 -4.56
N SER C 294 -1.88 23.69 -5.74
CA SER C 294 -1.52 24.71 -6.72
C SER C 294 -2.65 24.58 -7.74
N VAL C 295 -3.10 25.69 -8.32
CA VAL C 295 -4.17 25.58 -9.31
C VAL C 295 -3.60 25.99 -10.65
N GLN C 296 -3.57 25.03 -11.57
CA GLN C 296 -3.01 25.27 -12.89
C GLN C 296 -3.85 24.64 -13.99
N GLU C 297 -3.24 24.50 -15.16
CA GLU C 297 -3.92 23.90 -16.30
C GLU C 297 -2.86 23.31 -17.22
N THR C 298 -3.24 22.27 -17.96
CA THR C 298 -2.33 21.64 -18.91
C THR C 298 -1.86 22.70 -19.89
N CYS C 299 -2.81 23.53 -20.33
CA CYS C 299 -2.60 24.62 -21.27
C CYS C 299 -3.97 25.26 -21.41
N GLY C 300 -4.05 26.42 -22.04
CA GLY C 300 -5.37 27.04 -22.19
C GLY C 300 -5.36 28.52 -22.43
N SER C 301 -6.46 29.02 -22.97
CA SER C 301 -6.61 30.44 -23.26
C SER C 301 -7.23 31.17 -22.07
N ASP C 302 -7.88 32.30 -22.36
CA ASP C 302 -8.52 33.11 -21.35
C ASP C 302 -9.66 32.40 -20.63
N ILE C 303 -10.36 31.53 -21.34
CA ILE C 303 -11.48 30.79 -20.75
C ILE C 303 -10.98 29.83 -19.68
N ALA C 304 -9.93 29.07 -20.00
CA ALA C 304 -9.37 28.13 -19.04
C ALA C 304 -8.82 28.88 -17.83
N PHE C 305 -8.19 30.02 -18.09
CA PHE C 305 -7.61 30.80 -17.00
C PHE C 305 -8.67 31.31 -16.03
N ALA C 306 -9.86 31.61 -16.54
CA ALA C 306 -10.93 32.09 -15.68
C ALA C 306 -11.31 31.03 -14.65
N ALA C 307 -11.26 29.77 -15.06
CA ALA C 307 -11.61 28.66 -14.16
C ALA C 307 -10.55 28.54 -13.08
N ILE C 308 -9.28 28.64 -13.48
CA ILE C 308 -8.16 28.56 -12.56
C ILE C 308 -8.33 29.61 -11.46
N VAL C 309 -8.50 30.85 -11.90
CA VAL C 309 -8.65 31.98 -11.01
C VAL C 309 -9.81 31.87 -10.02
N HIS C 310 -11.00 31.51 -10.51
CA HIS C 310 -12.14 31.39 -9.63
C HIS C 310 -11.97 30.29 -8.59
N LEU C 311 -11.39 29.15 -8.97
CA LEU C 311 -11.19 28.08 -7.99
C LEU C 311 -10.13 28.51 -6.98
N ALA C 312 -9.01 29.01 -7.48
CA ALA C 312 -7.92 29.45 -6.61
C ALA C 312 -8.35 30.50 -5.60
N GLN C 313 -9.29 31.36 -5.98
CA GLN C 313 -9.75 32.41 -5.08
C GLN C 313 -10.53 31.88 -3.88
N THR C 314 -10.77 30.57 -3.84
CA THR C 314 -11.50 29.98 -2.71
C THR C 314 -10.59 29.12 -1.85
N ILE C 315 -9.29 29.16 -2.12
CA ILE C 315 -8.33 28.38 -1.35
C ILE C 315 -7.56 29.31 -0.41
N PRO C 316 -7.65 29.06 0.91
CA PRO C 316 -6.93 29.89 1.88
C PRO C 316 -5.46 30.03 1.50
N GLU C 317 -4.94 31.25 1.60
CA GLU C 317 -3.56 31.54 1.25
C GLU C 317 -2.53 30.54 1.76
N ARG C 318 -2.67 30.13 3.01
CA ARG C 318 -1.72 29.19 3.63
C ARG C 318 -1.64 27.84 2.92
N SER C 319 -2.71 27.49 2.19
CA SER C 319 -2.76 26.21 1.48
C SER C 319 -2.51 26.35 -0.02
N LEU C 320 -2.65 27.56 -0.54
CA LEU C 320 -2.43 27.80 -1.96
C LEU C 320 -0.94 27.83 -2.34
N ARG C 321 -0.62 27.22 -3.47
CA ARG C 321 0.75 27.21 -3.97
C ARG C 321 0.78 27.79 -5.38
N CYS C 322 0.34 29.05 -5.48
CA CYS C 322 0.31 29.78 -6.74
C CYS C 322 -0.65 29.22 -7.78
N ILE C 323 -0.83 30.00 -8.85
CA ILE C 323 -1.67 29.59 -9.97
C ILE C 323 -0.85 29.80 -11.23
N LEU C 324 -1.17 29.06 -12.28
CA LEU C 324 -0.46 29.17 -13.55
C LEU C 324 -1.24 30.05 -14.51
N GLU C 325 -0.62 31.08 -15.06
CA GLU C 325 -1.32 31.90 -16.03
C GLU C 325 -1.18 31.18 -17.36
N CYS C 326 -2.04 30.19 -17.59
CA CYS C 326 -1.98 29.39 -18.80
C CYS C 326 -2.05 30.19 -20.11
N ARG C 327 -2.86 31.25 -20.12
CA ARG C 327 -3.01 32.05 -21.33
C ARG C 327 -1.68 32.64 -21.82
N ASP C 328 -0.72 32.77 -20.90
CA ASP C 328 0.59 33.32 -21.23
C ASP C 328 1.35 32.35 -22.15
N MET C 329 0.83 31.13 -22.27
CA MET C 329 1.44 30.09 -23.10
C MET C 329 1.06 30.22 -24.57
N VAL C 330 0.08 31.07 -24.88
CA VAL C 330 -0.35 31.24 -26.26
C VAL C 330 -0.42 32.72 -26.67
N THR C 331 -0.54 32.96 -27.98
CA THR C 331 -0.58 34.31 -28.52
C THR C 331 -1.95 34.76 -29.02
N VAL C 332 -2.97 33.92 -28.84
CA VAL C 332 -4.32 34.26 -29.29
C VAL C 332 -5.27 34.43 -28.12
N LYS C 333 -5.92 35.59 -28.05
CA LYS C 333 -6.87 35.89 -26.99
C LYS C 333 -8.24 35.40 -27.45
N THR C 334 -8.87 34.54 -26.65
CA THR C 334 -10.16 33.97 -26.99
C THR C 334 -11.34 34.63 -26.28
N ALA C 335 -11.07 35.46 -25.28
CA ALA C 335 -12.15 36.10 -24.57
C ALA C 335 -11.70 37.31 -23.78
N ASP C 336 -12.66 38.17 -23.45
CA ASP C 336 -12.38 39.38 -22.67
C ASP C 336 -12.92 39.17 -21.26
N GLY C 337 -12.37 39.93 -20.31
CA GLY C 337 -12.78 39.82 -18.94
C GLY C 337 -11.76 40.50 -18.06
N ALA C 338 -12.14 40.82 -16.82
CA ALA C 338 -11.24 41.49 -15.90
C ALA C 338 -10.30 40.52 -15.19
N PHE C 339 -9.23 40.13 -15.87
CA PHE C 339 -8.25 39.20 -15.32
C PHE C 339 -6.83 39.75 -15.48
N ASP C 340 -6.68 41.06 -15.32
CA ASP C 340 -5.37 41.68 -15.46
C ASP C 340 -4.43 41.31 -14.32
N ILE C 341 -3.17 41.07 -14.67
CA ILE C 341 -2.16 40.73 -13.69
C ILE C 341 -1.50 42.01 -13.22
N GLN C 342 -1.24 42.10 -11.92
CA GLN C 342 -0.60 43.28 -11.36
C GLN C 342 0.51 42.85 -10.40
N ASP C 343 1.76 43.06 -10.83
CA ASP C 343 2.93 42.70 -10.02
C ASP C 343 3.00 41.22 -9.67
N GLY C 344 2.72 40.37 -10.66
CA GLY C 344 2.76 38.94 -10.46
C GLY C 344 1.59 38.36 -9.69
N PHE C 345 0.52 39.14 -9.55
CA PHE C 345 -0.67 38.68 -8.83
C PHE C 345 -1.97 38.86 -9.61
N ALA C 346 -2.93 37.98 -9.34
CA ALA C 346 -4.24 38.03 -9.98
C ALA C 346 -5.30 37.91 -8.90
N THR C 347 -6.55 38.20 -9.27
CA THR C 347 -7.69 38.10 -8.36
C THR C 347 -8.92 37.82 -9.19
N ALA C 348 -9.87 37.10 -8.63
CA ALA C 348 -11.10 36.79 -9.34
C ALA C 348 -11.95 38.06 -9.42
N PRO C 349 -12.47 38.38 -10.62
CA PRO C 349 -13.30 39.57 -10.81
C PRO C 349 -14.62 39.46 -10.06
N THR C 350 -15.37 40.55 -10.00
CA THR C 350 -16.64 40.58 -9.29
C THR C 350 -17.83 40.39 -10.23
N THR C 351 -17.53 40.14 -11.50
CA THR C 351 -18.56 39.92 -12.51
C THR C 351 -19.22 38.54 -12.29
N PRO C 352 -20.46 38.37 -12.78
CA PRO C 352 -21.17 37.10 -12.62
C PRO C 352 -20.59 35.97 -13.47
N GLY C 353 -20.79 34.73 -13.04
CA GLY C 353 -20.28 33.59 -13.78
C GLY C 353 -18.76 33.56 -13.80
N LEU C 354 -18.19 33.04 -14.88
CA LEU C 354 -16.74 32.96 -15.02
C LEU C 354 -16.12 34.32 -15.24
N GLY C 355 -16.94 35.28 -15.68
CA GLY C 355 -16.42 36.61 -15.92
C GLY C 355 -15.72 36.80 -17.25
N ILE C 356 -15.94 35.89 -18.19
CA ILE C 356 -15.31 36.04 -19.50
C ILE C 356 -16.35 36.15 -20.60
N MET C 357 -16.01 36.94 -21.62
CA MET C 357 -16.88 37.17 -22.77
C MET C 357 -16.08 36.78 -24.00
N PRO C 358 -16.34 35.57 -24.54
CA PRO C 358 -15.63 35.09 -25.72
C PRO C 358 -15.72 35.99 -26.95
N ARG C 359 -14.68 35.92 -27.78
CA ARG C 359 -14.63 36.68 -29.02
C ARG C 359 -15.06 35.69 -30.11
N LEU C 360 -16.33 35.75 -30.47
CA LEU C 360 -16.89 34.84 -31.46
C LEU C 360 -16.13 34.74 -32.77
N ASP C 361 -15.50 35.84 -33.19
CA ASP C 361 -14.75 35.84 -34.44
C ASP C 361 -13.55 34.89 -34.37
N VAL C 362 -13.00 34.74 -33.16
CA VAL C 362 -11.86 33.85 -32.96
C VAL C 362 -12.30 32.39 -32.95
N LEU C 363 -13.38 32.11 -32.24
CA LEU C 363 -13.90 30.75 -32.15
C LEU C 363 -14.35 30.16 -33.48
N GLY C 364 -14.92 30.99 -34.35
CA GLY C 364 -15.37 30.50 -35.64
C GLY C 364 -16.65 29.69 -35.51
N GLU C 365 -17.03 28.98 -36.58
CA GLU C 365 -18.25 28.19 -36.53
C GLU C 365 -18.02 26.92 -35.73
N ALA C 366 -19.07 26.46 -35.06
CA ALA C 366 -18.99 25.26 -34.25
C ALA C 366 -18.60 24.05 -35.09
N VAL C 367 -17.82 23.14 -34.50
CA VAL C 367 -17.39 21.94 -35.20
C VAL C 367 -18.35 20.79 -34.88
N ALA C 368 -19.15 20.99 -33.84
CA ALA C 368 -20.13 19.99 -33.41
C ALA C 368 -21.23 20.66 -32.59
N SER C 369 -22.45 20.16 -32.72
CA SER C 369 -23.59 20.69 -31.98
C SER C 369 -24.48 19.55 -31.51
N TYR C 370 -24.97 19.66 -30.28
CA TYR C 370 -25.83 18.64 -29.69
C TYR C 370 -27.10 19.28 -29.13
N ASP D 3 45.17 -36.21 16.80
CA ASP D 3 45.13 -35.59 15.44
C ASP D 3 44.44 -36.54 14.46
N LEU D 4 43.50 -36.00 13.67
CA LEU D 4 42.75 -36.81 12.72
C LEU D 4 42.57 -36.05 11.40
N LYS D 5 42.73 -36.76 10.28
CA LYS D 5 42.59 -36.12 8.97
C LYS D 5 41.88 -37.00 7.95
N ILE D 6 41.17 -36.36 7.01
CA ILE D 6 40.48 -37.08 5.95
C ILE D 6 41.53 -37.49 4.93
N ALA D 7 41.66 -38.78 4.67
CA ALA D 7 42.65 -39.26 3.72
C ALA D 7 42.01 -39.61 2.39
N ARG D 8 40.80 -40.16 2.43
CA ARG D 8 40.13 -40.58 1.21
C ARG D 8 38.62 -40.41 1.26
N ILE D 9 38.04 -40.06 0.11
CA ILE D 9 36.60 -39.91 -0.02
C ILE D 9 36.20 -40.73 -1.25
N ASP D 10 35.45 -41.80 -1.03
CA ASP D 10 35.01 -42.67 -2.10
C ASP D 10 33.49 -42.59 -2.29
N VAL D 11 33.07 -42.51 -3.55
CA VAL D 11 31.65 -42.42 -3.87
C VAL D 11 31.11 -43.70 -4.50
N PHE D 12 29.96 -44.14 -4.01
CA PHE D 12 29.31 -45.35 -4.51
C PHE D 12 27.93 -45.00 -5.05
N GLN D 13 27.46 -45.79 -6.02
CA GLN D 13 26.15 -45.57 -6.62
C GLN D 13 25.37 -46.87 -6.47
N VAL D 14 24.12 -46.75 -6.04
CA VAL D 14 23.28 -47.93 -5.85
C VAL D 14 21.85 -47.68 -6.31
N ASP D 15 21.33 -48.60 -7.12
CA ASP D 15 19.96 -48.48 -7.59
C ASP D 15 19.06 -49.07 -6.51
N LEU D 16 18.14 -48.27 -6.00
CA LEU D 16 17.22 -48.71 -4.96
C LEU D 16 15.82 -48.89 -5.55
N PRO D 17 15.45 -50.15 -5.83
CA PRO D 17 14.14 -50.50 -6.40
C PRO D 17 12.98 -50.03 -5.54
N TYR D 18 12.04 -49.32 -6.15
CA TYR D 18 10.87 -48.82 -5.45
C TYR D 18 10.03 -49.98 -4.92
N SER D 19 9.71 -49.93 -3.63
CA SER D 19 8.93 -50.99 -2.99
C SER D 19 7.53 -51.14 -3.56
N GLY D 20 7.06 -50.12 -4.26
CA GLY D 20 5.74 -50.18 -4.85
C GLY D 20 5.79 -50.60 -6.31
N GLY D 21 6.99 -50.92 -6.79
CA GLY D 21 7.16 -51.32 -8.17
C GLY D 21 7.58 -50.13 -9.02
N VAL D 22 6.60 -49.30 -9.36
CA VAL D 22 6.85 -48.11 -10.16
C VAL D 22 6.14 -46.92 -9.54
N TYR D 23 6.88 -45.83 -9.36
CA TYR D 23 6.31 -44.61 -8.79
C TYR D 23 5.95 -43.72 -9.97
N TYR D 24 4.68 -43.34 -10.05
CA TYR D 24 4.22 -42.49 -11.15
C TYR D 24 4.14 -41.01 -10.78
N LEU D 25 5.11 -40.25 -11.27
CA LEU D 25 5.19 -38.81 -11.02
C LEU D 25 5.24 -38.50 -9.53
N SER D 33 13.24 -47.20 -9.96
CA SER D 33 14.19 -47.25 -8.85
C SER D 33 14.73 -45.86 -8.55
N PHE D 34 15.39 -45.73 -7.41
CA PHE D 34 15.96 -44.45 -7.02
C PHE D 34 17.48 -44.54 -7.04
N ASP D 35 18.10 -43.53 -7.62
CA ASP D 35 19.55 -43.47 -7.75
C ASP D 35 20.18 -42.95 -6.46
N ALA D 36 20.74 -43.84 -5.66
CA ALA D 36 21.36 -43.42 -4.40
C ALA D 36 22.86 -43.20 -4.54
N THR D 37 23.35 -42.18 -3.84
CA THR D 37 24.77 -41.87 -3.83
C THR D 37 25.21 -42.09 -2.38
N ILE D 38 26.17 -42.99 -2.19
CA ILE D 38 26.66 -43.28 -0.86
C ILE D 38 28.15 -42.95 -0.80
N VAL D 39 28.55 -42.28 0.26
CA VAL D 39 29.93 -41.87 0.43
C VAL D 39 30.61 -42.49 1.64
N ARG D 40 31.87 -42.90 1.46
CA ARG D 40 32.64 -43.46 2.55
C ARG D 40 33.86 -42.57 2.69
N ILE D 41 34.10 -42.09 3.91
CA ILE D 41 35.24 -41.25 4.18
C ILE D 41 36.17 -42.06 5.06
N THR D 42 37.46 -42.08 4.73
CA THR D 42 38.44 -42.82 5.50
C THR D 42 39.50 -41.86 6.01
N THR D 43 39.77 -41.91 7.31
CA THR D 43 40.77 -41.02 7.90
C THR D 43 42.16 -41.59 7.68
N ASP D 44 43.17 -40.79 7.98
CA ASP D 44 44.57 -41.20 7.83
C ASP D 44 44.89 -42.31 8.81
N THR D 45 44.06 -42.43 9.86
CA THR D 45 44.26 -43.45 10.88
C THR D 45 43.42 -44.70 10.61
N GLY D 46 42.65 -44.67 9.52
CA GLY D 46 41.85 -45.83 9.16
C GLY D 46 40.38 -45.87 9.54
N ILE D 47 39.88 -44.84 10.21
CA ILE D 47 38.46 -44.84 10.57
C ILE D 47 37.62 -44.55 9.33
N GLU D 48 36.51 -45.28 9.19
CA GLU D 48 35.62 -45.10 8.04
C GLU D 48 34.25 -44.59 8.47
N GLY D 49 33.71 -43.65 7.70
CA GLY D 49 32.41 -43.10 8.00
C GLY D 49 31.54 -43.13 6.75
N TRP D 50 30.24 -43.30 6.92
CA TRP D 50 29.35 -43.37 5.75
C TRP D 50 28.22 -42.35 5.77
N GLY D 51 27.78 -41.96 4.58
CA GLY D 51 26.70 -41.01 4.42
C GLY D 51 25.97 -41.23 3.11
N GLU D 52 24.71 -40.78 3.03
CA GLU D 52 23.92 -40.97 1.82
C GLU D 52 23.13 -39.74 1.38
N SER D 53 22.89 -39.65 0.07
CA SER D 53 22.09 -38.57 -0.49
C SER D 53 21.38 -39.18 -1.69
N THR D 54 20.07 -39.35 -1.57
CA THR D 54 19.25 -39.95 -2.61
C THR D 54 18.05 -39.08 -2.96
N PRO D 55 18.17 -38.24 -4.01
CA PRO D 55 17.09 -37.37 -4.44
C PRO D 55 15.85 -38.14 -4.87
N PHE D 56 14.69 -37.56 -4.63
CA PHE D 56 13.44 -38.18 -5.04
C PHE D 56 13.24 -37.71 -6.47
N GLY D 57 14.09 -38.19 -7.36
CA GLY D 57 14.00 -37.77 -8.75
C GLY D 57 14.49 -36.34 -8.84
N SER D 58 13.96 -35.60 -9.81
CA SER D 58 14.35 -34.20 -9.98
C SER D 58 13.11 -33.34 -10.19
N ASN D 59 12.09 -33.58 -9.36
CA ASN D 59 10.83 -32.86 -9.48
C ASN D 59 10.53 -31.73 -8.46
N TYR D 60 10.17 -32.09 -7.23
CA TYR D 60 9.81 -31.08 -6.23
C TYR D 60 10.89 -30.10 -5.76
N ILE D 61 12.16 -30.47 -5.86
CA ILE D 61 13.23 -29.55 -5.47
C ILE D 61 14.38 -29.64 -6.49
N ALA D 62 15.14 -28.55 -6.60
CA ALA D 62 16.28 -28.49 -7.52
C ALA D 62 17.37 -29.44 -7.08
N SER D 63 17.19 -30.72 -7.37
CA SER D 63 18.14 -31.74 -6.98
C SER D 63 17.98 -32.98 -7.85
N HIS D 64 19.08 -33.62 -8.19
CA HIS D 64 19.05 -34.83 -8.99
C HIS D 64 20.33 -35.63 -8.78
N PRO D 65 20.24 -36.97 -8.84
CA PRO D 65 21.41 -37.85 -8.64
C PRO D 65 22.70 -37.42 -9.31
N ARG D 66 22.65 -37.12 -10.60
CA ARG D 66 23.86 -36.69 -11.29
C ARG D 66 24.43 -35.41 -10.67
N GLY D 67 23.54 -34.54 -10.20
CA GLY D 67 23.98 -33.30 -9.59
C GLY D 67 24.63 -33.53 -8.24
N VAL D 68 24.14 -34.52 -7.52
CA VAL D 68 24.72 -34.85 -6.22
C VAL D 68 26.16 -35.30 -6.42
N ARG D 69 26.39 -36.22 -7.35
CA ARG D 69 27.74 -36.70 -7.61
C ARG D 69 28.65 -35.62 -8.20
N ALA D 70 28.10 -34.75 -9.04
CA ALA D 70 28.88 -33.68 -9.64
C ALA D 70 29.33 -32.69 -8.55
N GLY D 71 28.43 -32.40 -7.61
CA GLY D 71 28.76 -31.50 -6.53
C GLY D 71 29.88 -32.07 -5.69
N ILE D 72 29.79 -33.36 -5.40
CA ILE D 72 30.81 -34.02 -4.61
C ILE D 72 32.17 -33.95 -5.32
N ALA D 73 32.17 -34.14 -6.63
CA ALA D 73 33.40 -34.10 -7.39
C ALA D 73 34.08 -32.73 -7.29
N THR D 74 33.28 -31.67 -7.26
CA THR D 74 33.81 -30.33 -7.18
C THR D 74 34.35 -29.96 -5.79
N MET D 75 33.71 -30.46 -4.74
CA MET D 75 34.13 -30.14 -3.37
C MET D 75 35.16 -31.07 -2.73
N ALA D 76 35.03 -32.36 -2.98
CA ALA D 76 35.90 -33.38 -2.38
C ALA D 76 37.40 -33.08 -2.27
N PRO D 77 38.05 -32.74 -3.39
CA PRO D 77 39.49 -32.44 -3.36
C PRO D 77 39.96 -31.48 -2.27
N SER D 78 39.14 -30.47 -1.99
CA SER D 78 39.50 -29.48 -0.99
C SER D 78 39.25 -29.94 0.45
N LEU D 79 38.66 -31.12 0.61
CA LEU D 79 38.37 -31.64 1.94
C LEU D 79 39.42 -32.61 2.44
N ILE D 80 40.28 -33.06 1.54
CA ILE D 80 41.34 -33.99 1.93
C ILE D 80 42.32 -33.29 2.87
N GLY D 81 42.60 -33.92 4.01
CA GLY D 81 43.53 -33.32 4.96
C GLY D 81 42.86 -32.61 6.13
N LEU D 82 41.56 -32.36 6.02
CA LEU D 82 40.84 -31.69 7.09
C LEU D 82 40.42 -32.67 8.18
N ASP D 83 40.24 -32.15 9.38
CA ASP D 83 39.81 -32.96 10.54
C ASP D 83 38.30 -33.14 10.44
N PRO D 84 37.82 -34.37 10.22
CA PRO D 84 36.39 -34.66 10.11
C PRO D 84 35.56 -34.41 11.36
N ARG D 85 36.23 -34.28 12.51
CA ARG D 85 35.52 -34.04 13.76
C ARG D 85 35.05 -32.58 13.88
N ARG D 86 35.69 -31.68 13.14
CA ARG D 86 35.31 -30.27 13.17
C ARG D 86 34.20 -30.09 12.15
N VAL D 87 33.07 -30.75 12.43
CA VAL D 87 31.93 -30.73 11.52
C VAL D 87 31.53 -29.36 10.99
N ASP D 88 31.47 -28.36 11.86
CA ASP D 88 31.09 -27.03 11.41
C ASP D 88 32.14 -26.41 10.50
N ARG D 89 33.41 -26.73 10.75
CA ARG D 89 34.49 -26.20 9.93
C ARG D 89 34.49 -26.93 8.58
N ILE D 90 34.10 -28.20 8.60
CA ILE D 90 34.02 -28.98 7.37
C ILE D 90 32.94 -28.36 6.48
N ASN D 91 31.83 -27.94 7.07
CA ASN D 91 30.76 -27.33 6.30
C ASN D 91 31.18 -25.97 5.75
N ASP D 92 31.96 -25.21 6.51
CA ASP D 92 32.44 -23.92 6.03
C ASP D 92 33.31 -24.20 4.81
N ALA D 93 34.13 -25.25 4.91
CA ALA D 93 35.02 -25.64 3.82
C ALA D 93 34.22 -26.04 2.58
N MET D 94 33.13 -26.78 2.78
CA MET D 94 32.30 -27.18 1.65
C MET D 94 31.67 -25.93 1.03
N ASP D 95 31.22 -25.01 1.88
CA ASP D 95 30.60 -23.78 1.40
C ASP D 95 31.58 -22.93 0.60
N ASP D 96 32.83 -22.91 1.03
CA ASP D 96 33.84 -22.12 0.32
C ASP D 96 34.13 -22.69 -1.06
N ALA D 97 33.90 -23.99 -1.21
CA ALA D 97 34.15 -24.66 -2.49
C ALA D 97 32.96 -24.62 -3.43
N LEU D 98 31.75 -24.59 -2.88
CA LEU D 98 30.54 -24.59 -3.71
C LEU D 98 29.33 -24.08 -2.95
N LEU D 99 28.70 -23.02 -3.46
CA LEU D 99 27.52 -22.44 -2.82
C LEU D 99 26.31 -23.35 -3.01
N GLY D 100 25.42 -23.37 -2.01
CA GLY D 100 24.22 -24.19 -2.08
C GLY D 100 24.53 -25.66 -2.16
N HIS D 101 23.84 -26.37 -3.04
CA HIS D 101 24.06 -27.81 -3.23
C HIS D 101 24.04 -28.61 -1.93
N GLU D 102 23.05 -28.36 -1.09
CA GLU D 102 22.94 -29.08 0.18
C GLU D 102 22.86 -30.58 -0.08
N ASP D 103 22.24 -30.96 -1.20
CA ASP D 103 22.10 -32.37 -1.52
C ASP D 103 23.46 -33.05 -1.74
N ALA D 104 24.43 -32.30 -2.26
CA ALA D 104 25.76 -32.84 -2.51
C ALA D 104 26.61 -32.87 -1.23
N LYS D 105 26.42 -31.87 -0.38
CA LYS D 105 27.19 -31.78 0.85
C LYS D 105 26.77 -32.78 1.91
N THR D 106 25.52 -33.23 1.85
CA THR D 106 24.96 -34.15 2.84
C THR D 106 25.70 -35.45 3.12
N ALA D 107 25.96 -36.25 2.08
CA ALA D 107 26.64 -37.52 2.28
C ALA D 107 28.00 -37.37 2.96
N ILE D 108 28.70 -36.30 2.60
CA ILE D 108 30.01 -36.02 3.19
C ILE D 108 29.88 -35.66 4.65
N ASP D 109 28.95 -34.76 4.97
CA ASP D 109 28.75 -34.35 6.35
C ASP D 109 28.38 -35.53 7.24
N VAL D 110 27.40 -36.31 6.80
CA VAL D 110 26.95 -37.45 7.60
C VAL D 110 28.08 -38.43 7.85
N ALA D 111 28.94 -38.62 6.85
CA ALA D 111 30.08 -39.52 6.98
C ALA D 111 31.04 -38.98 8.03
N CYS D 112 31.16 -37.66 8.08
CA CYS D 112 32.04 -37.05 9.07
C CYS D 112 31.50 -37.31 10.47
N TRP D 113 30.19 -37.23 10.63
CA TRP D 113 29.59 -37.47 11.94
C TRP D 113 29.81 -38.93 12.36
N ASP D 114 29.75 -39.83 11.39
CA ASP D 114 29.95 -41.24 11.67
C ASP D 114 31.37 -41.41 12.24
N ILE D 115 32.35 -40.87 11.52
CA ILE D 115 33.74 -40.93 11.97
C ILE D 115 33.88 -40.30 13.35
N PHE D 116 33.31 -39.11 13.51
CA PHE D 116 33.36 -38.38 14.77
C PHE D 116 32.86 -39.25 15.93
N GLY D 117 31.71 -39.88 15.75
CA GLY D 117 31.16 -40.72 16.80
C GLY D 117 32.06 -41.92 17.09
N LYS D 118 32.60 -42.52 16.04
CA LYS D 118 33.49 -43.67 16.20
C LYS D 118 34.77 -43.28 16.93
N SER D 119 35.32 -42.12 16.59
CA SER D 119 36.57 -41.65 17.19
C SER D 119 36.49 -41.46 18.71
N VAL D 120 35.33 -41.06 19.21
CA VAL D 120 35.17 -40.86 20.66
C VAL D 120 34.32 -41.96 21.29
N GLY D 121 33.89 -42.92 20.48
CA GLY D 121 33.08 -44.02 20.99
C GLY D 121 31.70 -43.67 21.50
N LEU D 122 31.02 -42.75 20.82
CA LEU D 122 29.67 -42.35 21.22
C LEU D 122 28.74 -42.34 20.02
N PRO D 123 27.46 -42.65 20.23
CA PRO D 123 26.48 -42.66 19.13
C PRO D 123 26.35 -41.21 18.65
N VAL D 124 25.95 -41.02 17.40
CA VAL D 124 25.82 -39.67 16.88
C VAL D 124 24.84 -38.79 17.68
N CYS D 125 23.71 -39.35 18.09
CA CYS D 125 22.73 -38.56 18.83
C CYS D 125 23.29 -37.99 20.14
N GLU D 126 24.25 -38.68 20.74
CA GLU D 126 24.82 -38.19 21.99
C GLU D 126 25.74 -37.00 21.72
N LEU D 127 26.36 -36.98 20.54
CA LEU D 127 27.24 -35.89 20.16
C LEU D 127 26.44 -34.71 19.61
N LEU D 128 25.17 -34.94 19.33
CA LEU D 128 24.27 -33.90 18.82
C LEU D 128 23.56 -33.20 19.96
N GLY D 129 24.02 -33.45 21.18
CA GLY D 129 23.41 -32.82 22.34
C GLY D 129 22.83 -33.75 23.37
N GLY D 130 22.65 -35.02 23.02
CA GLY D 130 22.11 -35.99 23.95
C GLY D 130 20.75 -36.55 23.54
N ARG D 131 20.58 -37.85 23.69
CA ARG D 131 19.32 -38.49 23.32
C ARG D 131 18.21 -38.19 24.32
N THR D 132 16.99 -38.11 23.80
CA THR D 132 15.81 -37.88 24.62
C THR D 132 15.42 -39.27 25.12
N ASN D 133 14.50 -39.34 26.07
CA ASN D 133 14.08 -40.64 26.60
C ASN D 133 12.76 -41.14 26.01
N THR D 134 12.40 -40.61 24.84
CA THR D 134 11.15 -40.99 24.19
C THR D 134 11.38 -41.61 22.82
N ARG D 135 10.42 -42.44 22.38
CA ARG D 135 10.53 -43.10 21.09
C ARG D 135 10.20 -42.15 19.95
N LEU D 136 10.52 -42.58 18.73
CA LEU D 136 10.28 -41.78 17.54
C LEU D 136 9.12 -42.37 16.71
N PRO D 137 7.97 -41.66 16.66
CA PRO D 137 6.84 -42.17 15.89
C PRO D 137 7.04 -42.01 14.38
N LEU D 138 6.60 -43.02 13.63
CA LEU D 138 6.75 -43.00 12.18
C LEU D 138 5.54 -42.32 11.55
N ILE D 139 5.73 -41.77 10.36
CA ILE D 139 4.63 -41.12 9.68
C ILE D 139 4.30 -41.90 8.40
N SER D 140 3.01 -42.06 8.13
CA SER D 140 2.57 -42.79 6.95
C SER D 140 2.57 -41.86 5.75
N SER D 141 2.42 -42.45 4.57
CA SER D 141 2.35 -41.70 3.33
C SER D 141 1.09 -42.17 2.63
N ILE D 142 0.06 -41.32 2.62
CA ILE D 142 -1.20 -41.68 1.99
C ILE D 142 -1.24 -40.98 0.63
N TYR D 143 -0.96 -41.75 -0.41
CA TYR D 143 -0.94 -41.19 -1.76
C TYR D 143 -2.29 -40.75 -2.29
N VAL D 144 -2.27 -39.80 -3.21
CA VAL D 144 -3.48 -39.27 -3.81
C VAL D 144 -4.31 -40.42 -4.37
N GLY D 145 -5.61 -40.41 -4.05
CA GLY D 145 -6.47 -41.47 -4.55
C GLY D 145 -7.93 -41.18 -4.24
N GLU D 146 -8.77 -42.18 -4.45
CA GLU D 146 -10.19 -42.04 -4.18
C GLU D 146 -10.33 -41.82 -2.68
N PRO D 147 -11.26 -40.95 -2.29
CA PRO D 147 -11.49 -40.65 -0.87
C PRO D 147 -11.64 -41.90 -0.02
N GLU D 148 -12.49 -42.84 -0.46
CA GLU D 148 -12.72 -44.06 0.28
C GLU D 148 -11.44 -44.88 0.49
N ASP D 149 -10.59 -44.90 -0.53
CA ASP D 149 -9.34 -45.65 -0.45
C ASP D 149 -8.35 -44.97 0.48
N MET D 150 -8.27 -43.65 0.42
CA MET D 150 -7.36 -42.93 1.30
C MET D 150 -7.79 -43.16 2.75
N ARG D 151 -9.09 -43.16 2.99
CA ARG D 151 -9.61 -43.40 4.34
C ARG D 151 -9.24 -44.80 4.83
N ALA D 152 -9.37 -45.79 3.93
CA ALA D 152 -9.04 -47.16 4.29
C ALA D 152 -7.55 -47.34 4.56
N ARG D 153 -6.72 -46.71 3.75
CA ARG D 153 -5.28 -46.83 3.92
C ARG D 153 -4.85 -46.15 5.22
N VAL D 154 -5.52 -45.05 5.56
CA VAL D 154 -5.21 -44.36 6.82
C VAL D 154 -5.52 -45.34 7.96
N ALA D 155 -6.67 -46.00 7.87
CA ALA D 155 -7.07 -46.96 8.90
C ALA D 155 -6.04 -48.09 9.00
N LYS D 156 -5.52 -48.52 7.86
CA LYS D 156 -4.54 -49.59 7.85
C LYS D 156 -3.32 -49.19 8.67
N TYR D 157 -2.83 -47.97 8.44
CA TYR D 157 -1.68 -47.47 9.16
C TYR D 157 -2.00 -47.27 10.65
N ARG D 158 -3.23 -46.88 10.94
CA ARG D 158 -3.65 -46.69 12.32
C ARG D 158 -3.59 -48.04 13.04
N ALA D 159 -4.00 -49.10 12.35
CA ALA D 159 -3.99 -50.43 12.94
C ALA D 159 -2.56 -50.90 13.18
N LYS D 160 -1.62 -50.32 12.45
CA LYS D 160 -0.21 -50.68 12.59
C LYS D 160 0.48 -49.88 13.69
N GLY D 161 -0.28 -49.01 14.34
CA GLY D 161 0.27 -48.23 15.43
C GLY D 161 0.82 -46.86 15.07
N TYR D 162 0.71 -46.46 13.80
CA TYR D 162 1.21 -45.16 13.37
C TYR D 162 0.43 -44.05 14.04
N LYS D 163 1.12 -43.02 14.50
CA LYS D 163 0.48 -41.88 15.14
C LYS D 163 0.63 -40.62 14.31
N GLY D 164 1.23 -40.76 13.13
CA GLY D 164 1.43 -39.63 12.23
C GLY D 164 1.02 -40.03 10.82
N GLN D 165 0.28 -39.18 10.13
CA GLN D 165 -0.17 -39.49 8.78
C GLN D 165 -0.02 -38.31 7.83
N SER D 166 0.60 -38.55 6.67
CA SER D 166 0.78 -37.49 5.68
C SER D 166 -0.14 -37.75 4.49
N VAL D 167 -1.21 -36.97 4.40
CA VAL D 167 -2.22 -37.06 3.35
C VAL D 167 -1.83 -36.20 2.15
N LYS D 168 -1.64 -36.84 0.99
CA LYS D 168 -1.26 -36.10 -0.21
C LYS D 168 -2.48 -35.63 -1.00
N ILE D 169 -2.35 -34.48 -1.65
CA ILE D 169 -3.43 -33.96 -2.48
C ILE D 169 -2.90 -33.64 -3.88
N SER D 170 -3.81 -33.49 -4.83
CA SER D 170 -3.43 -33.25 -6.22
C SER D 170 -3.39 -31.81 -6.72
N GLY D 171 -4.18 -30.93 -6.12
CA GLY D 171 -4.20 -29.55 -6.57
C GLY D 171 -5.56 -29.20 -7.13
N GLU D 172 -6.47 -30.17 -7.11
CA GLU D 172 -7.84 -29.98 -7.59
C GLU D 172 -8.67 -29.82 -6.32
N PRO D 173 -8.94 -28.57 -5.91
CA PRO D 173 -9.71 -28.23 -4.71
C PRO D 173 -10.99 -29.00 -4.37
N VAL D 174 -11.90 -29.14 -5.33
CA VAL D 174 -13.13 -29.84 -5.06
C VAL D 174 -12.90 -31.29 -4.63
N THR D 175 -12.12 -32.01 -5.42
CA THR D 175 -11.82 -33.40 -5.08
C THR D 175 -10.90 -33.52 -3.88
N ASP D 176 -9.92 -32.62 -3.78
CA ASP D 176 -9.00 -32.65 -2.65
C ASP D 176 -9.76 -32.46 -1.34
N ALA D 177 -10.81 -31.66 -1.37
CA ALA D 177 -11.60 -31.40 -0.17
C ALA D 177 -12.27 -32.70 0.27
N LYS D 178 -12.76 -33.49 -0.68
CA LYS D 178 -13.41 -34.76 -0.37
C LYS D 178 -12.38 -35.75 0.14
N ARG D 179 -11.19 -35.71 -0.45
CA ARG D 179 -10.11 -36.60 -0.02
C ARG D 179 -9.72 -36.34 1.43
N ILE D 180 -9.49 -35.08 1.76
CA ILE D 180 -9.10 -34.72 3.13
C ILE D 180 -10.19 -35.07 4.13
N THR D 181 -11.44 -34.79 3.77
CA THR D 181 -12.57 -35.09 4.65
C THR D 181 -12.62 -36.59 4.95
N ALA D 182 -12.42 -37.41 3.93
CA ALA D 182 -12.46 -38.86 4.11
C ALA D 182 -11.24 -39.40 4.86
N ALA D 183 -10.05 -38.95 4.49
CA ALA D 183 -8.84 -39.43 5.13
C ALA D 183 -8.81 -39.16 6.64
N LEU D 184 -9.42 -38.06 7.06
CA LEU D 184 -9.44 -37.69 8.48
C LEU D 184 -10.74 -38.11 9.18
N ALA D 185 -11.60 -38.83 8.48
CA ALA D 185 -12.88 -39.27 9.03
C ALA D 185 -12.86 -39.85 10.45
N ASN D 186 -11.89 -40.71 10.73
CA ASN D 186 -11.84 -41.31 12.06
C ASN D 186 -10.62 -40.89 12.87
N GLN D 187 -10.08 -39.71 12.59
CA GLN D 187 -8.88 -39.27 13.31
C GLN D 187 -9.05 -39.28 14.83
N GLN D 188 -8.04 -39.82 15.50
CA GLN D 188 -8.00 -39.95 16.95
C GLN D 188 -7.20 -38.85 17.64
N PRO D 189 -7.46 -38.61 18.93
CA PRO D 189 -6.77 -37.58 19.69
C PRO D 189 -5.25 -37.73 19.83
N ASP D 190 -4.74 -38.94 19.58
CA ASP D 190 -3.30 -39.17 19.71
C ASP D 190 -2.59 -39.23 18.36
N GLU D 191 -3.22 -38.71 17.31
CA GLU D 191 -2.64 -38.71 15.98
C GLU D 191 -2.40 -37.32 15.42
N PHE D 192 -1.36 -37.18 14.61
CA PHE D 192 -1.02 -35.91 13.99
C PHE D 192 -1.18 -36.04 12.48
N PHE D 193 -2.08 -35.25 11.90
CA PHE D 193 -2.32 -35.29 10.46
C PHE D 193 -1.73 -34.10 9.72
N ILE D 194 -1.10 -34.41 8.60
CA ILE D 194 -0.51 -33.40 7.73
C ILE D 194 -1.14 -33.59 6.35
N VAL D 195 -1.46 -32.48 5.69
CA VAL D 195 -2.00 -32.54 4.33
C VAL D 195 -0.86 -31.90 3.54
N ASP D 196 -0.19 -32.72 2.73
CA ASP D 196 0.96 -32.27 1.95
C ASP D 196 0.60 -32.00 0.50
N ALA D 197 0.69 -30.73 0.10
CA ALA D 197 0.36 -30.32 -1.27
C ALA D 197 1.58 -30.34 -2.18
N ASN D 198 2.76 -30.53 -1.60
CA ASN D 198 3.99 -30.54 -2.38
C ASN D 198 4.08 -29.37 -3.36
N GLY D 199 3.67 -28.19 -2.90
CA GLY D 199 3.71 -26.98 -3.71
C GLY D 199 2.84 -26.97 -4.95
N LYS D 200 1.83 -27.83 -4.99
CA LYS D 200 0.93 -27.94 -6.14
C LYS D 200 -0.22 -26.93 -6.18
N LEU D 201 -0.39 -26.17 -5.11
CA LEU D 201 -1.49 -25.21 -5.06
C LEU D 201 -1.05 -23.78 -5.37
N SER D 202 -1.87 -23.08 -6.14
CA SER D 202 -1.60 -21.67 -6.41
C SER D 202 -2.35 -21.06 -5.23
N VAL D 203 -2.19 -19.77 -4.98
CA VAL D 203 -2.91 -19.18 -3.86
C VAL D 203 -4.41 -19.33 -4.11
N GLU D 204 -4.82 -19.13 -5.35
CA GLU D 204 -6.22 -19.25 -5.72
C GLU D 204 -6.77 -20.63 -5.36
N THR D 205 -6.07 -21.67 -5.80
CA THR D 205 -6.49 -23.04 -5.54
C THR D 205 -6.46 -23.38 -4.05
N ALA D 206 -5.46 -22.86 -3.34
CA ALA D 206 -5.36 -23.12 -1.91
C ALA D 206 -6.53 -22.49 -1.18
N LEU D 207 -6.86 -21.25 -1.55
CA LEU D 207 -7.98 -20.57 -0.91
C LEU D 207 -9.29 -21.30 -1.22
N ARG D 208 -9.44 -21.76 -2.46
CA ARG D 208 -10.66 -22.49 -2.83
C ARG D 208 -10.81 -23.77 -2.02
N LEU D 209 -9.71 -24.49 -1.86
CA LEU D 209 -9.73 -25.74 -1.08
C LEU D 209 -10.09 -25.49 0.38
N LEU D 210 -9.41 -24.53 1.01
CA LEU D 210 -9.66 -24.23 2.42
C LEU D 210 -11.10 -23.82 2.68
N ARG D 211 -11.65 -23.01 1.79
CA ARG D 211 -13.03 -22.55 1.95
C ARG D 211 -14.04 -23.69 1.81
N LEU D 212 -13.69 -24.71 1.03
CA LEU D 212 -14.56 -25.86 0.82
C LEU D 212 -14.60 -26.88 1.95
N LEU D 213 -13.51 -26.97 2.71
CA LEU D 213 -13.43 -27.92 3.81
C LEU D 213 -14.47 -27.70 4.89
N PRO D 214 -15.09 -28.80 5.37
CA PRO D 214 -16.10 -28.70 6.43
C PRO D 214 -15.37 -28.46 7.75
N HIS D 215 -16.10 -28.02 8.77
CA HIS D 215 -15.50 -27.75 10.06
C HIS D 215 -15.13 -29.04 10.79
N GLY D 216 -14.14 -28.96 11.67
CA GLY D 216 -13.73 -30.12 12.44
C GLY D 216 -12.55 -30.94 11.97
N LEU D 217 -11.96 -30.56 10.84
CA LEU D 217 -10.81 -31.30 10.31
C LEU D 217 -9.53 -30.78 10.93
N ASP D 218 -8.87 -31.62 11.70
CA ASP D 218 -7.64 -31.24 12.40
C ASP D 218 -6.36 -31.68 11.69
N PHE D 219 -5.66 -30.73 11.08
CA PHE D 219 -4.41 -31.03 10.38
C PHE D 219 -3.58 -29.77 10.16
N ALA D 220 -2.36 -29.96 9.67
CA ALA D 220 -1.45 -28.88 9.35
C ALA D 220 -1.20 -28.99 7.85
N LEU D 221 -1.11 -27.85 7.18
CA LEU D 221 -0.89 -27.80 5.73
C LEU D 221 0.58 -27.65 5.40
N GLU D 222 1.13 -28.66 4.72
CA GLU D 222 2.53 -28.62 4.36
C GLU D 222 2.76 -28.27 2.90
N ALA D 223 3.72 -27.39 2.66
CA ALA D 223 4.09 -26.94 1.32
C ALA D 223 2.89 -26.63 0.42
N PRO D 224 2.06 -25.67 0.82
CA PRO D 224 0.89 -25.33 0.02
C PRO D 224 1.19 -24.83 -1.40
N CYS D 225 2.11 -23.87 -1.52
CA CYS D 225 2.44 -23.28 -2.81
C CYS D 225 3.92 -23.44 -3.16
N ALA D 226 4.21 -23.31 -4.46
CA ALA D 226 5.55 -23.49 -4.98
C ALA D 226 6.59 -22.43 -4.66
N THR D 227 6.15 -21.18 -4.45
CA THR D 227 7.12 -20.12 -4.17
C THR D 227 6.90 -19.45 -2.83
N TRP D 228 7.96 -18.77 -2.37
CA TRP D 228 7.91 -18.06 -1.09
C TRP D 228 6.83 -16.97 -1.11
N ARG D 229 6.77 -16.21 -2.20
CA ARG D 229 5.78 -15.13 -2.29
C ARG D 229 4.36 -15.67 -2.16
N GLU D 230 4.08 -16.77 -2.85
CA GLU D 230 2.76 -17.37 -2.80
C GLU D 230 2.42 -17.88 -1.39
N CYS D 231 3.37 -18.55 -0.75
CA CYS D 231 3.12 -19.06 0.59
C CYS D 231 2.84 -17.93 1.57
N ILE D 232 3.53 -16.81 1.42
CA ILE D 232 3.31 -15.65 2.29
C ILE D 232 1.93 -15.05 2.02
N SER D 233 1.59 -14.95 0.73
CA SER D 233 0.29 -14.41 0.33
C SER D 233 -0.82 -15.24 0.97
N LEU D 234 -0.68 -16.55 0.87
CA LEU D 234 -1.67 -17.47 1.44
C LEU D 234 -1.73 -17.32 2.96
N ARG D 235 -0.55 -17.29 3.58
CA ARG D 235 -0.43 -17.17 5.04
C ARG D 235 -1.29 -16.02 5.59
N ARG D 236 -1.29 -14.90 4.88
CA ARG D 236 -2.03 -13.72 5.29
C ARG D 236 -3.55 -13.91 5.21
N LYS D 237 -3.98 -14.95 4.51
CA LYS D 237 -5.41 -15.19 4.33
C LYS D 237 -5.99 -16.46 4.94
N THR D 238 -5.22 -17.15 5.78
CA THR D 238 -5.73 -18.35 6.43
C THR D 238 -5.14 -18.49 7.83
N ASP D 239 -5.82 -19.24 8.68
CA ASP D 239 -5.36 -19.46 10.05
C ASP D 239 -4.94 -20.91 10.24
N ILE D 240 -4.83 -21.64 9.14
CA ILE D 240 -4.43 -23.05 9.19
C ILE D 240 -2.94 -23.13 9.47
N PRO D 241 -2.50 -24.12 10.26
CA PRO D 241 -1.06 -24.21 10.53
C PRO D 241 -0.35 -24.54 9.21
N ILE D 242 0.78 -23.88 8.97
CA ILE D 242 1.54 -24.11 7.75
C ILE D 242 2.93 -24.64 8.06
N ILE D 243 3.33 -25.68 7.34
CA ILE D 243 4.62 -26.32 7.51
C ILE D 243 5.43 -26.19 6.21
N TYR D 244 6.65 -25.71 6.30
CA TYR D 244 7.49 -25.58 5.13
C TYR D 244 8.32 -26.85 4.92
N ASP D 245 8.33 -27.35 3.69
CA ASP D 245 9.13 -28.52 3.36
C ASP D 245 10.05 -28.11 2.22
N GLU D 246 9.55 -28.16 0.98
CA GLU D 246 10.36 -27.81 -0.18
C GLU D 246 11.08 -26.46 -0.04
N LEU D 247 10.42 -25.48 0.56
CA LEU D 247 11.03 -24.17 0.72
C LEU D 247 11.97 -24.07 1.92
N ALA D 248 11.93 -25.09 2.78
CA ALA D 248 12.83 -25.14 3.93
C ALA D 248 14.10 -25.84 3.42
N THR D 249 15.13 -25.07 3.14
CA THR D 249 16.37 -25.64 2.64
C THR D 249 17.47 -25.56 3.68
N ASN D 250 18.38 -24.60 3.57
CA ASN D 250 19.46 -24.47 4.54
C ASN D 250 19.00 -23.62 5.74
N GLU D 251 19.92 -23.37 6.68
CA GLU D 251 19.59 -22.61 7.88
C GLU D 251 19.22 -21.15 7.56
N MET D 252 19.77 -20.63 6.47
CA MET D 252 19.45 -19.25 6.10
C MET D 252 17.96 -19.15 5.76
N SER D 253 17.41 -20.20 5.15
CA SER D 253 15.99 -20.18 4.81
C SER D 253 15.13 -20.28 6.06
N ILE D 254 15.62 -21.00 7.07
CA ILE D 254 14.84 -21.13 8.30
C ILE D 254 14.74 -19.78 9.00
N VAL D 255 15.84 -19.03 9.02
CA VAL D 255 15.82 -17.72 9.65
C VAL D 255 14.86 -16.81 8.88
N LYS D 256 14.73 -17.04 7.57
CA LYS D 256 13.83 -16.24 6.75
C LYS D 256 12.37 -16.55 7.09
N ILE D 257 12.08 -17.80 7.42
CA ILE D 257 10.72 -18.18 7.80
C ILE D 257 10.35 -17.36 9.03
N LEU D 258 11.27 -17.30 9.99
CA LEU D 258 11.06 -16.54 11.22
C LEU D 258 10.93 -15.06 10.95
N ALA D 259 11.81 -14.52 10.12
CA ALA D 259 11.75 -13.10 9.80
C ALA D 259 10.40 -12.74 9.20
N ASP D 260 9.83 -13.66 8.42
CA ASP D 260 8.54 -13.40 7.78
C ASP D 260 7.32 -13.97 8.52
N ASP D 261 7.53 -14.60 9.69
CA ASP D 261 6.44 -15.21 10.46
C ASP D 261 5.64 -16.02 9.45
N ALA D 262 6.35 -16.79 8.65
CA ALA D 262 5.76 -17.56 7.57
C ALA D 262 5.12 -18.92 7.86
N ALA D 263 5.58 -19.59 8.92
CA ALA D 263 5.05 -20.93 9.21
C ALA D 263 5.07 -21.29 10.68
N GLU D 264 4.58 -22.49 10.98
CA GLU D 264 4.52 -23.01 12.35
C GLU D 264 5.53 -24.13 12.60
N GLY D 265 6.18 -24.59 11.55
CA GLY D 265 7.16 -25.65 11.70
C GLY D 265 7.72 -26.04 10.35
N ILE D 266 8.63 -27.02 10.35
CA ILE D 266 9.23 -27.45 9.11
C ILE D 266 9.36 -28.95 9.02
N ASP D 267 9.52 -29.43 7.80
CA ASP D 267 9.73 -30.84 7.52
C ASP D 267 11.22 -30.83 7.20
N LEU D 268 12.03 -31.22 8.17
CA LEU D 268 13.47 -31.21 7.98
C LEU D 268 13.94 -32.52 7.36
N LYS D 269 14.28 -32.45 6.08
CA LYS D 269 14.80 -33.61 5.35
C LYS D 269 16.31 -33.45 5.35
N ILE D 270 17.01 -34.44 5.88
CA ILE D 270 18.46 -34.39 5.99
C ILE D 270 19.22 -33.92 4.76
N SER D 271 18.93 -34.49 3.59
CA SER D 271 19.64 -34.12 2.37
C SER D 271 19.22 -32.77 1.78
N LYS D 272 18.08 -32.24 2.22
CA LYS D 272 17.63 -30.95 1.73
C LYS D 272 18.22 -29.90 2.67
N ALA D 273 18.43 -30.29 3.92
CA ALA D 273 19.01 -29.41 4.93
C ALA D 273 20.51 -29.25 4.68
N GLY D 274 21.16 -30.33 4.22
CA GLY D 274 22.58 -30.28 3.96
C GLY D 274 23.40 -31.20 4.85
N GLY D 275 22.73 -32.01 5.66
CA GLY D 275 23.43 -32.93 6.54
C GLY D 275 23.02 -32.82 7.99
N LEU D 276 23.73 -33.52 8.87
CA LEU D 276 23.43 -33.49 10.29
C LEU D 276 23.89 -32.18 10.95
N THR D 277 25.00 -31.61 10.47
CA THR D 277 25.49 -30.36 11.03
C THR D 277 24.45 -29.27 10.78
N ARG D 278 24.03 -29.11 9.53
CA ARG D 278 23.02 -28.10 9.23
C ARG D 278 21.71 -28.49 9.90
N GLY D 279 21.50 -29.79 10.06
CA GLY D 279 20.29 -30.27 10.71
C GLY D 279 20.24 -29.78 12.15
N ARG D 280 21.40 -29.81 12.81
CA ARG D 280 21.51 -29.36 14.19
C ARG D 280 21.28 -27.85 14.25
N ARG D 281 21.86 -27.12 13.30
CA ARG D 281 21.71 -25.66 13.26
C ARG D 281 20.23 -25.32 13.13
N GLN D 282 19.55 -26.01 12.23
CA GLN D 282 18.13 -25.78 11.99
C GLN D 282 17.27 -26.22 13.15
N ARG D 283 17.65 -27.33 13.77
CA ARG D 283 16.91 -27.83 14.92
C ARG D 283 16.92 -26.76 16.01
N ASP D 284 18.10 -26.21 16.29
CA ASP D 284 18.21 -25.18 17.32
C ASP D 284 17.45 -23.90 17.00
N ILE D 285 17.47 -23.48 15.74
CA ILE D 285 16.73 -22.29 15.33
C ILE D 285 15.24 -22.54 15.62
N CYS D 286 14.74 -23.70 15.20
CA CYS D 286 13.34 -24.04 15.41
C CYS D 286 12.94 -24.17 16.87
N LEU D 287 13.74 -24.90 17.65
CA LEU D 287 13.44 -25.08 19.06
C LEU D 287 13.44 -23.76 19.81
N ALA D 288 14.33 -22.86 19.39
CA ALA D 288 14.41 -21.55 20.03
C ALA D 288 13.16 -20.74 19.72
N ALA D 289 12.58 -20.96 18.55
CA ALA D 289 11.40 -20.21 18.13
C ALA D 289 10.06 -20.84 18.53
N GLY D 290 10.06 -22.14 18.77
CA GLY D 290 8.81 -22.81 19.11
C GLY D 290 8.19 -23.46 17.87
N TYR D 291 9.02 -23.70 16.86
CA TYR D 291 8.57 -24.34 15.63
C TYR D 291 8.61 -25.85 15.77
N SER D 292 7.62 -26.53 15.19
CA SER D 292 7.57 -27.99 15.25
C SER D 292 8.55 -28.51 14.20
N VAL D 293 9.06 -29.71 14.39
CA VAL D 293 10.02 -30.27 13.45
C VAL D 293 9.77 -31.75 13.16
N SER D 294 9.70 -32.10 11.88
CA SER D 294 9.54 -33.49 11.48
C SER D 294 10.87 -33.82 10.84
N VAL D 295 11.38 -35.04 11.06
CA VAL D 295 12.66 -35.38 10.46
C VAL D 295 12.45 -36.48 9.42
N GLN D 296 12.71 -36.15 8.18
CA GLN D 296 12.50 -37.08 7.10
C GLN D 296 13.65 -37.06 6.11
N GLU D 297 13.41 -37.60 4.92
CA GLU D 297 14.43 -37.62 3.89
C GLU D 297 13.72 -37.60 2.54
N THR D 298 14.36 -36.99 1.55
CA THR D 298 13.80 -36.95 0.21
C THR D 298 13.48 -38.38 -0.17
N CYS D 299 14.45 -39.27 0.08
CA CYS D 299 14.35 -40.70 -0.20
C CYS D 299 15.66 -41.29 0.33
N GLY D 300 15.72 -42.61 0.50
CA GLY D 300 16.97 -43.18 0.99
C GLY D 300 16.92 -44.56 1.61
N SER D 301 18.10 -45.18 1.70
CA SER D 301 18.20 -46.52 2.27
C SER D 301 18.49 -46.47 3.77
N ASP D 302 19.10 -47.54 4.28
CA ASP D 302 19.42 -47.68 5.68
C ASP D 302 20.40 -46.62 6.20
N ILE D 303 21.33 -46.19 5.35
CA ILE D 303 22.30 -45.18 5.76
C ILE D 303 21.64 -43.82 5.96
N ALA D 304 20.72 -43.47 5.07
CA ALA D 304 20.01 -42.21 5.18
C ALA D 304 19.06 -42.24 6.38
N PHE D 305 18.49 -43.42 6.65
CA PHE D 305 17.58 -43.56 7.78
C PHE D 305 18.34 -43.43 9.10
N ALA D 306 19.60 -43.85 9.11
CA ALA D 306 20.41 -43.75 10.31
C ALA D 306 20.54 -42.28 10.72
N ALA D 307 20.78 -41.41 9.75
CA ALA D 307 20.91 -39.98 10.01
C ALA D 307 19.61 -39.41 10.55
N ILE D 308 18.50 -39.82 9.96
CA ILE D 308 17.18 -39.37 10.39
C ILE D 308 16.94 -39.67 11.87
N VAL D 309 17.16 -40.92 12.25
CA VAL D 309 16.93 -41.36 13.63
C VAL D 309 17.83 -40.68 14.66
N HIS D 310 19.10 -40.51 14.35
CA HIS D 310 19.99 -39.87 15.30
C HIS D 310 19.60 -38.40 15.52
N LEU D 311 19.30 -37.68 14.45
CA LEU D 311 18.90 -36.28 14.62
C LEU D 311 17.58 -36.18 15.37
N ALA D 312 16.62 -37.02 14.99
CA ALA D 312 15.32 -37.00 15.64
C ALA D 312 15.36 -37.38 17.11
N GLN D 313 16.31 -38.22 17.49
CA GLN D 313 16.43 -38.64 18.88
C GLN D 313 16.92 -37.49 19.78
N THR D 314 17.19 -36.33 19.20
CA THR D 314 17.66 -35.18 19.99
C THR D 314 16.61 -34.07 20.04
N ILE D 315 15.42 -34.34 19.51
CA ILE D 315 14.35 -33.37 19.49
C ILE D 315 13.29 -33.72 20.53
N PRO D 316 13.13 -32.88 21.56
CA PRO D 316 12.11 -33.20 22.56
C PRO D 316 10.76 -33.52 21.94
N GLU D 317 10.14 -34.57 22.46
CA GLU D 317 8.85 -35.06 22.00
C GLU D 317 7.82 -33.99 21.66
N ARG D 318 7.71 -32.99 22.52
CA ARG D 318 6.74 -31.90 22.31
C ARG D 318 6.92 -31.16 20.98
N SER D 319 8.15 -31.12 20.47
CA SER D 319 8.43 -30.40 19.23
C SER D 319 8.57 -31.30 18.01
N LEU D 320 8.74 -32.61 18.24
CA LEU D 320 8.90 -33.55 17.15
C LEU D 320 7.56 -33.90 16.51
N ARG D 321 7.56 -34.02 15.19
CA ARG D 321 6.36 -34.37 14.45
C ARG D 321 6.66 -35.58 13.56
N CYS D 322 7.01 -36.68 14.22
CA CYS D 322 7.33 -37.95 13.56
C CYS D 322 8.58 -37.92 12.68
N ILE D 323 8.98 -39.10 12.24
CA ILE D 323 10.11 -39.26 11.34
C ILE D 323 9.62 -40.13 10.19
N LEU D 324 10.34 -40.10 9.08
CA LEU D 324 9.98 -40.89 7.91
C LEU D 324 10.91 -42.09 7.78
N GLU D 325 10.33 -43.28 7.72
CA GLU D 325 11.14 -44.48 7.56
C GLU D 325 11.37 -44.56 6.06
N CYS D 326 12.34 -43.80 5.57
CA CYS D 326 12.63 -43.76 4.14
C CYS D 326 13.01 -45.12 3.56
N ARG D 327 13.46 -46.04 4.41
CA ARG D 327 13.85 -47.38 3.96
C ARG D 327 12.68 -48.11 3.30
N ASP D 328 11.49 -47.93 3.88
CA ASP D 328 10.28 -48.59 3.38
C ASP D 328 9.97 -48.24 1.92
N MET D 329 10.64 -47.22 1.39
CA MET D 329 10.41 -46.81 0.02
C MET D 329 11.18 -47.68 -0.98
N VAL D 330 12.13 -48.46 -0.50
CA VAL D 330 12.95 -49.30 -1.37
C VAL D 330 13.01 -50.77 -0.97
N THR D 331 13.50 -51.61 -1.88
CA THR D 331 13.59 -53.05 -1.62
C THR D 331 15.00 -53.57 -1.36
N VAL D 332 16.01 -52.72 -1.54
CA VAL D 332 17.39 -53.14 -1.32
C VAL D 332 17.96 -52.56 -0.03
N LYS D 333 18.55 -53.44 0.78
CA LYS D 333 19.16 -53.02 2.04
C LYS D 333 20.62 -52.73 1.77
N THR D 334 21.08 -51.57 2.20
CA THR D 334 22.46 -51.16 1.97
C THR D 334 23.35 -51.30 3.19
N ALA D 335 22.75 -51.49 4.36
CA ALA D 335 23.53 -51.62 5.59
C ALA D 335 22.75 -52.26 6.72
N ASP D 336 23.49 -52.70 7.73
CA ASP D 336 22.91 -53.33 8.90
C ASP D 336 23.12 -52.48 10.13
N GLY D 337 22.17 -52.55 11.05
CA GLY D 337 22.23 -51.79 12.28
C GLY D 337 20.97 -52.02 13.07
N ALA D 338 20.98 -51.64 14.35
CA ALA D 338 19.82 -51.81 15.20
C ALA D 338 18.87 -50.64 14.99
N PHE D 339 18.04 -50.76 13.96
CA PHE D 339 17.08 -49.73 13.59
C PHE D 339 15.70 -50.35 13.35
N ASP D 340 15.43 -51.44 14.07
CA ASP D 340 14.16 -52.14 13.94
C ASP D 340 12.96 -51.33 14.43
N ILE D 341 11.85 -51.47 13.73
CA ILE D 341 10.63 -50.75 14.08
C ILE D 341 9.78 -51.60 15.03
N GLN D 342 9.14 -50.95 15.99
CA GLN D 342 8.28 -51.65 16.95
C GLN D 342 6.97 -50.90 17.13
N ASP D 343 5.91 -51.43 16.54
CA ASP D 343 4.59 -50.83 16.64
C ASP D 343 4.56 -49.37 16.18
N GLY D 344 5.20 -49.09 15.05
CA GLY D 344 5.21 -47.75 14.52
C GLY D 344 6.16 -46.77 15.20
N PHE D 345 7.15 -47.29 15.91
CA PHE D 345 8.12 -46.43 16.60
C PHE D 345 9.54 -46.95 16.43
N ALA D 346 10.50 -46.03 16.48
CA ALA D 346 11.91 -46.38 16.34
C ALA D 346 12.71 -45.63 17.41
N THR D 347 13.97 -46.00 17.57
CA THR D 347 14.85 -45.35 18.53
C THR D 347 16.27 -45.41 18.02
N ALA D 348 17.08 -44.42 18.36
CA ALA D 348 18.47 -44.38 17.91
C ALA D 348 19.25 -45.47 18.65
N PRO D 349 20.15 -46.16 17.93
CA PRO D 349 20.96 -47.22 18.53
C PRO D 349 21.95 -46.63 19.54
N THR D 350 22.62 -47.51 20.29
CA THR D 350 23.57 -47.06 21.30
C THR D 350 25.02 -47.33 20.93
N THR D 351 25.25 -47.78 19.69
CA THR D 351 26.61 -48.04 19.25
C THR D 351 27.27 -46.75 18.76
N PRO D 352 28.61 -46.73 18.69
CA PRO D 352 29.34 -45.54 18.24
C PRO D 352 28.99 -45.14 16.80
N GLY D 353 29.18 -43.87 16.49
CA GLY D 353 28.90 -43.37 15.15
C GLY D 353 27.43 -43.46 14.81
N LEU D 354 27.14 -43.65 13.53
CA LEU D 354 25.75 -43.75 13.06
C LEU D 354 25.12 -45.07 13.48
N GLY D 355 25.97 -46.05 13.78
CA GLY D 355 25.47 -47.35 14.20
C GLY D 355 25.11 -48.25 13.02
N ILE D 356 25.80 -48.07 11.91
CA ILE D 356 25.53 -48.88 10.73
C ILE D 356 26.79 -49.50 10.14
N MET D 357 26.63 -50.64 9.49
CA MET D 357 27.73 -51.33 8.84
C MET D 357 27.20 -51.66 7.44
N PRO D 358 27.71 -50.95 6.42
CA PRO D 358 27.29 -51.16 5.03
C PRO D 358 27.56 -52.54 4.46
N ARG D 359 26.74 -52.94 3.51
CA ARG D 359 26.88 -54.22 2.83
C ARG D 359 27.67 -53.92 1.57
N LEU D 360 28.99 -54.05 1.67
CA LEU D 360 29.89 -53.77 0.57
C LEU D 360 29.55 -54.41 -0.76
N ASP D 361 29.01 -55.62 -0.73
CA ASP D 361 28.64 -56.32 -1.96
C ASP D 361 27.56 -55.54 -2.71
N VAL D 362 26.65 -54.92 -1.95
CA VAL D 362 25.57 -54.14 -2.54
C VAL D 362 26.05 -52.84 -3.15
N LEU D 363 27.03 -52.22 -2.49
CA LEU D 363 27.60 -50.96 -2.95
C LEU D 363 28.42 -51.08 -4.23
N GLY D 364 29.05 -52.24 -4.42
CA GLY D 364 29.85 -52.43 -5.62
C GLY D 364 31.11 -51.59 -5.54
N GLU D 365 31.81 -51.43 -6.65
CA GLU D 365 33.02 -50.63 -6.62
C GLU D 365 32.70 -49.15 -6.69
N ALA D 366 33.57 -48.34 -6.09
CA ALA D 366 33.37 -46.89 -6.08
C ALA D 366 33.34 -46.35 -7.50
N VAL D 367 32.45 -45.40 -7.75
CA VAL D 367 32.35 -44.80 -9.08
C VAL D 367 33.30 -43.61 -9.14
N ALA D 368 33.78 -43.18 -7.98
CA ALA D 368 34.71 -42.06 -7.90
C ALA D 368 35.51 -42.11 -6.59
N SER D 369 36.74 -41.61 -6.63
CA SER D 369 37.60 -41.62 -5.45
C SER D 369 38.46 -40.36 -5.43
N TYR D 370 38.63 -39.79 -4.25
CA TYR D 370 39.41 -38.57 -4.09
C TYR D 370 40.42 -38.75 -2.95
MG MG E . 3.82 23.63 23.26
MG MG F . -15.11 -9.19 -15.69
MG MG G . 3.76 19.51 -13.14
MG MG H . 6.37 -32.82 2.57
#